data_7KVB
#
_entry.id   7KVB
#
_cell.length_a   1.00
_cell.length_b   1.00
_cell.length_c   1.00
_cell.angle_alpha   90.00
_cell.angle_beta   90.00
_cell.angle_gamma   90.00
#
_symmetry.space_group_name_H-M   'P 1'
#
loop_
_entity.id
_entity.type
_entity.pdbx_description
1 polymer 'Envelope protein E'
2 polymer 'Matrix protein M'
3 non-polymer 2-acetamido-2-deoxy-beta-D-glucopyranose
#
loop_
_entity_poly.entity_id
_entity_poly.type
_entity_poly.pdbx_seq_one_letter_code
_entity_poly.pdbx_strand_id
1 'polypeptide(L)'
;FNCLGMSSRDFIEGASGATWVDLVLEGDSCITIMAADKPTLDIRMMNIEATNLALVRNYCYAATVSDVSTVSNCPTTGES
HNTKRADHNYLCKRGVTDRGWGNGCGLFGKGSIDTCAKFTCSNSAAGRLILPEDIKYEVGVFVHGSTDSTSHGNYSTQIG
ANQAVRFTISPNAPAITAKMGDYGEVTVECEPRSGLNTEAYYVMTIGTKHFLVHREWFNDLLLPWTSPASTEWRNREILV
EFEEPHATKQSVVALGSQEGALHQALAGAIPVEFSSSTLKLTSGHLKCRVKMEKLKLKGTTYGMCTEKFTFSKNPADTGH
GTVVLELQYTGSDGPCKIPISSVASLNDMTPVGRMVTANPYVASSTANAKVLVEIEPPFGDSYIVVGRGDKQINHHWHKE
GSSIGKAFSTTLKGAQRLAALGDTAWDFGSVGGVFNSIGKAVHQVFGGAFRTLFGGMSWISQGLLGALLLWMGVNARDKS
IALAFLATGGVLLFLATNVHA
;
A,B,C
2 'polypeptide(L)' SITVQTHGESTLVNKKDAWLDSTKATRYLTKTENWIIRNPGYALVAVVLGWMLGSNTGQKVIFTVLLLLVAPAYS a,b,c
#
loop_
_chem_comp.id
_chem_comp.type
_chem_comp.name
_chem_comp.formula
NAG D-saccharide, beta linking 2-acetamido-2-deoxy-beta-D-glucopyranose 'C8 H15 N O6'
#
# COMPACT_ATOMS: atom_id res chain seq x y z
N PHE A 1 -45.53 -19.57 -28.82
CA PHE A 1 -45.73 -20.45 -29.97
C PHE A 1 -46.06 -21.87 -29.50
N ASN A 2 -45.76 -22.86 -30.33
CA ASN A 2 -46.06 -24.24 -29.98
C ASN A 2 -45.19 -24.69 -28.82
N CYS A 3 -45.78 -25.49 -27.93
CA CYS A 3 -45.09 -26.03 -26.77
C CYS A 3 -44.49 -27.40 -27.04
N LEU A 4 -44.58 -27.90 -28.27
CA LEU A 4 -44.07 -29.23 -28.57
C LEU A 4 -42.55 -29.24 -28.46
N GLY A 5 -42.03 -30.23 -27.74
CA GLY A 5 -40.59 -30.32 -27.53
C GLY A 5 -40.00 -29.21 -26.70
N MET A 6 -40.68 -28.84 -25.61
CA MET A 6 -40.18 -27.85 -24.67
C MET A 6 -39.95 -28.53 -23.32
N SER A 7 -38.77 -28.29 -22.74
CA SER A 7 -38.44 -28.96 -21.48
C SER A 7 -39.36 -28.51 -20.36
N SER A 8 -39.66 -27.22 -20.29
CA SER A 8 -40.52 -26.65 -19.26
C SER A 8 -41.90 -26.40 -19.85
N ARG A 9 -42.92 -26.99 -19.23
CA ARG A 9 -44.30 -26.86 -19.68
C ARG A 9 -45.21 -26.81 -18.47
N ASP A 10 -46.04 -25.77 -18.39
CA ASP A 10 -46.97 -25.62 -17.29
C ASP A 10 -48.36 -25.35 -17.85
N PHE A 11 -49.37 -25.87 -17.16
CA PHE A 11 -50.76 -25.76 -17.59
C PHE A 11 -51.53 -24.94 -16.57
N ILE A 12 -52.28 -23.95 -17.05
CA ILE A 12 -53.09 -23.07 -16.21
C ILE A 12 -54.55 -23.29 -16.57
N GLU A 13 -55.35 -23.66 -15.58
CA GLU A 13 -56.77 -23.85 -15.82
C GLU A 13 -57.48 -22.51 -15.96
N GLY A 14 -58.45 -22.46 -16.87
CA GLY A 14 -59.19 -21.25 -17.11
C GLY A 14 -60.58 -21.27 -16.51
N ALA A 15 -60.82 -20.41 -15.53
CA ALA A 15 -62.13 -20.34 -14.89
C ALA A 15 -63.14 -19.70 -15.83
N SER A 16 -64.38 -20.19 -15.79
CA SER A 16 -65.43 -19.65 -16.66
C SER A 16 -65.74 -18.21 -16.30
N GLY A 17 -65.81 -17.89 -15.00
CA GLY A 17 -66.09 -16.53 -14.60
C GLY A 17 -64.97 -15.57 -14.96
N ALA A 18 -63.72 -15.99 -14.77
CA ALA A 18 -62.59 -15.14 -15.06
C ALA A 18 -62.43 -14.94 -16.57
N THR A 19 -62.21 -13.68 -16.96
CA THR A 19 -62.03 -13.31 -18.36
C THR A 19 -60.59 -12.99 -18.70
N TRP A 20 -59.74 -12.74 -17.71
CA TRP A 20 -58.35 -12.42 -17.95
C TRP A 20 -57.49 -13.25 -17.00
N VAL A 21 -56.30 -13.61 -17.48
CA VAL A 21 -55.36 -14.41 -16.71
C VAL A 21 -54.00 -13.71 -16.74
N ASP A 22 -53.34 -13.69 -15.59
CA ASP A 22 -52.02 -13.08 -15.45
C ASP A 22 -50.97 -14.17 -15.37
N LEU A 23 -49.94 -14.08 -16.21
CA LEU A 23 -48.90 -15.09 -16.25
C LEU A 23 -47.56 -14.42 -16.49
N VAL A 24 -46.51 -15.02 -15.93
CA VAL A 24 -45.17 -14.44 -16.05
C VAL A 24 -44.65 -14.58 -17.46
N LEU A 25 -44.83 -15.76 -18.07
CA LEU A 25 -44.33 -16.03 -19.42
C LEU A 25 -42.80 -15.91 -19.45
N GLU A 26 -42.14 -16.67 -18.57
CA GLU A 26 -40.69 -16.62 -18.49
C GLU A 26 -40.06 -17.20 -19.74
N GLY A 27 -38.85 -16.74 -20.05
CA GLY A 27 -38.20 -17.15 -21.29
C GLY A 27 -37.83 -18.62 -21.26
N ASP A 28 -37.77 -19.21 -22.46
CA ASP A 28 -37.45 -20.62 -22.67
C ASP A 28 -38.40 -21.56 -21.95
N SER A 29 -39.61 -21.07 -21.65
CA SER A 29 -40.65 -21.87 -21.02
C SER A 29 -41.96 -21.62 -21.75
N CYS A 30 -42.80 -22.65 -21.82
CA CYS A 30 -44.05 -22.58 -22.56
C CYS A 30 -45.21 -22.70 -21.59
N ILE A 31 -46.14 -21.73 -21.66
CA ILE A 31 -47.29 -21.67 -20.77
C ILE A 31 -48.52 -22.00 -21.58
N THR A 32 -49.21 -23.07 -21.20
CA THR A 32 -50.43 -23.51 -21.88
C THR A 32 -51.63 -23.25 -20.99
N ILE A 33 -52.64 -22.59 -21.53
CA ILE A 33 -53.85 -22.24 -20.80
C ILE A 33 -54.96 -23.15 -21.28
N MET A 34 -55.58 -23.88 -20.35
CA MET A 34 -56.66 -24.81 -20.66
C MET A 34 -57.94 -24.25 -20.09
N ALA A 35 -58.68 -23.49 -20.89
CA ALA A 35 -59.94 -22.92 -20.47
C ALA A 35 -61.04 -23.99 -20.51
N ALA A 36 -62.15 -23.70 -19.82
CA ALA A 36 -63.27 -24.63 -19.78
C ALA A 36 -63.86 -24.82 -21.17
N ASP A 37 -64.41 -23.74 -21.74
CA ASP A 37 -65.05 -23.79 -23.06
C ASP A 37 -64.24 -23.14 -24.16
N LYS A 38 -63.43 -22.14 -23.82
CA LYS A 38 -62.61 -21.47 -24.83
C LYS A 38 -61.48 -22.39 -25.29
N PRO A 39 -61.03 -22.25 -26.53
CA PRO A 39 -59.94 -23.10 -27.02
C PRO A 39 -58.66 -22.87 -26.23
N THR A 40 -57.86 -23.91 -26.10
CA THR A 40 -56.64 -23.83 -25.31
C THR A 40 -55.62 -22.91 -25.96
N LEU A 41 -54.98 -22.09 -25.15
CA LEU A 41 -53.94 -21.17 -25.59
C LEU A 41 -52.60 -21.62 -25.03
N ASP A 42 -51.55 -21.47 -25.83
CA ASP A 42 -50.19 -21.72 -25.38
C ASP A 42 -49.29 -20.63 -25.95
N ILE A 43 -48.68 -19.84 -25.07
CA ILE A 43 -47.86 -18.69 -25.44
C ILE A 43 -46.44 -18.95 -24.98
N ARG A 44 -45.48 -18.73 -25.87
CA ARG A 44 -44.07 -18.90 -25.56
C ARG A 44 -43.31 -17.68 -26.04
N MET A 45 -42.50 -17.10 -25.17
CA MET A 45 -41.67 -15.96 -25.52
C MET A 45 -40.40 -16.46 -26.20
N MET A 46 -40.21 -16.09 -27.47
CA MET A 46 -39.07 -16.60 -28.22
C MET A 46 -37.76 -16.02 -27.71
N ASN A 47 -37.60 -14.70 -27.82
CA ASN A 47 -36.34 -14.07 -27.45
C ASN A 47 -36.57 -12.59 -27.18
N ILE A 48 -35.57 -11.96 -26.58
CA ILE A 48 -35.56 -10.52 -26.30
C ILE A 48 -34.52 -9.88 -27.20
N GLU A 49 -34.92 -8.87 -27.95
CA GLU A 49 -34.05 -8.18 -28.89
C GLU A 49 -33.87 -6.73 -28.48
N ALA A 50 -32.64 -6.24 -28.56
CA ALA A 50 -32.31 -4.86 -28.23
C ALA A 50 -31.42 -4.29 -29.32
N THR A 51 -31.43 -2.96 -29.43
CA THR A 51 -30.67 -2.26 -30.45
C THR A 51 -30.15 -0.95 -29.89
N ASN A 52 -29.12 -0.41 -30.55
CA ASN A 52 -28.53 0.88 -30.21
C ASN A 52 -28.00 0.88 -28.77
N LEU A 53 -26.96 0.06 -28.57
CA LEU A 53 -26.30 -0.05 -27.29
C LEU A 53 -25.13 0.93 -27.22
N ALA A 54 -24.97 1.57 -26.07
CA ALA A 54 -23.96 2.61 -25.88
C ALA A 54 -22.88 2.12 -24.91
N LEU A 55 -21.63 2.45 -25.20
CA LEU A 55 -20.51 2.01 -24.40
C LEU A 55 -20.52 2.70 -23.04
N VAL A 56 -19.87 2.07 -22.07
CA VAL A 56 -19.71 2.64 -20.73
C VAL A 56 -18.24 2.69 -20.36
N ARG A 57 -17.57 1.54 -20.40
CA ARG A 57 -16.16 1.44 -20.07
C ARG A 57 -15.51 0.41 -20.99
N ASN A 58 -14.20 0.56 -21.20
CA ASN A 58 -13.42 -0.32 -22.05
C ASN A 58 -12.25 -0.87 -21.24
N TYR A 59 -12.48 -2.00 -20.57
CA TYR A 59 -11.40 -2.65 -19.84
C TYR A 59 -10.40 -3.29 -20.80
N CYS A 60 -9.12 -3.20 -20.46
CA CYS A 60 -8.06 -3.80 -21.24
C CYS A 60 -7.58 -5.07 -20.55
N TYR A 61 -7.56 -6.18 -21.29
CA TYR A 61 -7.13 -7.46 -20.73
C TYR A 61 -5.86 -7.99 -21.40
N ALA A 62 -5.16 -7.17 -22.17
CA ALA A 62 -3.91 -7.60 -22.80
C ALA A 62 -3.10 -6.35 -23.11
N ALA A 63 -1.97 -6.19 -22.44
CA ALA A 63 -1.14 -5.00 -22.56
C ALA A 63 0.20 -5.33 -23.21
N THR A 64 0.78 -4.33 -23.86
CA THR A 64 2.08 -4.44 -24.50
C THR A 64 2.97 -3.33 -23.98
N VAL A 65 4.19 -3.69 -23.57
CA VAL A 65 5.13 -2.75 -22.97
C VAL A 65 6.42 -2.78 -23.77
N SER A 66 6.92 -1.60 -24.13
CA SER A 66 8.17 -1.48 -24.87
C SER A 66 8.75 -0.10 -24.62
N ASP A 67 9.96 0.11 -25.14
CA ASP A 67 10.66 1.40 -25.06
C ASP A 67 10.80 1.86 -23.61
N VAL A 68 11.56 1.10 -22.83
CA VAL A 68 11.76 1.38 -21.42
C VAL A 68 12.99 2.26 -21.25
N SER A 69 12.83 3.37 -20.53
CA SER A 69 13.93 4.26 -20.20
C SER A 69 13.95 4.49 -18.70
N THR A 70 15.14 4.74 -18.16
CA THR A 70 15.32 4.87 -16.72
C THR A 70 16.23 6.05 -16.41
N VAL A 71 15.83 6.85 -15.43
CA VAL A 71 16.62 7.98 -14.95
C VAL A 71 16.74 7.87 -13.45
N SER A 72 17.97 8.02 -12.94
CA SER A 72 18.23 7.92 -11.51
C SER A 72 19.03 9.13 -11.05
N ASN A 73 18.90 9.43 -9.75
CA ASN A 73 19.55 10.58 -9.14
C ASN A 73 20.33 10.14 -7.91
N CYS A 74 21.13 11.06 -7.38
CA CYS A 74 21.87 10.82 -6.16
C CYS A 74 20.93 10.76 -4.97
N PRO A 75 21.34 10.11 -3.87
CA PRO A 75 20.43 9.96 -2.73
C PRO A 75 19.94 11.28 -2.14
N THR A 76 20.79 12.31 -2.11
CA THR A 76 20.41 13.58 -1.49
C THR A 76 19.39 14.35 -2.30
N THR A 77 19.51 14.38 -3.63
CA THR A 77 18.57 15.12 -4.44
C THR A 77 17.21 14.42 -4.44
N GLY A 78 16.18 15.16 -4.84
CA GLY A 78 14.84 14.64 -4.85
C GLY A 78 14.64 13.54 -5.88
N GLU A 79 13.43 13.01 -5.90
CA GLU A 79 13.09 11.94 -6.83
C GLU A 79 13.30 12.37 -8.26
N SER A 80 13.89 11.49 -9.06
CA SER A 80 14.17 11.80 -10.46
C SER A 80 12.88 11.86 -11.27
N HIS A 81 12.89 12.69 -12.31
CA HIS A 81 11.74 12.86 -13.19
C HIS A 81 12.19 12.58 -14.62
N ASN A 82 11.67 11.49 -15.19
CA ASN A 82 12.01 11.13 -16.56
C ASN A 82 11.30 12.06 -17.55
N THR A 83 12.00 12.38 -18.64
CA THR A 83 11.44 13.29 -19.64
C THR A 83 10.24 12.69 -20.37
N LYS A 84 10.08 11.37 -20.34
CA LYS A 84 8.98 10.73 -21.03
C LYS A 84 7.68 10.79 -20.25
N ARG A 85 7.70 11.27 -19.00
CA ARG A 85 6.47 11.37 -18.22
C ARG A 85 5.53 12.42 -18.80
N ALA A 86 6.07 13.47 -19.41
CA ALA A 86 5.22 14.50 -20.01
C ALA A 86 4.35 13.91 -21.12
N ASP A 87 4.93 13.07 -21.96
CA ASP A 87 4.16 12.37 -22.98
C ASP A 87 3.24 11.34 -22.33
N HIS A 88 2.02 11.25 -22.83
CA HIS A 88 1.11 10.22 -22.37
C HIS A 88 1.45 8.89 -23.03
N ASN A 89 0.64 7.86 -22.73
CA ASN A 89 0.88 6.48 -23.15
C ASN A 89 2.15 5.89 -22.55
N TYR A 90 2.78 6.58 -21.60
CA TYR A 90 3.99 6.11 -20.94
C TYR A 90 3.68 5.92 -19.46
N LEU A 91 3.60 4.66 -19.02
CA LEU A 91 3.40 4.38 -17.62
C LEU A 91 4.70 4.60 -16.85
N CYS A 92 4.69 5.56 -15.94
CA CYS A 92 5.86 5.94 -15.17
C CYS A 92 5.61 5.66 -13.70
N LYS A 93 6.54 4.95 -13.06
CA LYS A 93 6.48 4.68 -11.64
C LYS A 93 7.85 4.98 -11.03
N ARG A 94 7.85 5.71 -9.93
CA ARG A 94 9.09 6.02 -9.23
C ARG A 94 9.56 4.80 -8.44
N GLY A 95 10.68 4.95 -7.76
CA GLY A 95 11.23 3.85 -7.00
C GLY A 95 12.46 4.30 -6.24
N VAL A 96 13.11 3.33 -5.61
CA VAL A 96 14.28 3.60 -4.79
C VAL A 96 15.32 2.51 -5.03
N THR A 97 16.57 2.92 -5.20
CA THR A 97 17.71 2.02 -5.33
C THR A 97 18.74 2.35 -4.25
N ASP A 98 19.88 1.68 -4.32
CA ASP A 98 21.01 1.94 -3.44
C ASP A 98 22.17 2.45 -4.27
N ARG A 99 22.74 3.59 -3.85
CA ARG A 99 23.77 4.27 -4.60
C ARG A 99 25.04 4.36 -3.77
N GLY A 100 26.18 4.28 -4.46
CA GLY A 100 27.47 4.37 -3.81
C GLY A 100 28.49 5.11 -4.66
N TRP A 101 29.75 5.12 -4.21
CA TRP A 101 30.80 5.77 -4.98
C TRP A 101 31.09 5.02 -6.28
N GLY A 102 30.96 3.70 -6.26
CA GLY A 102 31.13 2.93 -7.49
C GLY A 102 30.07 3.24 -8.52
N ASN A 103 28.84 3.50 -8.07
CA ASN A 103 27.76 3.86 -8.98
C ASN A 103 27.90 5.29 -9.50
N GLY A 104 28.70 6.12 -8.85
CA GLY A 104 28.91 7.49 -9.27
C GLY A 104 28.34 8.55 -8.35
N CYS A 105 27.64 8.16 -7.29
CA CYS A 105 27.09 9.13 -6.37
C CYS A 105 28.08 9.46 -5.27
N GLY A 106 27.94 10.65 -4.70
CA GLY A 106 28.86 11.13 -3.69
C GLY A 106 28.45 10.78 -2.27
N LEU A 107 27.26 10.23 -2.11
CA LEU A 107 26.76 9.83 -0.80
C LEU A 107 26.12 8.45 -0.89
N PHE A 108 26.11 7.76 0.24
CA PHE A 108 25.48 6.45 0.35
C PHE A 108 24.08 6.59 0.91
N GLY A 109 23.21 5.67 0.55
CA GLY A 109 21.87 5.65 1.06
C GLY A 109 20.90 5.15 0.00
N LYS A 110 19.64 5.51 0.17
CA LYS A 110 18.56 5.05 -0.69
C LYS A 110 18.37 6.05 -1.82
N GLY A 111 19.10 5.84 -2.92
CA GLY A 111 18.95 6.72 -4.07
C GLY A 111 17.64 6.46 -4.79
N SER A 112 17.12 7.52 -5.42
CA SER A 112 15.85 7.43 -6.11
C SER A 112 16.04 7.00 -7.56
N ILE A 113 14.94 6.54 -8.16
CA ILE A 113 14.96 6.04 -9.53
C ILE A 113 13.57 6.19 -10.14
N ASP A 114 13.51 6.52 -11.43
CA ASP A 114 12.25 6.65 -12.14
C ASP A 114 12.38 6.00 -13.51
N THR A 115 11.34 5.29 -13.90
CA THR A 115 11.35 4.52 -15.14
C THR A 115 10.07 4.75 -15.91
N CYS A 116 10.11 4.44 -17.21
CA CYS A 116 8.99 4.63 -18.11
C CYS A 116 8.78 3.38 -18.93
N ALA A 117 7.56 3.22 -19.44
CA ALA A 117 7.22 2.07 -20.26
C ALA A 117 6.07 2.44 -21.18
N LYS A 118 6.32 2.39 -22.49
CA LYS A 118 5.27 2.68 -23.47
C LYS A 118 4.15 1.65 -23.35
N PHE A 119 2.99 2.09 -22.86
CA PHE A 119 1.86 1.20 -22.60
C PHE A 119 0.90 1.26 -23.78
N THR A 120 0.69 0.12 -24.43
CA THR A 120 -0.24 0.00 -25.54
C THR A 120 -1.14 -1.20 -25.30
N CYS A 121 -2.45 -1.01 -25.45
CA CYS A 121 -3.42 -2.08 -25.27
C CYS A 121 -3.77 -2.66 -26.64
N SER A 122 -3.69 -3.99 -26.75
CA SER A 122 -3.99 -4.64 -28.02
C SER A 122 -5.50 -4.74 -28.24
N ASN A 123 -6.20 -5.42 -27.34
CA ASN A 123 -7.64 -5.60 -27.43
C ASN A 123 -8.27 -5.31 -26.07
N SER A 124 -9.51 -4.83 -26.12
CA SER A 124 -10.22 -4.41 -24.91
C SER A 124 -11.57 -5.11 -24.83
N ALA A 125 -12.03 -5.33 -23.60
CA ALA A 125 -13.33 -5.96 -23.35
C ALA A 125 -14.36 -4.86 -23.09
N ALA A 126 -14.86 -4.30 -24.18
CA ALA A 126 -15.79 -3.18 -24.09
C ALA A 126 -17.12 -3.61 -23.49
N GLY A 127 -17.67 -2.77 -22.64
CA GLY A 127 -18.99 -3.00 -22.04
C GLY A 127 -20.00 -2.02 -22.59
N ARG A 128 -21.24 -2.46 -22.71
CA ARG A 128 -22.31 -1.66 -23.29
C ARG A 128 -23.53 -1.70 -22.38
N LEU A 129 -24.32 -0.64 -22.45
CA LEU A 129 -25.52 -0.50 -21.63
C LEU A 129 -26.76 -0.58 -22.52
N ILE A 130 -27.74 -1.34 -22.06
CA ILE A 130 -28.99 -1.54 -22.80
C ILE A 130 -30.02 -0.53 -22.31
N LEU A 131 -30.53 0.28 -23.24
CA LEU A 131 -31.56 1.25 -22.87
C LEU A 131 -32.92 0.56 -22.80
N PRO A 132 -33.71 0.85 -21.76
CA PRO A 132 -35.02 0.20 -21.63
C PRO A 132 -35.99 0.54 -22.76
N GLU A 133 -35.75 1.62 -23.49
CA GLU A 133 -36.62 2.02 -24.58
C GLU A 133 -36.32 1.29 -25.88
N ASP A 134 -35.41 0.32 -25.86
CA ASP A 134 -35.03 -0.41 -27.07
C ASP A 134 -35.34 -1.89 -27.04
N ILE A 135 -35.55 -2.48 -25.86
CA ILE A 135 -35.84 -3.91 -25.77
C ILE A 135 -37.16 -4.22 -26.44
N LYS A 136 -37.20 -5.31 -27.20
CA LYS A 136 -38.38 -5.72 -27.96
C LYS A 136 -38.60 -7.21 -27.73
N TYR A 137 -39.40 -7.54 -26.73
CA TYR A 137 -39.76 -8.94 -26.50
C TYR A 137 -40.54 -9.48 -27.69
N GLU A 138 -40.25 -10.70 -28.09
CA GLU A 138 -40.97 -11.38 -29.15
C GLU A 138 -41.81 -12.49 -28.52
N VAL A 139 -43.13 -12.40 -28.68
CA VAL A 139 -44.07 -13.31 -28.04
C VAL A 139 -44.89 -14.00 -29.13
N GLY A 140 -45.05 -15.30 -29.00
CA GLY A 140 -45.85 -16.08 -29.93
C GLY A 140 -47.06 -16.67 -29.23
N VAL A 141 -48.19 -16.67 -29.91
CA VAL A 141 -49.44 -17.19 -29.37
C VAL A 141 -49.99 -18.23 -30.35
N PHE A 142 -50.45 -19.34 -29.82
CA PHE A 142 -50.91 -20.46 -30.64
C PHE A 142 -52.25 -20.98 -30.10
N VAL A 143 -53.09 -21.46 -31.01
CA VAL A 143 -54.35 -22.11 -30.66
C VAL A 143 -54.32 -23.51 -31.25
N HIS A 144 -54.60 -24.51 -30.42
CA HIS A 144 -54.54 -25.91 -30.84
C HIS A 144 -55.77 -26.22 -31.69
N GLY A 145 -55.55 -26.38 -32.99
CA GLY A 145 -56.62 -26.75 -33.90
C GLY A 145 -56.30 -28.00 -34.68
N SER A 146 -56.31 -27.90 -36.01
CA SER A 146 -55.94 -29.00 -36.89
C SER A 146 -54.53 -28.72 -37.41
N THR A 147 -53.54 -29.37 -36.82
CA THR A 147 -52.14 -29.14 -37.17
C THR A 147 -51.46 -30.46 -37.47
N ASP A 148 -50.75 -30.51 -38.59
CA ASP A 148 -49.92 -31.66 -38.92
C ASP A 148 -48.66 -31.64 -38.06
N SER A 149 -48.07 -32.83 -37.85
CA SER A 149 -46.89 -32.93 -37.01
C SER A 149 -45.72 -32.15 -37.60
N THR A 150 -45.51 -32.26 -38.91
CA THR A 150 -44.43 -31.50 -39.55
C THR A 150 -44.75 -30.01 -39.56
N SER A 151 -46.03 -29.65 -39.68
CA SER A 151 -46.44 -28.25 -39.69
C SER A 151 -46.59 -27.67 -38.29
N HIS A 152 -46.60 -28.50 -37.26
CA HIS A 152 -46.71 -28.03 -35.87
C HIS A 152 -45.36 -27.46 -35.47
N GLY A 153 -45.11 -26.21 -35.83
CA GLY A 153 -43.85 -25.58 -35.57
C GLY A 153 -43.40 -24.69 -36.71
N ASN A 154 -43.87 -24.99 -37.93
CA ASN A 154 -43.60 -24.16 -39.09
C ASN A 154 -44.51 -22.94 -39.02
N TYR A 155 -43.92 -21.76 -38.75
CA TYR A 155 -44.73 -20.57 -38.53
C TYR A 155 -45.48 -20.16 -39.79
N SER A 156 -44.88 -20.36 -40.97
CA SER A 156 -45.52 -19.94 -42.21
C SER A 156 -46.85 -20.66 -42.42
N THR A 157 -46.87 -21.97 -42.21
CA THR A 157 -48.11 -22.72 -42.37
C THR A 157 -49.13 -22.34 -41.30
N GLN A 158 -48.67 -22.12 -40.06
CA GLN A 158 -49.58 -21.77 -38.99
C GLN A 158 -50.18 -20.38 -39.21
N ILE A 159 -49.36 -19.40 -39.62
CA ILE A 159 -49.90 -18.08 -39.91
C ILE A 159 -50.79 -18.12 -41.15
N GLY A 160 -50.52 -19.04 -42.08
CA GLY A 160 -51.42 -19.23 -43.19
C GLY A 160 -52.79 -19.73 -42.76
N ALA A 161 -52.84 -20.54 -41.71
CA ALA A 161 -54.09 -21.04 -41.15
C ALA A 161 -54.68 -20.09 -40.11
N ASN A 162 -54.02 -18.96 -39.86
CA ASN A 162 -54.51 -17.95 -38.91
C ASN A 162 -54.68 -18.53 -37.52
N GLN A 163 -53.76 -19.40 -37.11
CA GLN A 163 -53.74 -19.97 -35.77
C GLN A 163 -52.65 -19.39 -34.89
N ALA A 164 -51.43 -19.29 -35.38
CA ALA A 164 -50.31 -18.79 -34.61
C ALA A 164 -49.80 -17.50 -35.24
N VAL A 165 -49.67 -16.46 -34.42
CA VAL A 165 -49.17 -15.16 -34.86
C VAL A 165 -48.11 -14.69 -33.88
N ARG A 166 -46.94 -14.32 -34.41
CA ARG A 166 -45.88 -13.76 -33.59
C ARG A 166 -45.98 -12.24 -33.60
N PHE A 167 -45.96 -11.65 -32.41
CA PHE A 167 -45.97 -10.20 -32.27
C PHE A 167 -44.87 -9.78 -31.32
N THR A 168 -44.30 -8.60 -31.59
CA THR A 168 -43.20 -8.06 -30.79
C THR A 168 -43.76 -7.07 -29.80
N ILE A 169 -43.50 -7.31 -28.51
CA ILE A 169 -44.00 -6.45 -27.44
C ILE A 169 -42.87 -5.50 -27.07
N SER A 170 -43.13 -4.21 -27.21
CA SER A 170 -42.20 -3.14 -26.93
C SER A 170 -42.86 -2.13 -25.99
N PRO A 171 -42.08 -1.32 -25.28
CA PRO A 171 -42.71 -0.26 -24.47
C PRO A 171 -43.59 0.68 -25.27
N ASN A 172 -43.30 0.88 -26.56
CA ASN A 172 -44.17 1.69 -27.40
C ASN A 172 -45.43 0.94 -27.85
N ALA A 173 -45.44 -0.39 -27.77
CA ALA A 173 -46.61 -1.19 -28.11
C ALA A 173 -46.80 -2.28 -27.07
N PRO A 174 -47.15 -1.92 -25.83
CA PRO A 174 -47.28 -2.94 -24.78
C PRO A 174 -48.46 -3.87 -24.98
N ALA A 175 -49.44 -3.49 -25.79
CA ALA A 175 -50.64 -4.29 -25.99
C ALA A 175 -50.81 -4.61 -27.47
N ILE A 176 -51.00 -5.89 -27.78
CA ILE A 176 -51.23 -6.34 -29.15
C ILE A 176 -52.45 -7.25 -29.13
N THR A 177 -53.37 -7.03 -30.06
CA THR A 177 -54.55 -7.87 -30.22
C THR A 177 -54.28 -8.87 -31.34
N ALA A 178 -54.14 -10.14 -30.97
CA ALA A 178 -53.86 -11.19 -31.93
C ALA A 178 -55.16 -11.62 -32.59
N LYS A 179 -55.21 -11.53 -33.92
CA LYS A 179 -56.42 -11.85 -34.68
C LYS A 179 -56.33 -13.27 -35.21
N MET A 180 -57.43 -14.02 -35.05
CA MET A 180 -57.52 -15.40 -35.53
C MET A 180 -58.78 -15.54 -36.36
N GLY A 181 -58.73 -16.47 -37.31
CA GLY A 181 -59.80 -16.55 -38.31
C GLY A 181 -61.14 -16.90 -37.72
N ASP A 182 -61.19 -17.91 -36.86
CA ASP A 182 -62.45 -18.40 -36.31
C ASP A 182 -62.49 -18.44 -34.80
N TYR A 183 -61.34 -18.61 -34.13
CA TYR A 183 -61.32 -18.67 -32.68
C TYR A 183 -61.54 -17.31 -32.02
N GLY A 184 -61.59 -16.24 -32.81
CA GLY A 184 -61.77 -14.92 -32.26
C GLY A 184 -60.47 -14.14 -32.19
N GLU A 185 -60.36 -13.21 -31.24
CA GLU A 185 -59.16 -12.43 -31.06
C GLU A 185 -58.78 -12.43 -29.60
N VAL A 186 -57.50 -12.67 -29.31
CA VAL A 186 -56.97 -12.69 -27.95
C VAL A 186 -56.07 -11.48 -27.78
N THR A 187 -56.31 -10.71 -26.73
CA THR A 187 -55.59 -9.48 -26.46
C THR A 187 -54.70 -9.67 -25.24
N VAL A 188 -53.47 -9.18 -25.34
CA VAL A 188 -52.49 -9.26 -24.26
C VAL A 188 -52.11 -7.84 -23.87
N GLU A 189 -52.05 -7.59 -22.55
CA GLU A 189 -51.75 -6.26 -22.03
C GLU A 189 -50.45 -6.31 -21.24
N CYS A 190 -49.44 -6.95 -21.84
CA CYS A 190 -48.19 -7.19 -21.14
C CYS A 190 -47.44 -5.89 -20.86
N GLU A 191 -46.62 -5.92 -19.80
CA GLU A 191 -45.79 -4.78 -19.43
C GLU A 191 -44.33 -5.10 -19.71
N PRO A 192 -43.75 -4.56 -20.78
CA PRO A 192 -42.38 -4.93 -21.14
C PRO A 192 -41.30 -4.24 -20.31
N ARG A 193 -41.57 -3.01 -19.87
CA ARG A 193 -40.54 -2.24 -19.19
C ARG A 193 -40.14 -2.89 -17.86
N SER A 194 -41.11 -3.40 -17.12
CA SER A 194 -40.83 -4.02 -15.84
C SER A 194 -40.34 -5.46 -15.97
N GLY A 195 -40.34 -6.03 -17.16
CA GLY A 195 -39.92 -7.40 -17.35
C GLY A 195 -38.44 -7.60 -17.13
N LEU A 196 -37.62 -7.08 -18.03
CA LEU A 196 -36.16 -7.18 -17.91
C LEU A 196 -35.63 -5.90 -17.29
N ASN A 197 -34.87 -6.04 -16.20
CA ASN A 197 -34.32 -4.91 -15.47
C ASN A 197 -33.04 -4.45 -16.15
N THR A 198 -33.20 -3.66 -17.21
CA THR A 198 -32.06 -3.18 -17.98
C THR A 198 -31.17 -2.22 -17.20
N GLU A 199 -31.63 -1.73 -16.05
CA GLU A 199 -30.84 -0.84 -15.23
C GLU A 199 -29.85 -1.58 -14.34
N ALA A 200 -29.80 -2.90 -14.41
CA ALA A 200 -28.90 -3.69 -13.57
C ALA A 200 -28.15 -4.73 -14.39
N TYR A 201 -27.94 -4.49 -15.68
CA TYR A 201 -27.24 -5.43 -16.54
C TYR A 201 -26.50 -4.69 -17.64
N TYR A 202 -25.28 -5.11 -17.90
CA TYR A 202 -24.49 -4.64 -19.03
C TYR A 202 -24.38 -5.74 -20.08
N VAL A 203 -23.69 -5.43 -21.17
CA VAL A 203 -23.39 -6.39 -22.22
C VAL A 203 -21.89 -6.33 -22.45
N MET A 204 -21.14 -7.17 -21.75
CA MET A 204 -19.69 -7.19 -21.83
C MET A 204 -19.26 -8.08 -22.99
N THR A 205 -18.46 -7.52 -23.89
CA THR A 205 -17.96 -8.24 -25.06
C THR A 205 -16.48 -8.50 -24.88
N ILE A 206 -16.09 -9.77 -24.94
CA ILE A 206 -14.69 -10.17 -24.82
C ILE A 206 -14.31 -10.83 -26.14
N GLY A 207 -13.78 -10.05 -27.06
CA GLY A 207 -13.47 -10.55 -28.38
C GLY A 207 -14.73 -10.86 -29.18
N THR A 208 -15.01 -12.14 -29.37
CA THR A 208 -16.23 -12.56 -30.06
C THR A 208 -17.34 -12.96 -29.10
N LYS A 209 -17.01 -13.36 -27.88
CA LYS A 209 -18.00 -13.81 -26.92
C LYS A 209 -18.63 -12.61 -26.22
N HIS A 210 -19.95 -12.62 -26.10
CA HIS A 210 -20.69 -11.56 -25.43
C HIS A 210 -21.42 -12.14 -24.23
N PHE A 211 -21.59 -11.31 -23.20
CA PHE A 211 -22.14 -11.77 -21.94
C PHE A 211 -23.18 -10.75 -21.47
N LEU A 212 -23.71 -10.97 -20.26
CA LEU A 212 -24.69 -10.09 -19.64
C LEU A 212 -24.34 -10.01 -18.16
N VAL A 213 -23.53 -9.01 -17.81
CA VAL A 213 -22.99 -8.90 -16.47
C VAL A 213 -23.78 -7.87 -15.68
N HIS A 214 -23.60 -7.88 -14.36
CA HIS A 214 -24.30 -6.96 -13.48
C HIS A 214 -23.70 -5.56 -13.54
N ARG A 215 -24.40 -4.61 -12.94
CA ARG A 215 -23.88 -3.25 -12.85
C ARG A 215 -22.67 -3.19 -11.93
N GLU A 216 -22.77 -3.75 -10.73
CA GLU A 216 -21.72 -3.59 -9.74
C GLU A 216 -20.48 -4.39 -10.12
N TRP A 217 -20.66 -5.60 -10.67
CA TRP A 217 -19.51 -6.43 -11.00
C TRP A 217 -18.66 -5.81 -12.09
N PHE A 218 -19.29 -5.25 -13.13
CA PHE A 218 -18.54 -4.69 -14.23
C PHE A 218 -17.84 -3.40 -13.84
N ASN A 219 -18.29 -2.72 -12.79
CA ASN A 219 -17.66 -1.49 -12.34
C ASN A 219 -16.57 -1.73 -11.30
N ASP A 220 -16.40 -2.96 -10.84
CA ASP A 220 -15.41 -3.28 -9.81
C ASP A 220 -14.25 -4.11 -10.35
N LEU A 221 -14.15 -4.26 -11.66
CA LEU A 221 -13.04 -5.02 -12.24
C LEU A 221 -11.72 -4.27 -12.02
N LEU A 222 -10.68 -5.04 -11.71
CA LEU A 222 -9.34 -4.48 -11.51
C LEU A 222 -8.54 -4.60 -12.79
N LEU A 223 -8.92 -3.78 -13.77
CA LEU A 223 -8.27 -3.74 -15.07
C LEU A 223 -8.14 -2.30 -15.52
N PRO A 224 -7.15 -2.00 -16.36
CA PRO A 224 -7.04 -0.63 -16.90
C PRO A 224 -8.20 -0.29 -17.83
N TRP A 225 -9.06 0.63 -17.40
CA TRP A 225 -10.28 0.96 -18.11
C TRP A 225 -10.24 2.39 -18.59
N THR A 226 -10.94 2.65 -19.69
CA THR A 226 -11.01 3.98 -20.27
C THR A 226 -12.46 4.32 -20.60
N SER A 227 -12.76 5.61 -20.60
CA SER A 227 -14.08 6.08 -21.01
C SER A 227 -14.26 5.86 -22.51
N PRO A 228 -15.50 5.81 -22.98
CA PRO A 228 -15.72 5.63 -24.43
C PRO A 228 -15.11 6.77 -25.23
N ALA A 229 -14.54 6.42 -26.37
CA ALA A 229 -13.89 7.37 -27.28
C ALA A 229 -12.82 8.19 -26.56
N SER A 230 -12.05 7.52 -25.70
CA SER A 230 -10.98 8.15 -24.95
C SER A 230 -9.70 7.38 -25.16
N THR A 231 -8.64 8.08 -25.57
CA THR A 231 -7.35 7.43 -25.79
C THR A 231 -6.64 7.15 -24.47
N GLU A 232 -6.77 8.05 -23.50
CA GLU A 232 -6.01 7.93 -22.26
C GLU A 232 -6.62 6.84 -21.37
N TRP A 233 -5.78 5.90 -20.94
CA TRP A 233 -6.21 4.82 -20.06
C TRP A 233 -6.02 5.23 -18.61
N ARG A 234 -6.80 4.61 -17.74
CA ARG A 234 -6.71 4.85 -16.31
C ARG A 234 -6.41 3.56 -15.58
N ASN A 235 -5.62 3.67 -14.51
CA ASN A 235 -5.20 2.52 -13.70
C ASN A 235 -4.43 1.51 -14.55
N ARG A 236 -3.36 1.98 -15.19
CA ARG A 236 -2.52 1.15 -16.05
C ARG A 236 -1.49 0.34 -15.28
N GLU A 237 -1.32 0.58 -13.99
CA GLU A 237 -0.31 -0.11 -13.21
C GLU A 237 -0.74 -1.49 -12.74
N ILE A 238 -1.75 -2.08 -13.38
CA ILE A 238 -2.19 -3.42 -12.99
C ILE A 238 -1.60 -4.47 -13.91
N LEU A 239 -1.70 -4.27 -15.22
CA LEU A 239 -1.16 -5.23 -16.18
C LEU A 239 0.35 -5.11 -16.36
N VAL A 240 0.96 -4.07 -15.81
CA VAL A 240 2.38 -3.80 -15.99
C VAL A 240 3.04 -3.82 -14.62
N GLU A 241 4.14 -4.57 -14.51
CA GLU A 241 4.89 -4.64 -13.27
C GLU A 241 6.36 -4.36 -13.55
N PHE A 242 7.07 -3.94 -12.51
CA PHE A 242 8.49 -3.63 -12.58
C PHE A 242 9.23 -4.66 -11.74
N GLU A 243 10.20 -5.34 -12.37
CA GLU A 243 10.76 -6.55 -11.75
C GLU A 243 11.58 -6.21 -10.52
N GLU A 244 12.68 -5.46 -10.69
CA GLU A 244 13.56 -5.14 -9.58
C GLU A 244 14.21 -3.78 -9.83
N PRO A 245 14.28 -2.92 -8.82
CA PRO A 245 14.97 -1.64 -9.00
C PRO A 245 16.44 -1.82 -9.29
N HIS A 246 16.85 -1.48 -10.51
CA HIS A 246 18.24 -1.60 -10.93
C HIS A 246 18.72 -0.23 -11.37
N ALA A 247 19.84 0.22 -10.79
CA ALA A 247 20.31 1.58 -11.04
C ALA A 247 20.65 1.79 -12.51
N THR A 248 21.32 0.83 -13.13
CA THR A 248 21.71 0.97 -14.53
C THR A 248 20.50 0.95 -15.45
N LYS A 249 19.63 -0.05 -15.30
CA LYS A 249 18.46 -0.19 -16.15
C LYS A 249 17.47 -1.13 -15.47
N GLN A 250 16.28 -0.62 -15.19
CA GLN A 250 15.24 -1.42 -14.55
C GLN A 250 14.41 -2.12 -15.62
N SER A 251 14.18 -3.42 -15.42
CA SER A 251 13.44 -4.22 -16.39
C SER A 251 11.95 -4.13 -16.10
N VAL A 252 11.17 -3.79 -17.12
CA VAL A 252 9.73 -3.68 -17.02
C VAL A 252 9.11 -4.79 -17.86
N VAL A 253 8.29 -5.62 -17.23
CA VAL A 253 7.64 -6.74 -17.90
C VAL A 253 6.14 -6.64 -17.67
N ALA A 254 5.37 -6.83 -18.73
CA ALA A 254 3.92 -6.79 -18.65
C ALA A 254 3.37 -8.18 -18.42
N LEU A 255 2.34 -8.27 -17.59
CA LEU A 255 1.69 -9.55 -17.35
C LEU A 255 1.00 -10.04 -18.62
N GLY A 256 0.76 -11.34 -18.67
CA GLY A 256 0.11 -11.92 -19.83
C GLY A 256 -1.33 -11.47 -19.98
N SER A 257 -1.93 -11.87 -21.08
CA SER A 257 -3.31 -11.48 -21.37
C SER A 257 -4.25 -12.03 -20.30
N GLN A 258 -5.10 -11.15 -19.76
CA GLN A 258 -6.05 -11.51 -18.73
C GLN A 258 -7.36 -12.03 -19.30
N GLU A 259 -7.36 -12.47 -20.55
CA GLU A 259 -8.61 -12.94 -21.16
C GLU A 259 -9.15 -14.16 -20.43
N GLY A 260 -8.26 -15.11 -20.08
CA GLY A 260 -8.70 -16.27 -19.33
C GLY A 260 -9.18 -15.94 -17.94
N ALA A 261 -8.55 -14.96 -17.29
CA ALA A 261 -9.01 -14.53 -15.97
C ALA A 261 -10.42 -13.97 -16.03
N LEU A 262 -10.73 -13.21 -17.09
CA LEU A 262 -12.09 -12.71 -17.25
C LEU A 262 -13.08 -13.84 -17.45
N HIS A 263 -12.73 -14.82 -18.29
CA HIS A 263 -13.64 -15.94 -18.53
C HIS A 263 -13.86 -16.75 -17.26
N GLN A 264 -12.82 -16.93 -16.45
CA GLN A 264 -13.01 -17.58 -15.15
C GLN A 264 -13.82 -16.69 -14.21
N ALA A 265 -13.70 -15.37 -14.35
CA ALA A 265 -14.48 -14.46 -13.52
C ALA A 265 -15.95 -14.44 -13.92
N LEU A 266 -16.26 -14.81 -15.16
CA LEU A 266 -17.64 -14.85 -15.65
C LEU A 266 -18.26 -16.23 -15.37
N ALA A 267 -18.30 -16.58 -14.08
CA ALA A 267 -18.85 -17.88 -13.70
C ALA A 267 -20.35 -17.92 -13.96
N GLY A 268 -21.08 -16.90 -13.52
CA GLY A 268 -22.52 -16.85 -13.65
C GLY A 268 -23.06 -15.97 -14.75
N ALA A 269 -22.21 -15.45 -15.63
CA ALA A 269 -22.69 -14.59 -16.70
C ALA A 269 -23.54 -15.39 -17.67
N ILE A 270 -24.50 -14.70 -18.29
CA ILE A 270 -25.44 -15.32 -19.22
C ILE A 270 -24.99 -14.96 -20.63
N PRO A 271 -24.44 -15.90 -21.40
CA PRO A 271 -23.99 -15.57 -22.76
C PRO A 271 -25.17 -15.18 -23.64
N VAL A 272 -24.92 -14.23 -24.55
CA VAL A 272 -25.91 -13.73 -25.47
C VAL A 272 -25.33 -13.78 -26.87
N GLU A 273 -26.13 -13.33 -27.84
CA GLU A 273 -25.70 -13.26 -29.23
C GLU A 273 -25.77 -11.81 -29.70
N PHE A 274 -24.66 -11.31 -30.23
CA PHE A 274 -24.54 -9.93 -30.67
C PHE A 274 -24.07 -9.93 -32.12
N SER A 275 -24.82 -9.25 -32.99
CA SER A 275 -24.49 -9.21 -34.40
C SER A 275 -25.18 -8.02 -35.04
N SER A 276 -24.40 -7.19 -35.74
CA SER A 276 -24.92 -5.99 -36.39
C SER A 276 -25.65 -5.10 -35.39
N SER A 277 -25.07 -4.96 -34.19
CA SER A 277 -25.63 -4.14 -33.12
C SER A 277 -27.05 -4.57 -32.76
N THR A 278 -27.33 -5.87 -32.82
CA THR A 278 -28.65 -6.41 -32.54
C THR A 278 -28.51 -7.48 -31.45
N LEU A 279 -28.75 -7.08 -30.21
CA LEU A 279 -28.74 -8.05 -29.11
C LEU A 279 -29.89 -9.04 -29.29
N LYS A 280 -29.64 -10.30 -28.92
CA LYS A 280 -30.68 -11.32 -28.98
C LYS A 280 -30.39 -12.35 -27.90
N LEU A 281 -31.08 -12.22 -26.78
CA LEU A 281 -30.95 -13.15 -25.66
C LEU A 281 -32.31 -13.78 -25.35
N THR A 282 -32.31 -14.89 -24.61
CA THR A 282 -33.60 -15.61 -24.44
C THR A 282 -34.08 -15.60 -22.99
N SER A 283 -33.16 -15.43 -22.04
CA SER A 283 -33.53 -15.44 -20.59
C SER A 283 -34.32 -14.18 -20.25
N GLY A 284 -35.12 -14.23 -19.19
CA GLY A 284 -35.90 -13.05 -18.76
C GLY A 284 -37.39 -13.33 -18.78
N HIS A 285 -38.21 -12.40 -18.32
CA HIS A 285 -39.67 -12.67 -18.22
C HIS A 285 -40.45 -11.39 -18.53
N LEU A 286 -41.70 -11.50 -18.98
CA LEU A 286 -42.55 -10.29 -19.16
C LEU A 286 -43.94 -10.54 -18.57
N LYS A 287 -44.32 -9.82 -17.52
CA LYS A 287 -45.63 -10.07 -16.84
C LYS A 287 -46.78 -9.71 -17.79
N CYS A 288 -47.42 -10.70 -18.40
CA CYS A 288 -48.52 -10.49 -19.34
C CYS A 288 -49.84 -10.82 -18.68
N ARG A 289 -50.84 -9.98 -18.93
CA ARG A 289 -52.21 -10.21 -18.49
C ARG A 289 -53.02 -10.52 -19.74
N VAL A 290 -53.13 -11.79 -20.08
CA VAL A 290 -53.84 -12.21 -21.28
C VAL A 290 -55.33 -12.12 -21.05
N LYS A 291 -56.04 -11.44 -21.95
CA LYS A 291 -57.48 -11.26 -21.86
C LYS A 291 -58.15 -12.22 -22.83
N MET A 292 -58.89 -13.18 -22.29
CA MET A 292 -59.60 -14.17 -23.09
C MET A 292 -61.09 -13.86 -23.22
N GLU A 293 -61.44 -12.57 -23.24
CA GLU A 293 -62.84 -12.19 -23.35
C GLU A 293 -63.39 -12.52 -24.74
N LYS A 294 -62.65 -12.16 -25.78
CA LYS A 294 -63.10 -12.35 -27.16
C LYS A 294 -62.68 -13.70 -27.73
N LEU A 295 -61.98 -14.53 -26.95
CA LEU A 295 -61.58 -15.85 -27.42
C LEU A 295 -62.76 -16.79 -27.32
N LYS A 296 -63.16 -17.37 -28.45
CA LYS A 296 -64.34 -18.24 -28.51
C LYS A 296 -64.00 -19.52 -29.27
N LEU A 297 -64.68 -20.59 -28.91
CA LEU A 297 -64.59 -21.81 -29.68
C LEU A 297 -65.48 -21.70 -30.91
N LYS A 298 -65.09 -22.40 -31.97
CA LYS A 298 -65.82 -22.34 -33.23
C LYS A 298 -67.27 -22.77 -33.01
N GLY A 299 -68.21 -21.96 -33.50
CA GLY A 299 -69.61 -22.28 -33.34
C GLY A 299 -70.01 -23.53 -34.11
N THR A 300 -69.55 -23.64 -35.36
CA THR A 300 -69.88 -24.80 -36.17
C THR A 300 -69.04 -26.00 -35.76
N THR A 301 -69.70 -27.14 -35.53
CA THR A 301 -69.04 -28.39 -35.22
C THR A 301 -69.42 -29.42 -36.27
N TYR A 302 -68.42 -30.04 -36.88
CA TYR A 302 -68.66 -31.00 -37.94
C TYR A 302 -69.05 -32.36 -37.37
N GLY A 303 -69.56 -33.22 -38.24
CA GLY A 303 -69.94 -34.55 -37.83
C GLY A 303 -68.73 -35.45 -37.63
N MET A 304 -68.96 -36.55 -36.90
CA MET A 304 -67.88 -37.48 -36.62
C MET A 304 -67.39 -38.14 -37.91
N CYS A 305 -66.08 -38.33 -37.99
CA CYS A 305 -65.51 -39.05 -39.12
C CYS A 305 -65.86 -40.53 -39.03
N THR A 306 -66.12 -41.15 -40.18
CA THR A 306 -66.55 -42.54 -40.22
C THR A 306 -65.49 -43.47 -40.79
N GLU A 307 -64.53 -42.97 -41.56
CA GLU A 307 -63.53 -43.83 -42.15
C GLU A 307 -62.48 -44.24 -41.13
N LYS A 308 -61.67 -45.22 -41.51
CA LYS A 308 -60.67 -45.77 -40.59
C LYS A 308 -59.59 -44.75 -40.28
N PHE A 309 -59.16 -44.74 -39.02
CA PHE A 309 -58.09 -43.87 -38.56
C PHE A 309 -56.83 -44.69 -38.33
N THR A 310 -55.71 -44.20 -38.85
CA THR A 310 -54.42 -44.85 -38.70
C THR A 310 -53.47 -43.94 -37.95
N PHE A 311 -52.72 -44.51 -37.01
CA PHE A 311 -51.73 -43.75 -36.25
C PHE A 311 -50.51 -43.52 -37.12
N SER A 312 -50.34 -42.28 -37.59
CA SER A 312 -49.10 -41.93 -38.29
C SER A 312 -47.91 -41.99 -37.34
N LYS A 313 -48.10 -41.52 -36.11
CA LYS A 313 -47.11 -41.67 -35.05
C LYS A 313 -47.81 -42.18 -33.81
N ASN A 314 -47.23 -43.21 -33.19
CA ASN A 314 -47.85 -43.82 -32.02
C ASN A 314 -47.85 -42.84 -30.85
N PRO A 315 -48.79 -42.99 -29.92
CA PRO A 315 -48.82 -42.09 -28.76
C PRO A 315 -47.53 -42.14 -27.97
N ALA A 316 -46.92 -40.97 -27.77
CA ALA A 316 -45.65 -40.83 -27.07
C ALA A 316 -45.83 -39.81 -25.96
N ASP A 317 -45.40 -40.18 -24.75
CA ASP A 317 -45.51 -39.27 -23.62
C ASP A 317 -44.49 -38.14 -23.75
N THR A 318 -44.92 -36.93 -23.40
CA THR A 318 -44.04 -35.77 -23.46
C THR A 318 -43.32 -35.52 -22.14
N GLY A 319 -43.61 -36.29 -21.10
CA GLY A 319 -42.98 -36.09 -19.80
C GLY A 319 -43.68 -35.10 -18.91
N HIS A 320 -44.67 -34.37 -19.42
CA HIS A 320 -45.45 -33.43 -18.63
C HIS A 320 -46.81 -34.00 -18.24
N GLY A 321 -47.01 -35.30 -18.43
CA GLY A 321 -48.28 -35.92 -18.18
C GLY A 321 -49.24 -35.90 -19.35
N THR A 322 -48.84 -35.36 -20.49
CA THR A 322 -49.69 -35.28 -21.67
C THR A 322 -49.16 -36.23 -22.74
N VAL A 323 -50.06 -36.80 -23.52
CA VAL A 323 -49.73 -37.75 -24.56
C VAL A 323 -50.01 -37.12 -25.91
N VAL A 324 -49.01 -37.16 -26.79
CA VAL A 324 -49.13 -36.59 -28.13
C VAL A 324 -49.14 -37.72 -29.14
N LEU A 325 -50.18 -37.76 -29.97
CA LEU A 325 -50.30 -38.78 -31.01
C LEU A 325 -50.78 -38.13 -32.28
N GLU A 326 -50.43 -38.73 -33.41
CA GLU A 326 -50.79 -38.22 -34.72
C GLU A 326 -51.66 -39.24 -35.44
N LEU A 327 -52.79 -38.78 -35.95
CA LEU A 327 -53.77 -39.63 -36.61
C LEU A 327 -53.82 -39.29 -38.09
N GLN A 328 -53.75 -40.31 -38.94
CA GLN A 328 -53.88 -40.14 -40.38
C GLN A 328 -55.24 -40.67 -40.80
N TYR A 329 -56.05 -39.80 -41.41
CA TYR A 329 -57.41 -40.14 -41.80
C TYR A 329 -57.39 -40.69 -43.21
N THR A 330 -57.71 -41.97 -43.35
CA THR A 330 -57.63 -42.63 -44.66
C THR A 330 -58.63 -42.05 -45.64
N GLY A 331 -59.87 -41.81 -45.20
CA GLY A 331 -60.91 -41.35 -46.09
C GLY A 331 -60.81 -39.87 -46.41
N SER A 332 -61.73 -39.41 -47.26
CA SER A 332 -61.84 -38.00 -47.64
C SER A 332 -63.30 -37.57 -47.49
N ASP A 333 -63.66 -37.16 -46.27
CA ASP A 333 -65.01 -36.70 -45.97
C ASP A 333 -65.07 -35.19 -45.73
N GLY A 334 -64.02 -34.46 -46.08
CA GLY A 334 -63.97 -33.05 -45.79
C GLY A 334 -63.75 -32.82 -44.30
N PRO A 335 -64.13 -31.65 -43.81
CA PRO A 335 -63.98 -31.37 -42.37
C PRO A 335 -64.89 -32.27 -41.54
N CYS A 336 -64.28 -33.00 -40.61
CA CYS A 336 -65.04 -33.86 -39.72
C CYS A 336 -64.30 -33.94 -38.39
N LYS A 337 -65.03 -34.29 -37.35
CA LYS A 337 -64.48 -34.34 -35.99
C LYS A 337 -64.00 -35.75 -35.67
N ILE A 338 -62.76 -35.84 -35.19
CA ILE A 338 -62.18 -37.15 -34.88
C ILE A 338 -62.81 -37.69 -33.60
N PRO A 339 -63.29 -38.93 -33.58
CA PRO A 339 -63.89 -39.50 -32.36
C PRO A 339 -62.85 -40.13 -31.45
N ILE A 340 -62.06 -39.29 -30.80
CA ILE A 340 -60.94 -39.73 -29.97
C ILE A 340 -61.19 -39.31 -28.54
N SER A 341 -60.99 -40.24 -27.60
CA SER A 341 -61.17 -39.96 -26.18
C SER A 341 -60.29 -40.90 -25.38
N SER A 342 -60.07 -40.53 -24.11
CA SER A 342 -59.32 -41.34 -23.17
C SER A 342 -60.27 -41.86 -22.12
N VAL A 343 -60.34 -43.19 -21.99
CA VAL A 343 -61.30 -43.84 -21.12
C VAL A 343 -60.56 -44.67 -20.08
N ALA A 344 -61.16 -44.82 -18.90
CA ALA A 344 -60.56 -45.66 -17.87
C ALA A 344 -60.58 -47.13 -18.28
N SER A 345 -61.65 -47.57 -18.91
CA SER A 345 -61.79 -48.95 -19.35
C SER A 345 -62.73 -49.01 -20.55
N LEU A 346 -62.65 -50.12 -21.28
CA LEU A 346 -63.52 -50.30 -22.44
C LEU A 346 -64.98 -50.49 -22.06
N ASN A 347 -65.24 -50.82 -20.78
CA ASN A 347 -66.62 -50.95 -20.33
C ASN A 347 -67.33 -49.60 -20.32
N ASP A 348 -66.71 -48.60 -19.72
CA ASP A 348 -67.28 -47.25 -19.63
C ASP A 348 -66.59 -46.35 -20.63
N MET A 349 -67.34 -45.83 -21.59
CA MET A 349 -66.80 -45.00 -22.65
C MET A 349 -66.80 -43.52 -22.30
N THR A 350 -67.17 -43.16 -21.08
CA THR A 350 -67.11 -41.76 -20.66
C THR A 350 -65.65 -41.31 -20.64
N PRO A 351 -65.30 -40.25 -21.36
CA PRO A 351 -63.91 -39.76 -21.31
C PRO A 351 -63.54 -39.33 -19.90
N VAL A 352 -62.31 -39.66 -19.51
CA VAL A 352 -61.80 -39.32 -18.18
C VAL A 352 -60.65 -38.33 -18.23
N GLY A 353 -59.96 -38.21 -19.35
CA GLY A 353 -58.85 -37.28 -19.46
C GLY A 353 -59.17 -36.11 -20.36
N ARG A 354 -58.91 -34.89 -19.89
CA ARG A 354 -59.19 -33.71 -20.67
C ARG A 354 -58.27 -33.62 -21.87
N MET A 355 -58.81 -33.11 -22.99
CA MET A 355 -58.08 -33.01 -24.24
C MET A 355 -57.42 -31.65 -24.31
N VAL A 356 -56.10 -31.64 -24.44
CA VAL A 356 -55.38 -30.38 -24.63
C VAL A 356 -55.78 -29.73 -25.94
N THR A 357 -55.84 -30.53 -27.01
CA THR A 357 -56.33 -30.01 -28.28
C THR A 357 -57.83 -29.80 -28.22
N ALA A 358 -58.27 -28.63 -28.69
CA ALA A 358 -59.67 -28.23 -28.61
C ALA A 358 -60.44 -28.79 -29.80
N ASN A 359 -61.26 -29.81 -29.54
CA ASN A 359 -62.09 -30.43 -30.56
C ASN A 359 -61.28 -30.81 -31.81
N PRO A 360 -60.43 -31.83 -31.72
CA PRO A 360 -59.60 -32.21 -32.86
C PRO A 360 -60.42 -32.61 -34.08
N TYR A 361 -60.11 -32.02 -35.22
CA TYR A 361 -60.87 -32.26 -36.44
C TYR A 361 -59.92 -32.32 -37.63
N VAL A 362 -60.39 -32.96 -38.70
CA VAL A 362 -59.59 -33.11 -39.92
C VAL A 362 -60.01 -31.96 -40.85
N ALA A 363 -59.27 -30.86 -40.80
CA ALA A 363 -59.61 -29.69 -41.61
C ALA A 363 -59.50 -29.99 -43.09
N SER A 364 -58.44 -30.69 -43.50
CA SER A 364 -58.22 -30.97 -44.91
C SER A 364 -59.26 -31.93 -45.45
N SER A 365 -59.69 -31.68 -46.69
CA SER A 365 -60.64 -32.55 -47.37
C SER A 365 -59.96 -33.60 -48.24
N THR A 366 -58.62 -33.64 -48.21
CA THR A 366 -57.87 -34.60 -48.99
C THR A 366 -57.59 -35.85 -48.17
N ALA A 367 -57.47 -36.99 -48.86
CA ALA A 367 -57.22 -38.26 -48.20
C ALA A 367 -55.82 -38.27 -47.57
N ASN A 368 -55.64 -39.16 -46.60
CA ASN A 368 -54.38 -39.31 -45.87
C ASN A 368 -53.98 -38.03 -45.15
N ALA A 369 -54.97 -37.26 -44.70
CA ALA A 369 -54.70 -36.06 -43.93
C ALA A 369 -54.25 -36.44 -42.52
N LYS A 370 -53.24 -35.74 -42.02
CA LYS A 370 -52.64 -36.03 -40.72
C LYS A 370 -53.04 -34.95 -39.72
N VAL A 371 -53.50 -35.37 -38.55
CA VAL A 371 -53.93 -34.46 -37.49
C VAL A 371 -53.21 -34.84 -36.21
N LEU A 372 -52.57 -33.87 -35.58
CA LEU A 372 -51.88 -34.09 -34.31
C LEU A 372 -52.85 -33.83 -33.17
N VAL A 373 -52.92 -34.76 -32.23
CA VAL A 373 -53.85 -34.70 -31.10
C VAL A 373 -53.06 -34.88 -29.82
N GLU A 374 -53.34 -34.05 -28.83
CA GLU A 374 -52.70 -34.13 -27.52
C GLU A 374 -53.76 -34.39 -26.46
N ILE A 375 -53.49 -35.35 -25.58
CA ILE A 375 -54.43 -35.75 -24.53
C ILE A 375 -53.69 -35.69 -23.19
N GLU A 376 -54.46 -35.67 -22.11
CA GLU A 376 -53.94 -35.71 -20.75
C GLU A 376 -54.61 -36.84 -20.00
N PRO A 377 -54.14 -38.08 -20.19
CA PRO A 377 -54.82 -39.22 -19.60
C PRO A 377 -54.70 -39.19 -18.09
N PRO A 378 -55.65 -39.78 -17.37
CA PRO A 378 -55.54 -39.87 -15.91
C PRO A 378 -54.45 -40.85 -15.49
N PHE A 379 -54.07 -40.76 -14.22
CA PHE A 379 -53.03 -41.62 -13.70
C PHE A 379 -53.49 -43.08 -13.66
N GLY A 380 -52.53 -43.99 -13.77
CA GLY A 380 -52.83 -45.40 -13.83
C GLY A 380 -53.07 -45.89 -15.24
N ASP A 381 -53.57 -47.12 -15.33
CA ASP A 381 -53.85 -47.71 -16.62
C ASP A 381 -55.02 -46.98 -17.29
N SER A 382 -54.92 -46.81 -18.60
CA SER A 382 -55.93 -46.11 -19.37
C SER A 382 -55.88 -46.58 -20.81
N TYR A 383 -56.94 -46.27 -21.56
CA TYR A 383 -57.04 -46.67 -22.95
C TYR A 383 -57.30 -45.43 -23.80
N ILE A 384 -56.54 -45.28 -24.88
CA ILE A 384 -56.71 -44.19 -25.82
C ILE A 384 -57.53 -44.74 -26.98
N VAL A 385 -58.84 -44.49 -26.93
CA VAL A 385 -59.76 -45.01 -27.94
C VAL A 385 -59.92 -43.98 -29.03
N VAL A 386 -59.55 -44.34 -30.26
CA VAL A 386 -59.66 -43.47 -31.42
C VAL A 386 -60.69 -44.08 -32.34
N GLY A 387 -61.75 -43.34 -32.63
CA GLY A 387 -62.86 -43.85 -33.40
C GLY A 387 -63.81 -44.68 -32.53
N ARG A 388 -64.88 -45.13 -33.16
CA ARG A 388 -65.87 -45.93 -32.46
C ARG A 388 -66.52 -46.90 -33.44
N GLY A 389 -67.06 -47.99 -32.89
CA GLY A 389 -67.66 -49.01 -33.70
C GLY A 389 -66.72 -50.16 -34.01
N ASP A 390 -66.70 -50.60 -35.26
CA ASP A 390 -65.84 -51.69 -35.70
C ASP A 390 -64.47 -51.22 -36.16
N LYS A 391 -64.23 -49.90 -36.17
CA LYS A 391 -62.98 -49.35 -36.65
C LYS A 391 -62.18 -48.65 -35.55
N GLN A 392 -62.58 -48.80 -34.30
CA GLN A 392 -61.91 -48.07 -33.23
C GLN A 392 -60.53 -48.67 -32.97
N ILE A 393 -59.53 -47.79 -32.83
CA ILE A 393 -58.15 -48.21 -32.59
C ILE A 393 -57.93 -48.12 -31.09
N ASN A 394 -58.23 -49.21 -30.39
CA ASN A 394 -57.97 -49.26 -28.96
C ASN A 394 -56.47 -49.38 -28.71
N HIS A 395 -55.94 -48.55 -27.82
CA HIS A 395 -54.52 -48.52 -27.52
C HIS A 395 -54.33 -48.31 -26.04
N HIS A 396 -53.77 -49.32 -25.36
CA HIS A 396 -53.55 -49.23 -23.93
C HIS A 396 -52.46 -48.22 -23.61
N TRP A 397 -52.56 -47.60 -22.44
CA TRP A 397 -51.59 -46.60 -22.02
C TRP A 397 -51.48 -46.61 -20.51
N HIS A 398 -50.25 -46.62 -19.99
CA HIS A 398 -49.99 -46.57 -18.56
C HIS A 398 -49.24 -45.28 -18.25
N LYS A 399 -49.81 -44.45 -17.38
CA LYS A 399 -49.20 -43.19 -16.98
C LYS A 399 -48.64 -43.34 -15.58
N GLU A 400 -47.32 -43.16 -15.45
CA GLU A 400 -46.68 -43.30 -14.16
C GLU A 400 -47.04 -42.15 -13.23
N GLY A 401 -46.83 -42.36 -11.94
CA GLY A 401 -47.10 -41.35 -10.94
C GLY A 401 -48.52 -41.43 -10.40
N SER A 402 -48.77 -40.62 -9.38
CA SER A 402 -50.07 -40.56 -8.72
C SER A 402 -50.44 -39.10 -8.51
N SER A 403 -51.66 -38.88 -7.99
CA SER A 403 -52.12 -37.52 -7.73
C SER A 403 -51.25 -36.84 -6.67
N ILE A 404 -50.89 -37.58 -5.62
CA ILE A 404 -50.04 -37.01 -4.57
C ILE A 404 -48.67 -36.64 -5.12
N GLY A 405 -48.09 -37.53 -5.95
CA GLY A 405 -46.81 -37.22 -6.56
C GLY A 405 -46.86 -36.01 -7.46
N LYS A 406 -47.93 -35.89 -8.25
CA LYS A 406 -48.10 -34.72 -9.09
C LYS A 406 -48.26 -33.46 -8.24
N ALA A 407 -48.98 -33.56 -7.12
CA ALA A 407 -49.14 -32.41 -6.24
C ALA A 407 -47.81 -31.97 -5.66
N PHE A 408 -46.99 -32.92 -5.21
CA PHE A 408 -45.67 -32.58 -4.67
C PHE A 408 -44.77 -31.99 -5.74
N SER A 409 -44.81 -32.54 -6.96
CA SER A 409 -44.00 -32.00 -8.04
C SER A 409 -44.42 -30.57 -8.38
N THR A 410 -45.73 -30.31 -8.41
CA THR A 410 -46.22 -28.97 -8.69
C THR A 410 -45.84 -27.99 -7.57
N THR A 411 -45.90 -28.44 -6.32
CA THR A 411 -45.47 -27.59 -5.22
C THR A 411 -43.98 -27.26 -5.32
N LEU A 412 -43.16 -28.26 -5.65
CA LEU A 412 -41.74 -28.02 -5.82
C LEU A 412 -41.47 -27.04 -6.97
N LYS A 413 -42.19 -27.21 -8.09
CA LYS A 413 -42.01 -26.30 -9.21
C LYS A 413 -42.45 -24.89 -8.86
N GLY A 414 -43.55 -24.76 -8.10
CA GLY A 414 -43.97 -23.44 -7.67
C GLY A 414 -42.97 -22.78 -6.74
N ALA A 415 -42.38 -23.57 -5.83
CA ALA A 415 -41.35 -23.02 -4.96
C ALA A 415 -40.13 -22.57 -5.75
N GLN A 416 -39.71 -23.39 -6.73
CA GLN A 416 -38.58 -23.00 -7.57
C GLN A 416 -38.89 -21.74 -8.37
N ARG A 417 -40.11 -21.63 -8.90
CA ARG A 417 -40.51 -20.44 -9.63
C ARG A 417 -40.50 -19.21 -8.72
N LEU A 418 -40.98 -19.37 -7.48
CA LEU A 418 -40.96 -18.25 -6.54
C LEU A 418 -39.54 -17.84 -6.22
N ALA A 419 -38.63 -18.81 -6.06
CA ALA A 419 -37.24 -18.47 -5.79
C ALA A 419 -36.57 -17.81 -6.99
N ALA A 420 -36.95 -18.19 -8.20
CA ALA A 420 -36.31 -17.70 -9.41
C ALA A 420 -36.98 -16.46 -9.99
N LEU A 421 -38.07 -15.98 -9.39
CA LEU A 421 -38.76 -14.79 -9.89
C LEU A 421 -39.02 -13.74 -8.82
N GLY A 422 -38.90 -14.05 -7.54
CA GLY A 422 -39.16 -13.06 -6.52
C GLY A 422 -40.64 -12.79 -6.37
N ASP A 423 -40.98 -11.51 -6.24
CA ASP A 423 -42.38 -11.12 -6.03
C ASP A 423 -43.24 -11.32 -7.28
N THR A 424 -42.63 -11.34 -8.47
CA THR A 424 -43.40 -11.51 -9.68
C THR A 424 -44.05 -12.88 -9.78
N ALA A 425 -43.55 -13.88 -9.03
CA ALA A 425 -44.12 -15.22 -9.10
C ALA A 425 -45.53 -15.25 -8.53
N TRP A 426 -45.86 -14.36 -7.60
CA TRP A 426 -47.22 -14.30 -7.07
C TRP A 426 -48.22 -13.83 -8.12
N ASP A 427 -47.74 -13.28 -9.24
CA ASP A 427 -48.61 -12.86 -10.32
C ASP A 427 -48.77 -13.92 -11.40
N PHE A 428 -48.18 -15.10 -11.21
CA PHE A 428 -48.30 -16.18 -12.18
C PHE A 428 -49.61 -16.94 -11.95
N GLY A 429 -50.39 -17.10 -13.02
CA GLY A 429 -51.65 -17.83 -12.92
C GLY A 429 -52.63 -17.21 -11.96
N SER A 430 -52.70 -15.88 -11.91
CA SER A 430 -53.58 -15.17 -10.99
C SER A 430 -54.70 -14.51 -11.79
N VAL A 431 -55.94 -14.72 -11.33
CA VAL A 431 -57.12 -14.15 -11.96
C VAL A 431 -57.86 -13.19 -11.04
N GLY A 432 -57.99 -13.54 -9.77
CA GLY A 432 -58.71 -12.71 -8.84
C GLY A 432 -57.85 -11.64 -8.20
N GLY A 433 -56.76 -12.04 -7.56
CA GLY A 433 -55.90 -11.10 -6.89
C GLY A 433 -56.38 -10.65 -5.54
N VAL A 434 -57.46 -11.22 -5.01
CA VAL A 434 -57.96 -10.83 -3.70
C VAL A 434 -56.97 -11.23 -2.61
N PHE A 435 -56.33 -12.39 -2.75
CA PHE A 435 -55.33 -12.85 -1.80
C PHE A 435 -53.91 -12.79 -2.33
N ASN A 436 -53.72 -12.72 -3.66
CA ASN A 436 -52.38 -12.59 -4.21
C ASN A 436 -51.82 -11.19 -4.06
N SER A 437 -52.67 -10.17 -3.96
CA SER A 437 -52.17 -8.80 -3.81
C SER A 437 -51.47 -8.62 -2.47
N ILE A 438 -52.11 -9.05 -1.38
CA ILE A 438 -51.47 -8.98 -0.07
C ILE A 438 -50.28 -9.92 -0.01
N GLY A 439 -50.39 -11.09 -0.64
CA GLY A 439 -49.26 -11.99 -0.72
C GLY A 439 -48.09 -11.36 -1.47
N LYS A 440 -48.38 -10.69 -2.59
CA LYS A 440 -47.32 -10.02 -3.33
C LYS A 440 -46.69 -8.91 -2.51
N ALA A 441 -47.50 -8.15 -1.77
CA ALA A 441 -46.97 -7.06 -0.96
C ALA A 441 -46.07 -7.58 0.16
N VAL A 442 -46.53 -8.61 0.87
CA VAL A 442 -45.71 -9.16 1.95
C VAL A 442 -44.45 -9.82 1.40
N HIS A 443 -44.54 -10.43 0.21
CA HIS A 443 -43.34 -11.01 -0.39
C HIS A 443 -42.36 -9.93 -0.79
N GLN A 444 -42.84 -8.79 -1.30
CA GLN A 444 -41.94 -7.68 -1.58
C GLN A 444 -41.28 -7.18 -0.30
N VAL A 445 -42.04 -7.05 0.77
CA VAL A 445 -41.50 -6.56 2.03
C VAL A 445 -40.40 -7.50 2.54
N PHE A 446 -40.67 -8.81 2.50
CA PHE A 446 -39.67 -9.77 2.95
C PHE A 446 -38.45 -9.80 2.02
N GLY A 447 -38.68 -9.74 0.71
CA GLY A 447 -37.60 -9.82 -0.25
C GLY A 447 -36.67 -8.63 -0.20
N GLY A 448 -37.20 -7.44 0.07
CA GLY A 448 -36.33 -6.29 0.23
C GLY A 448 -35.32 -6.47 1.35
N ALA A 449 -35.79 -6.93 2.50
CA ALA A 449 -34.90 -7.21 3.61
C ALA A 449 -33.94 -8.36 3.29
N PHE A 450 -34.46 -9.40 2.63
CA PHE A 450 -33.61 -10.56 2.33
C PHE A 450 -32.48 -10.19 1.38
N ARG A 451 -32.76 -9.38 0.36
CA ARG A 451 -31.72 -8.95 -0.56
C ARG A 451 -30.82 -7.90 0.08
N THR A 452 -31.34 -7.13 1.04
CA THR A 452 -30.49 -6.19 1.75
C THR A 452 -29.52 -6.93 2.67
N LEU A 453 -30.01 -7.91 3.43
CA LEU A 453 -29.16 -8.61 4.38
C LEU A 453 -28.16 -9.52 3.66
N PHE A 454 -28.63 -10.30 2.69
CA PHE A 454 -27.79 -11.30 2.05
C PHE A 454 -27.27 -10.85 0.68
N GLY A 455 -28.17 -10.49 -0.23
CA GLY A 455 -27.74 -10.02 -1.53
C GLY A 455 -27.04 -11.10 -2.33
N GLY A 456 -25.98 -10.70 -3.04
CA GLY A 456 -25.25 -11.60 -3.90
C GLY A 456 -24.25 -12.47 -3.18
N MET A 457 -24.72 -13.48 -2.46
CA MET A 457 -23.88 -14.40 -1.72
C MET A 457 -23.92 -15.77 -2.39
N SER A 458 -22.78 -16.46 -2.38
CA SER A 458 -22.67 -17.74 -3.07
C SER A 458 -23.53 -18.79 -2.38
N TRP A 459 -23.78 -19.88 -3.11
CA TRP A 459 -24.65 -20.94 -2.60
C TRP A 459 -24.04 -21.62 -1.38
N ILE A 460 -22.73 -21.86 -1.39
CA ILE A 460 -22.09 -22.50 -0.25
C ILE A 460 -22.18 -21.62 0.99
N SER A 461 -21.95 -20.32 0.84
CA SER A 461 -22.08 -19.41 1.97
C SER A 461 -23.52 -19.36 2.47
N GLN A 462 -24.49 -19.35 1.56
CA GLN A 462 -25.89 -19.36 1.97
C GLN A 462 -26.22 -20.63 2.74
N GLY A 463 -25.74 -21.79 2.26
CA GLY A 463 -25.99 -23.03 2.97
C GLY A 463 -25.36 -23.06 4.34
N LEU A 464 -24.13 -22.58 4.46
CA LEU A 464 -23.47 -22.53 5.77
C LEU A 464 -24.22 -21.61 6.72
N LEU A 465 -24.65 -20.43 6.23
CA LEU A 465 -25.39 -19.51 7.08
C LEU A 465 -26.72 -20.11 7.50
N GLY A 466 -27.40 -20.82 6.60
CA GLY A 466 -28.65 -21.47 6.95
C GLY A 466 -28.46 -22.55 8.00
N ALA A 467 -27.41 -23.35 7.85
CA ALA A 467 -27.12 -24.39 8.85
C ALA A 467 -26.81 -23.76 10.20
N LEU A 468 -26.02 -22.68 10.21
CA LEU A 468 -25.72 -21.99 11.46
C LEU A 468 -26.98 -21.43 12.10
N LEU A 469 -27.86 -20.83 11.29
CA LEU A 469 -29.10 -20.29 11.82
C LEU A 469 -29.99 -21.39 12.39
N LEU A 470 -30.07 -22.53 11.71
CA LEU A 470 -30.83 -23.65 12.24
C LEU A 470 -30.26 -24.13 13.57
N TRP A 471 -28.93 -24.24 13.65
CA TRP A 471 -28.31 -24.73 14.88
C TRP A 471 -28.52 -23.75 16.02
N MET A 472 -28.44 -22.45 15.76
CA MET A 472 -28.64 -21.47 16.83
C MET A 472 -30.11 -21.21 17.13
N GLY A 473 -31.02 -21.62 16.26
CA GLY A 473 -32.44 -21.45 16.52
C GLY A 473 -33.08 -22.64 17.20
N VAL A 474 -32.55 -23.84 16.94
CA VAL A 474 -33.06 -25.02 17.63
C VAL A 474 -32.75 -24.93 19.13
N ASN A 475 -31.69 -24.22 19.49
CA ASN A 475 -31.32 -24.00 20.88
C ASN A 475 -31.83 -22.66 21.42
N ALA A 476 -32.59 -21.91 20.63
CA ALA A 476 -33.08 -20.62 21.07
C ALA A 476 -34.14 -20.78 22.16
N ARG A 477 -34.30 -19.74 22.98
CA ARG A 477 -35.24 -19.77 24.09
C ARG A 477 -36.63 -19.30 23.67
N ASP A 478 -36.73 -18.07 23.18
CA ASP A 478 -38.02 -17.52 22.79
C ASP A 478 -38.52 -18.22 21.53
N LYS A 479 -39.82 -18.55 21.51
CA LYS A 479 -40.38 -19.28 20.38
C LYS A 479 -40.39 -18.43 19.11
N SER A 480 -40.71 -17.15 19.23
CA SER A 480 -40.87 -16.29 18.06
C SER A 480 -39.55 -16.16 17.29
N ILE A 481 -38.47 -15.82 18.00
CA ILE A 481 -37.18 -15.69 17.35
C ILE A 481 -36.70 -17.04 16.83
N ALA A 482 -37.00 -18.12 17.55
CA ALA A 482 -36.63 -19.45 17.09
C ALA A 482 -37.34 -19.77 15.78
N LEU A 483 -38.64 -19.47 15.69
CA LEU A 483 -39.37 -19.72 14.46
C LEU A 483 -38.85 -18.86 13.31
N ALA A 484 -38.54 -17.59 13.59
CA ALA A 484 -38.00 -16.73 12.55
C ALA A 484 -36.66 -17.24 12.03
N PHE A 485 -35.77 -17.66 12.94
CA PHE A 485 -34.48 -18.19 12.54
C PHE A 485 -34.64 -19.49 11.76
N LEU A 486 -35.58 -20.36 12.18
CA LEU A 486 -35.82 -21.59 11.45
C LEU A 486 -36.32 -21.31 10.04
N ALA A 487 -37.23 -20.34 9.90
CA ALA A 487 -37.73 -19.99 8.57
C ALA A 487 -36.62 -19.43 7.69
N THR A 488 -35.79 -18.54 8.25
CA THR A 488 -34.69 -17.98 7.48
C THR A 488 -33.69 -19.05 7.05
N GLY A 489 -33.37 -19.97 7.96
CA GLY A 489 -32.47 -21.05 7.62
C GLY A 489 -33.04 -21.98 6.57
N GLY A 490 -34.34 -22.25 6.64
CA GLY A 490 -34.98 -23.05 5.62
C GLY A 490 -34.94 -22.37 4.26
N VAL A 491 -35.18 -21.07 4.23
CA VAL A 491 -35.11 -20.33 2.98
C VAL A 491 -33.69 -20.38 2.42
N LEU A 492 -32.68 -20.19 3.28
CA LEU A 492 -31.30 -20.23 2.82
C LEU A 492 -30.94 -21.61 2.28
N LEU A 493 -31.37 -22.67 2.97
CA LEU A 493 -31.08 -24.02 2.49
C LEU A 493 -31.77 -24.30 1.16
N PHE A 494 -33.01 -23.86 1.02
CA PHE A 494 -33.72 -24.06 -0.25
C PHE A 494 -33.04 -23.32 -1.38
N LEU A 495 -32.58 -22.09 -1.13
CA LEU A 495 -31.86 -21.34 -2.17
C LEU A 495 -30.54 -22.01 -2.52
N ALA A 496 -29.84 -22.53 -1.51
CA ALA A 496 -28.58 -23.22 -1.77
C ALA A 496 -28.79 -24.47 -2.60
N THR A 497 -29.82 -25.25 -2.28
CA THR A 497 -30.12 -26.46 -3.04
C THR A 497 -30.77 -26.16 -4.39
N ASN A 498 -31.43 -25.00 -4.53
CA ASN A 498 -32.08 -24.66 -5.78
C ASN A 498 -31.07 -24.52 -6.93
N VAL A 499 -29.83 -24.13 -6.62
CA VAL A 499 -28.79 -24.03 -7.64
C VAL A 499 -28.36 -25.41 -8.14
N HIS A 500 -28.80 -26.48 -7.48
CA HIS A 500 -28.44 -27.85 -7.84
C HIS A 500 -26.92 -28.05 -7.81
N ALA A 501 -26.28 -27.43 -6.83
CA ALA A 501 -24.84 -27.55 -6.67
C ALA A 501 -24.48 -28.79 -5.86
N PHE B 1 32.47 -9.95 -2.77
CA PHE B 1 33.28 -8.81 -3.27
C PHE B 1 33.13 -7.65 -2.28
N ASN B 2 33.19 -6.41 -2.78
CA ASN B 2 33.15 -5.23 -1.88
C ASN B 2 31.76 -5.06 -1.25
N CYS B 3 31.70 -4.83 0.07
CA CYS B 3 30.43 -4.57 0.73
C CYS B 3 29.97 -3.14 0.55
N LEU B 4 30.73 -2.31 -0.15
CA LEU B 4 30.35 -0.91 -0.33
C LEU B 4 29.10 -0.79 -1.19
N GLY B 5 28.18 0.08 -0.76
CA GLY B 5 26.93 0.25 -1.49
C GLY B 5 26.07 -0.98 -1.52
N MET B 6 25.92 -1.65 -0.38
CA MET B 6 25.12 -2.87 -0.28
C MET B 6 23.91 -2.61 0.62
N SER B 7 22.77 -3.20 0.24
CA SER B 7 21.55 -3.01 1.01
C SER B 7 21.70 -3.54 2.43
N SER B 8 22.26 -4.74 2.58
CA SER B 8 22.48 -5.36 3.88
C SER B 8 23.96 -5.65 4.04
N ARG B 9 24.53 -5.22 5.17
CA ARG B 9 25.93 -5.47 5.49
C ARG B 9 26.02 -5.95 6.92
N ASP B 10 26.82 -6.98 7.16
CA ASP B 10 26.94 -7.60 8.47
C ASP B 10 28.40 -7.53 8.93
N PHE B 11 28.60 -7.02 10.14
CA PHE B 11 29.91 -6.94 10.76
C PHE B 11 29.99 -7.95 11.88
N ILE B 12 30.96 -8.88 11.78
CA ILE B 12 31.22 -9.85 12.83
C ILE B 12 32.68 -9.76 13.19
N GLU B 13 32.98 -10.03 14.47
CA GLU B 13 34.35 -10.01 14.98
C GLU B 13 34.74 -11.42 15.38
N GLY B 14 35.85 -11.90 14.82
CA GLY B 14 36.30 -13.25 15.13
C GLY B 14 36.81 -13.35 16.55
N ALA B 15 36.46 -14.44 17.22
CA ALA B 15 36.91 -14.67 18.57
C ALA B 15 38.40 -14.94 18.61
N SER B 16 39.07 -14.42 19.63
CA SER B 16 40.51 -14.62 19.78
C SER B 16 40.81 -16.09 20.01
N GLY B 17 41.84 -16.59 19.32
CA GLY B 17 42.21 -17.99 19.43
C GLY B 17 41.36 -18.93 18.61
N ALA B 18 40.47 -18.41 17.77
CA ALA B 18 39.62 -19.24 16.93
C ALA B 18 40.14 -19.19 15.49
N THR B 19 40.42 -20.36 14.93
CA THR B 19 40.97 -20.40 13.58
C THR B 19 39.90 -20.10 12.54
N TRP B 20 38.67 -20.58 12.76
CA TRP B 20 37.61 -20.47 11.77
C TRP B 20 36.38 -19.82 12.39
N VAL B 21 35.56 -19.22 11.52
CA VAL B 21 34.28 -18.65 11.90
C VAL B 21 33.24 -19.08 10.87
N ASP B 22 32.07 -19.46 11.34
CA ASP B 22 30.99 -19.95 10.50
C ASP B 22 30.03 -18.80 10.19
N LEU B 23 29.56 -18.74 8.95
CA LEU B 23 28.66 -17.69 8.51
C LEU B 23 27.69 -18.25 7.48
N VAL B 24 26.45 -17.76 7.52
CA VAL B 24 25.42 -18.29 6.62
C VAL B 24 25.58 -17.75 5.20
N LEU B 25 26.24 -16.61 5.03
CA LEU B 25 26.55 -16.08 3.70
C LEU B 25 25.30 -15.89 2.86
N GLU B 26 24.42 -15.01 3.33
CA GLU B 26 23.16 -14.76 2.64
C GLU B 26 23.40 -14.12 1.28
N GLY B 27 22.55 -14.43 0.31
CA GLY B 27 22.67 -13.84 -1.01
C GLY B 27 22.36 -12.35 -0.97
N ASP B 28 23.18 -11.58 -1.69
CA ASP B 28 23.08 -10.12 -1.77
C ASP B 28 23.23 -9.44 -0.41
N SER B 29 23.84 -10.12 0.55
CA SER B 29 24.08 -9.57 1.89
C SER B 29 25.57 -9.74 2.17
N CYS B 30 26.36 -8.74 1.77
CA CYS B 30 27.80 -8.79 1.96
C CYS B 30 28.12 -8.78 3.46
N ILE B 31 28.98 -9.69 3.88
CA ILE B 31 29.35 -9.84 5.29
C ILE B 31 30.83 -9.54 5.43
N THR B 32 31.17 -8.71 6.41
CA THR B 32 32.54 -8.30 6.68
C THR B 32 33.04 -9.01 7.93
N ILE B 33 34.22 -9.62 7.83
CA ILE B 33 34.83 -10.36 8.92
C ILE B 33 36.02 -9.57 9.42
N MET B 34 36.00 -9.21 10.70
CA MET B 34 37.11 -8.52 11.34
C MET B 34 37.71 -9.40 12.43
N ALA B 35 39.02 -9.55 12.40
CA ALA B 35 39.74 -10.33 13.39
C ALA B 35 40.60 -9.42 14.25
N ALA B 36 41.23 -9.99 15.27
CA ALA B 36 42.07 -9.21 16.16
C ALA B 36 43.26 -8.63 15.42
N ASP B 37 43.90 -9.42 14.57
CA ASP B 37 45.06 -8.95 13.81
C ASP B 37 45.04 -9.33 12.33
N LYS B 38 44.17 -10.24 11.90
CA LYS B 38 44.11 -10.59 10.50
C LYS B 38 43.54 -9.43 9.68
N PRO B 39 43.92 -9.32 8.41
CA PRO B 39 43.35 -8.27 7.56
C PRO B 39 41.86 -8.48 7.39
N THR B 40 41.15 -7.36 7.23
CA THR B 40 39.69 -7.42 7.12
C THR B 40 39.27 -8.21 5.89
N LEU B 41 38.33 -9.13 6.09
CA LEU B 41 37.86 -10.01 5.03
C LEU B 41 36.36 -9.84 4.85
N ASP B 42 35.94 -9.58 3.62
CA ASP B 42 34.53 -9.48 3.29
C ASP B 42 34.19 -10.50 2.22
N ILE B 43 33.17 -11.30 2.49
CA ILE B 43 32.76 -12.41 1.62
C ILE B 43 31.33 -12.16 1.16
N ARG B 44 31.09 -12.31 -0.14
CA ARG B 44 29.76 -12.11 -0.68
C ARG B 44 29.47 -13.19 -1.71
N MET B 45 28.35 -13.88 -1.55
CA MET B 45 27.92 -14.86 -2.55
C MET B 45 27.21 -14.12 -3.67
N MET B 46 27.86 -14.03 -4.83
CA MET B 46 27.35 -13.20 -5.90
C MET B 46 26.08 -13.77 -6.50
N ASN B 47 26.09 -15.06 -6.83
CA ASN B 47 24.94 -15.67 -7.50
C ASN B 47 25.06 -17.18 -7.42
N ILE B 48 24.01 -17.86 -7.87
CA ILE B 48 23.94 -19.31 -7.94
C ILE B 48 23.70 -19.70 -9.39
N GLU B 49 24.49 -20.64 -9.89
CA GLU B 49 24.40 -21.07 -11.28
C GLU B 49 24.10 -22.56 -11.34
N ALA B 50 23.12 -22.93 -12.16
CA ALA B 50 22.74 -24.32 -12.37
C ALA B 50 22.63 -24.59 -13.86
N THR B 51 22.92 -25.82 -14.26
CA THR B 51 22.93 -26.20 -15.67
C THR B 51 22.33 -27.59 -15.82
N ASN B 52 21.88 -27.89 -17.04
CA ASN B 52 21.34 -29.20 -17.39
C ASN B 52 20.13 -29.57 -16.52
N LEU B 53 19.08 -28.78 -16.67
CA LEU B 53 17.82 -29.03 -15.98
C LEU B 53 16.93 -29.95 -16.82
N ALA B 54 16.04 -30.67 -16.14
CA ALA B 54 15.15 -31.62 -16.78
C ALA B 54 13.70 -31.23 -16.52
N LEU B 55 12.85 -31.49 -17.50
CA LEU B 55 11.43 -31.16 -17.40
C LEU B 55 10.71 -32.13 -16.48
N VAL B 56 9.63 -31.66 -15.87
CA VAL B 56 8.77 -32.47 -15.02
C VAL B 56 7.34 -32.52 -15.54
N ARG B 57 6.79 -31.38 -15.93
CA ARG B 57 5.45 -31.31 -16.50
C ARG B 57 5.42 -30.24 -17.57
N ASN B 58 4.28 -30.14 -18.25
CA ASN B 58 4.02 -29.10 -19.25
C ASN B 58 2.57 -28.68 -19.09
N TYR B 59 2.35 -27.63 -18.30
CA TYR B 59 1.01 -27.06 -18.17
C TYR B 59 0.70 -26.18 -19.38
N CYS B 60 -0.57 -26.14 -19.75
CA CYS B 60 -1.02 -25.36 -20.90
C CYS B 60 -1.87 -24.20 -20.41
N TYR B 61 -1.50 -22.99 -20.83
CA TYR B 61 -2.29 -21.81 -20.55
C TYR B 61 -3.05 -21.30 -21.75
N ALA B 62 -2.69 -21.73 -22.96
CA ALA B 62 -3.40 -21.36 -24.18
C ALA B 62 -3.78 -22.63 -24.92
N ALA B 63 -5.05 -22.71 -25.32
CA ALA B 63 -5.55 -23.87 -26.03
C ALA B 63 -6.32 -23.45 -27.27
N THR B 64 -6.29 -24.30 -28.29
CA THR B 64 -7.01 -24.07 -29.54
C THR B 64 -7.90 -25.28 -29.80
N VAL B 65 -9.18 -25.01 -30.08
CA VAL B 65 -10.18 -26.06 -30.25
C VAL B 65 -10.78 -25.95 -31.64
N SER B 66 -10.81 -27.06 -32.36
CA SER B 66 -11.37 -27.11 -33.70
C SER B 66 -11.97 -28.50 -33.93
N ASP B 67 -12.47 -28.72 -35.14
CA ASP B 67 -13.00 -30.02 -35.56
C ASP B 67 -14.09 -30.50 -34.60
N VAL B 68 -15.01 -29.60 -34.26
CA VAL B 68 -16.08 -29.91 -33.32
C VAL B 68 -17.13 -30.75 -34.03
N SER B 69 -17.33 -31.97 -33.55
CA SER B 69 -18.34 -32.87 -34.09
C SER B 69 -19.14 -33.46 -32.94
N THR B 70 -20.42 -33.75 -33.20
CA THR B 70 -21.30 -34.24 -32.16
C THR B 70 -22.24 -35.29 -32.74
N VAL B 71 -22.70 -36.18 -31.87
CA VAL B 71 -23.67 -37.21 -32.21
C VAL B 71 -24.75 -37.21 -31.15
N SER B 72 -26.00 -37.39 -31.58
CA SER B 72 -27.15 -37.33 -30.69
C SER B 72 -27.97 -38.61 -30.80
N ASN B 73 -28.57 -39.01 -29.69
CA ASN B 73 -29.42 -40.19 -29.62
C ASN B 73 -30.80 -39.78 -29.12
N CYS B 74 -31.80 -40.61 -29.46
CA CYS B 74 -33.15 -40.37 -29.01
C CYS B 74 -33.25 -40.57 -27.50
N PRO B 75 -34.22 -39.93 -26.86
CA PRO B 75 -34.39 -40.12 -25.41
C PRO B 75 -34.65 -41.57 -25.05
N THR B 76 -34.12 -41.98 -23.91
CA THR B 76 -34.24 -43.34 -23.39
C THR B 76 -33.68 -44.40 -24.34
N THR B 77 -32.75 -44.00 -25.21
CA THR B 77 -32.08 -44.93 -26.10
C THR B 77 -30.58 -44.98 -25.87
N GLY B 78 -30.14 -44.78 -24.63
CA GLY B 78 -28.73 -44.86 -24.30
C GLY B 78 -27.99 -43.57 -24.60
N GLU B 79 -26.69 -43.61 -24.34
CA GLU B 79 -25.81 -42.47 -24.56
C GLU B 79 -25.30 -42.48 -26.00
N SER B 80 -24.83 -41.31 -26.44
CA SER B 80 -24.41 -41.17 -27.83
C SER B 80 -23.19 -42.03 -28.13
N HIS B 81 -22.19 -42.00 -27.25
CA HIS B 81 -20.96 -42.79 -27.40
C HIS B 81 -20.27 -42.46 -28.72
N ASN B 82 -19.80 -41.21 -28.81
CA ASN B 82 -19.14 -40.74 -30.01
C ASN B 82 -17.90 -41.58 -30.31
N THR B 83 -17.68 -41.84 -31.60
CA THR B 83 -16.57 -42.69 -32.03
C THR B 83 -15.22 -42.05 -31.80
N LYS B 84 -15.17 -40.73 -31.58
CA LYS B 84 -13.90 -40.04 -31.41
C LYS B 84 -13.39 -40.09 -29.98
N ARG B 85 -14.14 -40.68 -29.04
CA ARG B 85 -13.68 -40.75 -27.66
C ARG B 85 -12.42 -41.59 -27.54
N ALA B 86 -12.37 -42.73 -28.24
CA ALA B 86 -11.15 -43.53 -28.24
C ALA B 86 -10.04 -42.85 -29.04
N ASP B 87 -10.41 -42.09 -30.06
CA ASP B 87 -9.43 -41.31 -30.81
C ASP B 87 -8.79 -40.28 -29.90
N HIS B 88 -7.47 -40.37 -29.73
CA HIS B 88 -6.77 -39.49 -28.82
C HIS B 88 -6.73 -38.07 -29.37
N ASN B 89 -6.34 -37.13 -28.51
CA ASN B 89 -6.32 -35.71 -28.84
C ASN B 89 -7.71 -35.18 -29.18
N TYR B 90 -8.74 -35.82 -28.64
CA TYR B 90 -10.12 -35.40 -28.84
C TYR B 90 -10.81 -35.39 -27.48
N LEU B 91 -11.23 -34.20 -27.05
CA LEU B 91 -11.95 -34.06 -25.78
C LEU B 91 -13.44 -34.22 -26.01
N CYS B 92 -14.06 -35.16 -25.31
CA CYS B 92 -15.47 -35.46 -25.47
C CYS B 92 -16.19 -35.31 -24.14
N LYS B 93 -17.37 -34.70 -24.17
CA LYS B 93 -18.21 -34.56 -23.00
C LYS B 93 -19.66 -34.89 -23.39
N ARG B 94 -20.33 -35.65 -22.53
CA ARG B 94 -21.70 -36.06 -22.77
C ARG B 94 -22.67 -35.13 -22.04
N GLY B 95 -23.65 -34.61 -22.78
CA GLY B 95 -24.67 -33.78 -22.20
C GLY B 95 -26.05 -34.30 -22.55
N VAL B 96 -27.06 -33.66 -21.98
CA VAL B 96 -28.45 -34.03 -22.19
C VAL B 96 -29.19 -32.84 -22.79
N THR B 97 -29.92 -33.10 -23.88
CA THR B 97 -30.74 -32.09 -24.53
C THR B 97 -32.14 -32.65 -24.75
N ASP B 98 -33.14 -31.78 -24.69
CA ASP B 98 -34.51 -32.21 -24.91
C ASP B 98 -34.75 -32.46 -26.39
N ARG B 99 -35.41 -33.58 -26.70
CA ARG B 99 -35.70 -33.98 -28.05
C ARG B 99 -37.20 -34.20 -28.22
N GLY B 100 -37.73 -33.75 -29.35
CA GLY B 100 -39.14 -33.94 -29.65
C GLY B 100 -39.35 -34.29 -31.10
N TRP B 101 -40.61 -34.27 -31.55
CA TRP B 101 -40.88 -34.53 -32.95
C TRP B 101 -40.40 -33.40 -33.85
N GLY B 102 -40.29 -32.18 -33.30
CA GLY B 102 -39.75 -31.09 -34.09
C GLY B 102 -38.28 -31.29 -34.45
N ASN B 103 -37.53 -31.91 -33.54
CA ASN B 103 -36.11 -32.15 -33.76
C ASN B 103 -35.84 -33.37 -34.63
N GLY B 104 -36.87 -34.12 -35.01
CA GLY B 104 -36.71 -35.29 -35.85
C GLY B 104 -36.77 -36.62 -35.12
N CYS B 105 -36.74 -36.61 -33.80
CA CYS B 105 -36.82 -37.84 -33.02
C CYS B 105 -38.25 -38.35 -32.96
N GLY B 106 -38.40 -39.56 -32.42
CA GLY B 106 -39.71 -40.17 -32.28
C GLY B 106 -40.32 -39.99 -30.91
N LEU B 107 -39.50 -39.96 -29.87
CA LEU B 107 -39.97 -39.84 -28.50
C LEU B 107 -39.68 -38.44 -27.96
N PHE B 108 -40.10 -38.20 -26.72
CA PHE B 108 -39.88 -36.95 -26.03
C PHE B 108 -39.10 -37.20 -24.75
N GLY B 109 -38.19 -36.29 -24.44
CA GLY B 109 -37.41 -36.37 -23.23
C GLY B 109 -36.02 -35.83 -23.46
N LYS B 110 -35.15 -36.02 -22.45
CA LYS B 110 -33.77 -35.56 -22.50
C LYS B 110 -32.93 -36.59 -23.23
N GLY B 111 -32.60 -36.30 -24.48
CA GLY B 111 -31.77 -37.20 -25.28
C GLY B 111 -30.31 -36.86 -25.11
N SER B 112 -29.51 -37.88 -24.80
CA SER B 112 -28.09 -37.66 -24.55
C SER B 112 -27.38 -37.24 -25.82
N ILE B 113 -26.40 -36.35 -25.66
CA ILE B 113 -25.59 -35.85 -26.77
C ILE B 113 -24.14 -35.84 -26.33
N ASP B 114 -23.26 -36.34 -27.20
CA ASP B 114 -21.83 -36.41 -26.93
C ASP B 114 -21.10 -35.58 -27.97
N THR B 115 -20.34 -34.58 -27.51
CA THR B 115 -19.62 -33.67 -28.38
C THR B 115 -18.12 -33.86 -28.17
N CYS B 116 -17.40 -34.10 -29.26
CA CYS B 116 -15.95 -34.28 -29.22
C CYS B 116 -15.27 -33.10 -29.91
N ALA B 117 -14.20 -32.61 -29.31
CA ALA B 117 -13.49 -31.45 -29.82
C ALA B 117 -12.00 -31.73 -29.85
N LYS B 118 -11.33 -31.25 -30.90
CA LYS B 118 -9.90 -31.43 -31.06
C LYS B 118 -9.17 -30.44 -30.17
N PHE B 119 -8.51 -30.95 -29.12
CA PHE B 119 -7.79 -30.10 -28.17
C PHE B 119 -6.35 -29.98 -28.62
N THR B 120 -5.98 -28.79 -29.10
CA THR B 120 -4.61 -28.48 -29.46
C THR B 120 -4.13 -27.30 -28.62
N CYS B 121 -2.99 -27.47 -27.96
CA CYS B 121 -2.45 -26.47 -27.06
C CYS B 121 -1.30 -25.73 -27.75
N SER B 122 -1.45 -24.42 -27.91
CA SER B 122 -0.45 -23.65 -28.63
C SER B 122 0.81 -23.45 -27.81
N ASN B 123 0.67 -23.09 -26.54
CA ASN B 123 1.80 -22.72 -25.70
C ASN B 123 1.73 -23.47 -24.37
N SER B 124 2.89 -23.95 -23.91
CA SER B 124 3.00 -24.72 -22.69
C SER B 124 3.94 -24.03 -21.71
N ALA B 125 3.57 -24.06 -20.43
CA ALA B 125 4.40 -23.48 -19.37
C ALA B 125 5.21 -24.61 -18.74
N ALA B 126 6.34 -24.90 -19.36
CA ALA B 126 7.17 -26.02 -18.93
C ALA B 126 7.77 -25.76 -17.55
N GLY B 127 7.78 -26.79 -16.72
CA GLY B 127 8.40 -26.75 -15.41
C GLY B 127 9.61 -27.67 -15.38
N ARG B 128 10.64 -27.27 -14.65
CA ARG B 128 11.89 -28.01 -14.59
C ARG B 128 12.33 -28.16 -13.14
N LEU B 129 13.23 -29.11 -12.91
CA LEU B 129 13.81 -29.33 -11.60
C LEU B 129 15.32 -29.13 -11.68
N ILE B 130 15.92 -28.84 -10.53
CA ILE B 130 17.35 -28.53 -10.44
C ILE B 130 18.06 -29.74 -9.85
N LEU B 131 19.04 -30.26 -10.58
CA LEU B 131 19.81 -31.40 -10.11
C LEU B 131 20.74 -30.95 -8.99
N PRO B 132 20.77 -31.66 -7.85
CA PRO B 132 21.62 -31.22 -6.72
C PRO B 132 23.10 -31.22 -7.05
N GLU B 133 23.54 -31.96 -8.07
CA GLU B 133 24.96 -31.98 -8.41
C GLU B 133 25.36 -30.86 -9.35
N ASP B 134 24.44 -30.37 -10.17
CA ASP B 134 24.79 -29.35 -11.15
C ASP B 134 24.73 -27.94 -10.57
N ILE B 135 24.13 -27.76 -9.39
CA ILE B 135 24.02 -26.44 -8.81
C ILE B 135 25.36 -26.06 -8.18
N LYS B 136 26.00 -25.03 -8.73
CA LYS B 136 27.27 -24.55 -8.23
C LYS B 136 27.16 -23.08 -7.88
N TYR B 137 27.62 -22.72 -6.69
CA TYR B 137 27.57 -21.34 -6.24
C TYR B 137 28.74 -20.56 -6.82
N GLU B 138 28.75 -19.26 -6.56
CA GLU B 138 29.84 -18.38 -6.98
C GLU B 138 30.10 -17.39 -5.86
N VAL B 139 31.17 -17.62 -5.10
CA VAL B 139 31.49 -16.82 -3.93
C VAL B 139 32.69 -15.95 -4.25
N GLY B 140 32.58 -14.65 -4.00
CA GLY B 140 33.66 -13.71 -4.18
C GLY B 140 34.18 -13.25 -2.82
N VAL B 141 35.49 -13.31 -2.66
CA VAL B 141 36.15 -12.93 -1.42
C VAL B 141 37.05 -11.74 -1.68
N PHE B 142 37.17 -10.87 -0.67
CA PHE B 142 37.92 -9.63 -0.81
C PHE B 142 38.69 -9.37 0.49
N VAL B 143 39.84 -8.73 0.35
CA VAL B 143 40.63 -8.27 1.49
C VAL B 143 40.76 -6.76 1.39
N HIS B 144 40.45 -6.08 2.49
CA HIS B 144 40.40 -4.61 2.49
C HIS B 144 41.82 -4.05 2.46
N GLY B 145 42.37 -3.98 1.25
CA GLY B 145 43.62 -3.30 1.02
C GLY B 145 43.40 -1.82 0.75
N SER B 146 44.39 -1.23 0.10
CA SER B 146 44.34 0.18 -0.27
C SER B 146 44.05 0.29 -1.76
N THR B 147 42.89 0.83 -2.10
CA THR B 147 42.50 1.01 -3.49
C THR B 147 41.76 2.34 -3.64
N ASP B 148 41.85 2.90 -4.84
CA ASP B 148 41.09 4.10 -5.17
C ASP B 148 39.59 3.79 -5.17
N SER B 149 38.79 4.80 -4.84
CA SER B 149 37.34 4.61 -4.81
C SER B 149 36.81 4.23 -6.19
N THR B 150 37.37 4.84 -7.24
CA THR B 150 36.97 4.47 -8.60
C THR B 150 37.29 3.01 -8.90
N SER B 151 38.46 2.55 -8.44
CA SER B 151 38.90 1.18 -8.67
C SER B 151 38.51 0.24 -7.55
N HIS B 152 37.85 0.73 -6.50
CA HIS B 152 37.47 -0.14 -5.39
C HIS B 152 36.46 -1.20 -5.82
N GLY B 153 35.49 -0.81 -6.66
CA GLY B 153 34.51 -1.75 -7.16
C GLY B 153 34.86 -2.43 -8.46
N ASN B 154 35.84 -1.91 -9.19
CA ASN B 154 36.24 -2.50 -10.47
C ASN B 154 36.99 -3.80 -10.21
N TYR B 155 36.52 -4.88 -10.82
CA TYR B 155 37.08 -6.19 -10.50
C TYR B 155 38.44 -6.41 -11.17
N SER B 156 38.63 -5.88 -12.39
CA SER B 156 39.85 -6.16 -13.13
C SER B 156 41.08 -5.68 -12.39
N THR B 157 41.02 -4.46 -11.83
CA THR B 157 42.16 -3.95 -11.08
C THR B 157 42.38 -4.73 -9.78
N GLN B 158 41.31 -5.25 -9.18
CA GLN B 158 41.46 -6.02 -7.95
C GLN B 158 42.08 -7.38 -8.23
N ILE B 159 41.60 -8.07 -9.27
CA ILE B 159 42.18 -9.37 -9.61
C ILE B 159 43.61 -9.19 -10.11
N GLY B 160 43.91 -8.06 -10.74
CA GLY B 160 45.30 -7.76 -11.08
C GLY B 160 46.17 -7.58 -9.86
N ALA B 161 45.61 -6.94 -8.82
CA ALA B 161 46.33 -6.70 -7.58
C ALA B 161 46.19 -7.86 -6.59
N ASN B 162 45.46 -8.91 -6.96
CA ASN B 162 45.29 -10.10 -6.12
C ASN B 162 44.64 -9.76 -4.78
N GLN B 163 43.80 -8.73 -4.74
CA GLN B 163 43.05 -8.40 -3.54
C GLN B 163 41.65 -8.99 -3.54
N ALA B 164 41.23 -9.63 -4.63
CA ALA B 164 39.90 -10.21 -4.72
C ALA B 164 39.89 -11.27 -5.81
N VAL B 165 39.25 -12.41 -5.51
CA VAL B 165 39.11 -13.49 -6.47
C VAL B 165 37.68 -14.00 -6.43
N ARG B 166 37.27 -14.61 -7.54
CA ARG B 166 35.98 -15.28 -7.64
C ARG B 166 36.22 -16.78 -7.77
N PHE B 167 35.62 -17.56 -6.88
CA PHE B 167 35.72 -19.01 -6.93
C PHE B 167 34.33 -19.61 -6.77
N THR B 168 34.16 -20.80 -7.35
CA THR B 168 32.88 -21.49 -7.38
C THR B 168 32.91 -22.66 -6.42
N ILE B 169 31.81 -22.88 -5.71
CA ILE B 169 31.66 -23.97 -4.77
C ILE B 169 30.67 -24.97 -5.34
N SER B 170 31.09 -26.22 -5.43
CA SER B 170 30.33 -27.30 -6.04
C SER B 170 30.27 -28.47 -5.07
N PRO B 171 29.27 -29.34 -5.19
CA PRO B 171 29.18 -30.48 -4.27
C PRO B 171 30.43 -31.35 -4.19
N ASN B 172 31.12 -31.55 -5.31
CA ASN B 172 32.36 -32.31 -5.30
C ASN B 172 33.58 -31.46 -4.99
N ALA B 173 33.42 -30.14 -4.88
CA ALA B 173 34.51 -29.23 -4.53
C ALA B 173 34.04 -28.32 -3.40
N PRO B 174 33.86 -28.85 -2.20
CA PRO B 174 33.30 -28.03 -1.11
C PRO B 174 34.31 -27.07 -0.51
N ALA B 175 35.57 -27.48 -0.43
CA ALA B 175 36.63 -26.69 0.18
C ALA B 175 37.56 -26.18 -0.91
N ILE B 176 37.58 -24.86 -1.10
CA ILE B 176 38.43 -24.20 -2.09
C ILE B 176 39.26 -23.15 -1.37
N THR B 177 40.58 -23.21 -1.55
CA THR B 177 41.51 -22.27 -0.95
C THR B 177 42.03 -21.33 -2.02
N ALA B 178 41.91 -20.03 -1.77
CA ALA B 178 42.30 -19.00 -2.72
C ALA B 178 43.53 -18.26 -2.21
N LYS B 179 44.57 -18.24 -3.03
CA LYS B 179 45.80 -17.55 -2.68
C LYS B 179 45.77 -16.11 -3.18
N MET B 180 46.47 -15.24 -2.47
CA MET B 180 46.52 -13.81 -2.78
C MET B 180 47.97 -13.37 -2.85
N GLY B 181 48.18 -12.07 -3.06
CA GLY B 181 49.51 -11.52 -3.22
C GLY B 181 50.41 -11.74 -2.03
N ASP B 182 50.08 -11.10 -0.90
CA ASP B 182 50.87 -11.25 0.32
C ASP B 182 50.03 -11.48 1.56
N TYR B 183 48.70 -11.39 1.47
CA TYR B 183 47.83 -11.60 2.63
C TYR B 183 47.71 -13.06 3.03
N GLY B 184 48.11 -13.98 2.17
CA GLY B 184 48.06 -15.40 2.50
C GLY B 184 47.08 -16.17 1.65
N GLU B 185 46.53 -17.25 2.19
CA GLU B 185 45.56 -18.08 1.50
C GLU B 185 44.35 -18.27 2.40
N VAL B 186 43.19 -17.79 1.95
CA VAL B 186 41.96 -17.93 2.72
C VAL B 186 41.28 -19.23 2.31
N THR B 187 41.01 -20.09 3.28
CA THR B 187 40.39 -21.38 3.03
C THR B 187 38.89 -21.29 3.31
N VAL B 188 38.09 -21.73 2.35
CA VAL B 188 36.64 -21.63 2.42
C VAL B 188 36.08 -23.05 2.27
N GLU B 189 35.83 -23.70 3.39
CA GLU B 189 35.30 -25.07 3.43
C GLU B 189 33.84 -24.99 3.84
N CYS B 190 32.95 -25.19 2.86
CA CYS B 190 31.51 -25.04 3.08
C CYS B 190 30.77 -26.17 2.41
N GLU B 191 29.55 -26.43 2.87
CA GLU B 191 28.71 -27.47 2.29
C GLU B 191 27.75 -26.84 1.29
N PRO B 192 27.92 -27.04 0.00
CA PRO B 192 27.02 -26.42 -0.99
C PRO B 192 25.66 -27.09 -1.07
N ARG B 193 25.63 -28.42 -1.02
CA ARG B 193 24.37 -29.14 -1.19
C ARG B 193 23.43 -28.93 -0.02
N SER B 194 23.97 -28.65 1.16
CA SER B 194 23.16 -28.42 2.35
C SER B 194 22.72 -26.97 2.51
N GLY B 195 23.22 -26.07 1.65
CA GLY B 195 22.84 -24.67 1.74
C GLY B 195 21.47 -24.38 1.16
N LEU B 196 21.32 -24.60 -0.15
CA LEU B 196 20.05 -24.42 -0.83
C LEU B 196 19.45 -25.78 -1.13
N ASN B 197 18.23 -26.01 -0.65
CA ASN B 197 17.55 -27.29 -0.87
C ASN B 197 16.85 -27.23 -2.23
N THR B 198 17.33 -28.03 -3.17
CA THR B 198 16.75 -28.13 -4.50
C THR B 198 15.70 -29.24 -4.59
N GLU B 199 15.35 -29.85 -3.46
CA GLU B 199 14.34 -30.90 -3.41
C GLU B 199 12.94 -30.35 -3.20
N ALA B 200 12.78 -29.02 -3.18
CA ALA B 200 11.46 -28.42 -2.99
C ALA B 200 11.22 -27.24 -3.93
N TYR B 201 12.05 -27.08 -4.96
CA TYR B 201 11.94 -25.94 -5.86
C TYR B 201 11.92 -26.41 -7.31
N TYR B 202 11.06 -25.78 -8.10
CA TYR B 202 10.97 -26.01 -9.54
C TYR B 202 11.25 -24.72 -10.28
N VAL B 203 11.69 -24.85 -11.52
CA VAL B 203 11.90 -23.71 -12.41
C VAL B 203 10.79 -23.72 -13.44
N MET B 204 9.90 -22.74 -13.39
CA MET B 204 8.75 -22.67 -14.28
C MET B 204 9.00 -21.64 -15.37
N THR B 205 8.85 -22.05 -16.62
CA THR B 205 9.10 -21.19 -17.77
C THR B 205 7.77 -20.86 -18.43
N ILE B 206 7.27 -19.65 -18.17
CA ILE B 206 6.03 -19.18 -18.76
C ILE B 206 6.41 -18.25 -19.90
N GLY B 207 6.38 -18.77 -21.12
CA GLY B 207 6.79 -17.99 -22.28
C GLY B 207 8.25 -17.61 -22.21
N THR B 208 8.53 -16.33 -21.96
CA THR B 208 9.88 -15.83 -21.81
C THR B 208 10.32 -15.73 -20.36
N LYS B 209 9.41 -15.38 -19.45
CA LYS B 209 9.77 -15.24 -18.04
C LYS B 209 10.04 -16.60 -17.41
N HIS B 210 10.87 -16.60 -16.37
CA HIS B 210 11.19 -17.79 -15.61
C HIS B 210 11.03 -17.49 -14.13
N PHE B 211 10.66 -18.52 -13.37
CA PHE B 211 10.41 -18.37 -11.95
C PHE B 211 10.96 -19.58 -11.21
N LEU B 212 11.05 -19.45 -9.89
CA LEU B 212 11.49 -20.53 -9.01
C LEU B 212 10.37 -20.80 -8.02
N VAL B 213 9.54 -21.79 -8.33
CA VAL B 213 8.31 -22.05 -7.59
C VAL B 213 8.51 -23.29 -6.72
N HIS B 214 7.60 -23.46 -5.75
CA HIS B 214 7.63 -24.63 -4.90
C HIS B 214 7.21 -25.87 -5.67
N ARG B 215 7.65 -27.03 -5.16
CA ARG B 215 7.21 -28.29 -5.75
C ARG B 215 5.76 -28.58 -5.43
N GLU B 216 5.33 -28.29 -4.20
CA GLU B 216 3.95 -28.59 -3.80
C GLU B 216 2.96 -27.71 -4.55
N TRP B 217 3.30 -26.43 -4.76
CA TRP B 217 2.39 -25.54 -5.48
C TRP B 217 2.33 -25.90 -6.95
N PHE B 218 3.47 -26.22 -7.56
CA PHE B 218 3.51 -26.50 -9.00
C PHE B 218 2.75 -27.77 -9.36
N ASN B 219 2.59 -28.71 -8.42
CA ASN B 219 1.87 -29.93 -8.70
C ASN B 219 0.38 -29.82 -8.42
N ASP B 220 -0.08 -28.73 -7.80
CA ASP B 220 -1.49 -28.52 -7.50
C ASP B 220 -2.18 -27.59 -8.48
N LEU B 221 -1.51 -27.19 -9.56
CA LEU B 221 -2.14 -26.33 -10.55
C LEU B 221 -3.26 -27.06 -11.27
N LEU B 222 -4.34 -26.35 -11.55
CA LEU B 222 -5.49 -26.88 -12.27
C LEU B 222 -5.38 -26.42 -13.72
N LEU B 223 -4.55 -27.12 -14.49
CA LEU B 223 -4.34 -26.80 -15.90
C LEU B 223 -4.11 -28.10 -16.65
N PRO B 224 -4.36 -28.10 -17.96
CA PRO B 224 -4.07 -29.31 -18.75
C PRO B 224 -2.58 -29.57 -18.82
N TRP B 225 -2.12 -30.63 -18.15
CA TRP B 225 -0.70 -30.92 -18.03
C TRP B 225 -0.37 -32.25 -18.71
N THR B 226 0.86 -32.36 -19.19
CA THR B 226 1.35 -33.59 -19.77
C THR B 226 2.75 -33.87 -19.24
N SER B 227 3.12 -35.15 -19.28
CA SER B 227 4.49 -35.53 -18.98
C SER B 227 5.42 -35.03 -20.08
N PRO B 228 6.70 -34.83 -19.78
CA PRO B 228 7.62 -34.30 -20.78
C PRO B 228 7.70 -35.18 -22.01
N ALA B 229 7.83 -34.54 -23.18
CA ALA B 229 7.94 -35.21 -24.47
C ALA B 229 6.74 -36.12 -24.74
N SER B 230 5.54 -35.65 -24.38
CA SER B 230 4.31 -36.37 -24.67
C SER B 230 3.23 -35.36 -25.04
N THR B 231 2.26 -35.83 -25.84
CA THR B 231 1.15 -35.00 -26.27
C THR B 231 -0.17 -35.41 -25.62
N GLU B 232 -0.14 -36.32 -24.65
CA GLU B 232 -1.35 -36.77 -23.98
C GLU B 232 -1.68 -35.78 -22.87
N TRP B 233 -2.64 -34.88 -23.15
CA TRP B 233 -3.03 -33.87 -22.17
C TRP B 233 -4.07 -34.46 -21.23
N ARG B 234 -3.79 -34.36 -19.93
CA ARG B 234 -4.68 -34.85 -18.89
C ARG B 234 -5.37 -33.69 -18.20
N ASN B 235 -6.60 -33.94 -17.77
CA ASN B 235 -7.44 -32.92 -17.12
C ASN B 235 -7.56 -31.68 -18.01
N ARG B 236 -7.81 -31.90 -19.29
CA ARG B 236 -7.83 -30.84 -20.27
C ARG B 236 -9.21 -30.24 -20.49
N GLU B 237 -10.21 -30.65 -19.74
CA GLU B 237 -11.54 -30.06 -19.88
C GLU B 237 -11.67 -28.72 -19.19
N ILE B 238 -10.64 -28.29 -18.46
CA ILE B 238 -10.69 -27.00 -17.77
C ILE B 238 -10.64 -25.87 -18.77
N LEU B 239 -9.81 -25.99 -19.80
CA LEU B 239 -9.62 -24.93 -20.78
C LEU B 239 -10.62 -24.96 -21.92
N VAL B 240 -11.51 -25.95 -21.96
CA VAL B 240 -12.51 -26.07 -23.02
C VAL B 240 -13.88 -26.04 -22.39
N GLU B 241 -14.77 -25.21 -22.94
CA GLU B 241 -16.13 -25.08 -22.45
C GLU B 241 -17.12 -25.48 -23.54
N PHE B 242 -18.14 -26.22 -23.16
CA PHE B 242 -19.22 -26.62 -24.05
C PHE B 242 -20.39 -25.67 -23.80
N GLU B 243 -20.76 -24.91 -24.84
CA GLU B 243 -21.66 -23.78 -24.66
C GLU B 243 -23.02 -24.21 -24.15
N GLU B 244 -23.78 -24.95 -24.97
CA GLU B 244 -25.15 -25.25 -24.62
C GLU B 244 -25.65 -26.48 -25.37
N PRO B 245 -26.30 -27.41 -24.70
CA PRO B 245 -26.81 -28.60 -25.40
C PRO B 245 -27.95 -28.25 -26.34
N HIS B 246 -27.68 -28.29 -27.64
CA HIS B 246 -28.67 -28.00 -28.66
C HIS B 246 -28.86 -29.24 -29.53
N ALA B 247 -30.03 -29.33 -30.15
CA ALA B 247 -30.35 -30.50 -30.95
C ALA B 247 -29.42 -30.60 -32.15
N THR B 248 -28.72 -31.73 -32.26
CA THR B 248 -27.85 -32.06 -33.39
C THR B 248 -26.71 -31.05 -33.59
N LYS B 249 -26.39 -30.26 -32.57
CA LYS B 249 -25.31 -29.29 -32.66
C LYS B 249 -24.98 -28.79 -31.27
N GLN B 250 -23.69 -28.60 -31.00
CA GLN B 250 -23.24 -28.02 -29.73
C GLN B 250 -21.91 -27.33 -29.99
N SER B 251 -21.95 -26.01 -30.17
CA SER B 251 -20.72 -25.25 -30.36
C SER B 251 -19.93 -25.22 -29.06
N VAL B 252 -18.61 -25.38 -29.17
CA VAL B 252 -17.73 -25.36 -28.02
C VAL B 252 -16.73 -24.24 -28.20
N VAL B 253 -16.30 -23.66 -27.08
CA VAL B 253 -15.38 -22.53 -27.08
C VAL B 253 -14.32 -22.75 -26.01
N ALA B 254 -13.09 -22.38 -26.32
CA ALA B 254 -11.98 -22.47 -25.39
C ALA B 254 -11.65 -21.09 -24.83
N LEU B 255 -11.11 -21.07 -23.63
CA LEU B 255 -10.67 -19.82 -23.03
C LEU B 255 -9.47 -19.27 -23.77
N GLY B 256 -9.41 -17.94 -23.88
CA GLY B 256 -8.43 -17.33 -24.78
C GLY B 256 -7.00 -17.61 -24.39
N SER B 257 -6.67 -17.46 -23.11
CA SER B 257 -5.32 -17.69 -22.62
C SER B 257 -5.40 -17.86 -21.11
N GLN B 258 -4.25 -18.11 -20.49
CA GLN B 258 -4.18 -18.15 -19.04
C GLN B 258 -2.88 -17.55 -18.51
N GLU B 259 -2.16 -16.77 -19.32
CA GLU B 259 -0.93 -16.15 -18.85
C GLU B 259 -1.19 -15.21 -17.68
N GLY B 260 -2.25 -14.41 -17.77
CA GLY B 260 -2.56 -13.49 -16.69
C GLY B 260 -2.87 -14.19 -15.38
N ALA B 261 -3.63 -15.29 -15.47
CA ALA B 261 -3.95 -16.05 -14.26
C ALA B 261 -2.70 -16.64 -13.63
N LEU B 262 -1.78 -17.16 -14.47
CA LEU B 262 -0.54 -17.70 -13.95
C LEU B 262 0.32 -16.61 -13.32
N HIS B 263 0.48 -15.48 -14.00
CA HIS B 263 1.31 -14.41 -13.49
C HIS B 263 0.75 -13.86 -12.18
N GLN B 264 -0.58 -13.74 -12.09
CA GLN B 264 -1.19 -13.34 -10.82
C GLN B 264 -1.02 -14.42 -9.76
N ALA B 265 -1.01 -15.70 -10.17
CA ALA B 265 -0.84 -16.78 -9.21
C ALA B 265 0.59 -16.85 -8.67
N LEU B 266 1.56 -16.32 -9.40
CA LEU B 266 2.96 -16.32 -8.96
C LEU B 266 3.22 -15.09 -8.10
N ALA B 267 2.52 -15.03 -6.98
CA ALA B 267 2.65 -13.90 -6.06
C ALA B 267 4.06 -13.82 -5.49
N GLY B 268 4.47 -14.84 -4.75
CA GLY B 268 5.76 -14.86 -4.10
C GLY B 268 6.85 -15.60 -4.85
N ALA B 269 6.63 -15.93 -6.12
CA ALA B 269 7.65 -16.64 -6.89
C ALA B 269 8.86 -15.74 -7.08
N ILE B 270 10.04 -16.37 -7.11
CA ILE B 270 11.31 -15.66 -7.20
C ILE B 270 11.76 -15.69 -8.67
N PRO B 271 11.76 -14.57 -9.38
CA PRO B 271 12.20 -14.58 -10.77
C PRO B 271 13.67 -14.95 -10.88
N VAL B 272 14.00 -15.67 -11.96
CA VAL B 272 15.36 -16.12 -12.22
C VAL B 272 15.69 -15.84 -13.68
N GLU B 273 16.99 -15.84 -13.96
CA GLU B 273 17.50 -15.65 -15.32
C GLU B 273 17.86 -17.01 -15.90
N PHE B 274 17.25 -17.36 -17.02
CA PHE B 274 17.45 -18.65 -17.66
C PHE B 274 17.88 -18.40 -19.10
N SER B 275 19.04 -18.93 -19.47
CA SER B 275 19.57 -18.73 -20.82
C SER B 275 20.52 -19.88 -21.15
N SER B 276 20.29 -20.53 -22.29
CA SER B 276 21.10 -21.65 -22.74
C SER B 276 21.15 -22.75 -21.68
N SER B 277 20.02 -22.97 -21.02
CA SER B 277 19.90 -23.97 -19.94
C SER B 277 20.88 -23.71 -18.82
N THR B 278 21.20 -22.44 -18.56
CA THR B 278 22.12 -22.06 -17.48
C THR B 278 21.36 -21.16 -16.51
N LEU B 279 20.83 -21.77 -15.45
CA LEU B 279 20.12 -21.01 -14.43
C LEU B 279 21.07 -20.04 -13.75
N LYS B 280 20.56 -18.85 -13.42
CA LYS B 280 21.38 -17.80 -12.79
C LYS B 280 20.47 -16.96 -11.89
N LEU B 281 20.45 -17.31 -10.61
CA LEU B 281 19.70 -16.56 -9.61
C LEU B 281 20.67 -15.99 -8.57
N THR B 282 20.40 -14.76 -8.13
CA THR B 282 21.26 -14.09 -7.18
C THR B 282 20.81 -14.23 -5.73
N SER B 283 19.71 -14.94 -5.47
CA SER B 283 19.21 -15.10 -4.11
C SER B 283 19.70 -16.42 -3.53
N GLY B 284 19.18 -16.76 -2.36
CA GLY B 284 19.53 -17.98 -1.67
C GLY B 284 20.60 -17.73 -0.62
N HIS B 285 20.98 -18.81 0.06
CA HIS B 285 22.02 -18.74 1.08
C HIS B 285 22.91 -19.96 0.96
N LEU B 286 24.05 -19.91 1.65
CA LEU B 286 25.05 -20.98 1.57
C LEU B 286 25.81 -21.00 2.89
N LYS B 287 25.45 -21.95 3.77
CA LYS B 287 26.13 -22.09 5.05
C LYS B 287 27.61 -22.31 4.84
N CYS B 288 28.44 -21.38 5.31
CA CYS B 288 29.85 -21.36 4.98
C CYS B 288 30.69 -21.26 6.25
N ARG B 289 31.86 -21.89 6.21
CA ARG B 289 32.87 -21.75 7.25
C ARG B 289 34.19 -21.35 6.60
N VAL B 290 34.81 -20.29 7.12
CA VAL B 290 36.04 -19.74 6.57
C VAL B 290 37.13 -19.86 7.62
N LYS B 291 38.27 -20.43 7.23
CA LYS B 291 39.40 -20.64 8.13
C LYS B 291 40.47 -19.60 7.79
N MET B 292 40.79 -18.75 8.76
CA MET B 292 41.70 -17.63 8.56
C MET B 292 43.04 -17.84 9.26
N GLU B 293 43.45 -19.09 9.45
CA GLU B 293 44.74 -19.36 10.06
C GLU B 293 45.89 -18.94 9.15
N LYS B 294 45.74 -19.13 7.84
CA LYS B 294 46.76 -18.77 6.87
C LYS B 294 46.69 -17.32 6.43
N LEU B 295 45.70 -16.56 6.91
CA LEU B 295 45.57 -15.16 6.56
C LEU B 295 46.52 -14.33 7.42
N LYS B 296 47.23 -13.39 6.78
CA LYS B 296 48.22 -12.58 7.47
C LYS B 296 48.24 -11.18 6.89
N LEU B 297 48.79 -10.25 7.65
CA LEU B 297 48.85 -8.86 7.25
C LEU B 297 49.92 -8.62 6.20
N LYS B 298 49.85 -7.47 5.55
CA LYS B 298 50.82 -7.02 4.57
C LYS B 298 51.21 -5.60 4.86
N GLY B 299 52.50 -5.29 4.68
CA GLY B 299 52.97 -3.93 4.86
C GLY B 299 53.25 -3.52 6.28
N THR B 300 53.25 -4.46 7.23
CA THR B 300 53.54 -4.11 8.62
C THR B 300 54.98 -3.65 8.83
N THR B 301 55.87 -3.94 7.88
CA THR B 301 57.26 -3.51 8.02
C THR B 301 57.40 -2.00 7.86
N TYR B 302 56.56 -1.38 7.04
CA TYR B 302 56.68 0.04 6.77
C TYR B 302 56.36 0.86 8.02
N GLY B 303 57.04 2.01 8.14
CA GLY B 303 56.79 2.95 9.21
C GLY B 303 55.71 3.94 8.86
N MET B 304 55.54 4.92 9.74
CA MET B 304 54.54 5.96 9.53
C MET B 304 55.04 6.99 8.53
N CYS B 305 54.10 7.60 7.82
CA CYS B 305 54.44 8.57 6.79
C CYS B 305 54.69 9.95 7.41
N THR B 306 55.40 10.79 6.66
CA THR B 306 55.82 12.11 7.11
C THR B 306 55.42 13.17 6.09
N GLU B 307 54.18 13.11 5.61
CA GLU B 307 53.67 14.10 4.68
C GLU B 307 52.21 14.39 5.03
N LYS B 308 51.65 15.37 4.33
CA LYS B 308 50.30 15.85 4.61
C LYS B 308 49.27 14.99 3.89
N PHE B 309 48.25 14.55 4.62
CA PHE B 309 47.14 13.80 4.06
C PHE B 309 45.97 14.75 3.84
N THR B 310 45.47 14.81 2.61
CA THR B 310 44.36 15.69 2.26
C THR B 310 43.16 14.84 1.84
N PHE B 311 41.99 15.19 2.38
CA PHE B 311 40.76 14.46 2.05
C PHE B 311 40.36 14.81 0.63
N SER B 312 40.70 13.94 -0.33
CA SER B 312 40.27 14.13 -1.70
C SER B 312 38.75 14.03 -1.83
N LYS B 313 38.15 13.05 -1.17
CA LYS B 313 36.70 12.88 -1.12
C LYS B 313 36.24 13.02 0.32
N ASN B 314 35.21 13.82 0.54
CA ASN B 314 34.72 14.05 1.89
C ASN B 314 34.17 12.76 2.47
N PRO B 315 34.33 12.54 3.77
CA PRO B 315 33.81 11.31 4.39
C PRO B 315 32.30 11.21 4.23
N ALA B 316 31.83 9.98 4.01
CA ALA B 316 30.43 9.68 3.85
C ALA B 316 30.05 8.52 4.75
N ASP B 317 28.78 8.49 5.16
CA ASP B 317 28.28 7.45 6.04
C ASP B 317 27.59 6.36 5.23
N THR B 318 27.96 5.11 5.49
CA THR B 318 27.34 3.99 4.80
C THR B 318 25.93 3.68 5.30
N GLY B 319 25.55 4.19 6.46
CA GLY B 319 24.27 3.91 7.06
C GLY B 319 24.26 2.73 8.02
N HIS B 320 25.32 1.92 8.02
CA HIS B 320 25.45 0.80 8.94
C HIS B 320 26.26 1.17 10.18
N GLY B 321 26.64 2.44 10.33
CA GLY B 321 27.47 2.87 11.42
C GLY B 321 28.94 3.07 11.09
N THR B 322 29.32 2.93 9.82
CA THR B 322 30.71 3.05 9.40
C THR B 322 30.85 4.20 8.41
N VAL B 323 31.92 4.97 8.55
CA VAL B 323 32.21 6.10 7.69
C VAL B 323 33.26 5.68 6.66
N VAL B 324 33.13 6.18 5.44
CA VAL B 324 34.06 5.90 4.36
C VAL B 324 34.65 7.23 3.89
N LEU B 325 35.96 7.33 3.90
CA LEU B 325 36.66 8.53 3.49
C LEU B 325 37.82 8.16 2.59
N GLU B 326 38.24 9.11 1.77
CA GLU B 326 39.35 8.92 0.85
C GLU B 326 40.46 9.90 1.17
N LEU B 327 41.69 9.41 1.25
CA LEU B 327 42.85 10.21 1.61
C LEU B 327 43.79 10.33 0.42
N GLN B 328 44.38 11.51 0.26
CA GLN B 328 45.37 11.76 -0.77
C GLN B 328 46.70 12.06 -0.10
N TYR B 329 47.74 11.33 -0.51
CA TYR B 329 49.07 11.50 0.07
C TYR B 329 49.85 12.49 -0.80
N THR B 330 50.13 13.67 -0.24
CA THR B 330 50.80 14.71 -1.02
C THR B 330 52.25 14.36 -1.28
N GLY B 331 52.94 13.80 -0.30
CA GLY B 331 54.35 13.50 -0.44
C GLY B 331 54.61 12.26 -1.28
N SER B 332 55.89 12.00 -1.50
CA SER B 332 56.36 10.82 -2.23
C SER B 332 57.43 10.14 -1.38
N ASP B 333 56.99 9.25 -0.49
CA ASP B 333 57.89 8.50 0.38
C ASP B 333 57.80 6.99 0.15
N GLY B 334 57.30 6.57 -1.02
CA GLY B 334 57.14 5.18 -1.31
C GLY B 334 56.01 4.56 -0.51
N PRO B 335 55.99 3.23 -0.42
CA PRO B 335 54.98 2.57 0.41
C PRO B 335 55.11 2.98 1.87
N CYS B 336 53.97 3.26 2.49
CA CYS B 336 53.93 3.68 3.88
C CYS B 336 52.53 3.48 4.42
N LYS B 337 52.43 3.28 5.73
CA LYS B 337 51.15 3.05 6.38
C LYS B 337 50.60 4.35 6.95
N ILE B 338 49.32 4.59 6.70
CA ILE B 338 48.68 5.85 7.09
C ILE B 338 48.38 5.82 8.59
N PRO B 339 48.81 6.82 9.35
CA PRO B 339 48.51 6.87 10.80
C PRO B 339 47.18 7.55 11.08
N ILE B 340 46.09 6.90 10.68
CA ILE B 340 44.75 7.45 10.80
C ILE B 340 44.01 6.66 11.87
N SER B 341 43.32 7.37 12.76
CA SER B 341 42.54 6.74 13.82
C SER B 341 41.40 7.66 14.21
N SER B 342 40.39 7.08 14.86
CA SER B 342 39.24 7.82 15.33
C SER B 342 39.33 7.99 16.84
N VAL B 343 39.21 9.23 17.30
CA VAL B 343 39.39 9.57 18.71
C VAL B 343 38.14 10.29 19.21
N ALA B 344 37.92 10.20 20.52
CA ALA B 344 36.74 10.82 21.11
C ALA B 344 36.89 12.34 21.19
N SER B 345 38.12 12.84 21.31
CA SER B 345 38.36 14.26 21.39
C SER B 345 39.81 14.53 21.01
N LEU B 346 40.13 15.81 20.80
CA LEU B 346 41.48 16.19 20.42
C LEU B 346 42.42 16.28 21.62
N ASN B 347 41.89 16.46 22.83
CA ASN B 347 42.75 16.62 24.00
C ASN B 347 43.32 15.28 24.47
N ASP B 348 42.56 14.20 24.35
CA ASP B 348 43.00 12.88 24.80
C ASP B 348 43.58 12.03 23.67
N MET B 349 42.94 12.05 22.50
CA MET B 349 43.43 11.32 21.32
C MET B 349 43.60 9.83 21.62
N THR B 350 42.71 9.27 22.42
CA THR B 350 42.77 7.84 22.72
C THR B 350 41.94 7.08 21.70
N PRO B 351 42.53 6.12 20.96
CA PRO B 351 41.75 5.37 19.96
C PRO B 351 40.63 4.56 20.59
N VAL B 352 39.39 4.92 20.30
CA VAL B 352 38.23 4.27 20.91
C VAL B 352 37.40 3.59 19.85
N GLY B 353 37.44 4.10 18.61
CA GLY B 353 36.63 3.56 17.54
C GLY B 353 37.41 2.55 16.73
N ARG B 354 36.83 1.37 16.55
CA ARG B 354 37.46 0.33 15.74
C ARG B 354 37.53 0.76 14.29
N MET B 355 38.55 0.27 13.59
CA MET B 355 38.79 0.63 12.19
C MET B 355 38.60 -0.60 11.33
N VAL B 356 37.68 -0.52 10.38
CA VAL B 356 37.37 -1.67 9.53
C VAL B 356 38.55 -2.00 8.63
N THR B 357 39.09 -0.99 7.95
CA THR B 357 40.25 -1.19 7.08
C THR B 357 41.49 -1.29 7.97
N ALA B 358 41.83 -2.51 8.35
CA ALA B 358 42.95 -2.72 9.25
C ALA B 358 44.26 -2.41 8.55
N ASN B 359 45.09 -1.59 9.20
CA ASN B 359 46.43 -1.23 8.73
C ASN B 359 46.39 -0.69 7.30
N PRO B 360 45.86 0.51 7.08
CA PRO B 360 45.94 1.12 5.74
C PRO B 360 47.37 1.46 5.40
N TYR B 361 47.67 1.43 4.10
CA TYR B 361 49.02 1.74 3.65
C TYR B 361 48.97 2.28 2.23
N VAL B 362 49.76 3.32 1.97
CA VAL B 362 49.88 3.84 0.62
C VAL B 362 50.63 2.82 -0.23
N ALA B 363 50.00 2.37 -1.31
CA ALA B 363 50.59 1.31 -2.12
C ALA B 363 51.65 1.85 -3.08
N SER B 364 51.25 2.76 -3.96
CA SER B 364 52.16 3.27 -4.97
C SER B 364 53.14 4.27 -4.36
N SER B 365 54.25 4.48 -5.09
CA SER B 365 55.26 5.46 -4.72
C SER B 365 55.10 6.77 -5.45
N THR B 366 54.00 6.95 -6.17
CA THR B 366 53.76 8.18 -6.91
C THR B 366 53.55 9.35 -5.95
N ALA B 367 53.82 10.56 -6.44
CA ALA B 367 53.69 11.74 -5.61
C ALA B 367 52.27 11.94 -5.13
N ASN B 368 51.28 11.71 -6.00
CA ASN B 368 49.88 11.83 -5.65
C ASN B 368 49.23 10.45 -5.73
N ALA B 369 48.81 9.93 -4.59
CA ALA B 369 48.14 8.63 -4.50
C ALA B 369 46.90 8.78 -3.64
N LYS B 370 45.87 8.01 -3.99
CA LYS B 370 44.58 8.06 -3.30
C LYS B 370 44.30 6.72 -2.65
N VAL B 371 43.92 6.76 -1.38
CA VAL B 371 43.67 5.56 -0.58
C VAL B 371 42.29 5.68 0.04
N LEU B 372 41.47 4.64 -0.12
CA LEU B 372 40.16 4.61 0.51
C LEU B 372 40.26 3.97 1.88
N VAL B 373 39.58 4.58 2.87
CA VAL B 373 39.66 4.16 4.25
C VAL B 373 38.24 4.09 4.81
N GLU B 374 37.92 3.00 5.50
CA GLU B 374 36.63 2.83 6.16
C GLU B 374 36.85 2.70 7.65
N ILE B 375 36.12 3.50 8.43
CA ILE B 375 36.26 3.54 9.88
C ILE B 375 34.89 3.28 10.50
N GLU B 376 34.90 2.92 11.78
CA GLU B 376 33.70 2.68 12.57
C GLU B 376 33.75 3.58 13.79
N PRO B 377 33.32 4.83 13.67
CA PRO B 377 33.43 5.77 14.79
C PRO B 377 32.53 5.36 15.94
N PRO B 378 32.87 5.77 17.16
CA PRO B 378 31.97 5.51 18.29
C PRO B 378 30.77 6.46 18.26
N PHE B 379 29.77 6.11 19.06
CA PHE B 379 28.56 6.92 19.12
C PHE B 379 28.85 8.30 19.69
N GLY B 380 28.16 9.30 19.18
CA GLY B 380 28.40 10.67 19.57
C GLY B 380 29.46 11.33 18.70
N ASP B 381 29.84 12.53 19.13
CA ASP B 381 30.85 13.28 18.39
C ASP B 381 32.20 12.57 18.44
N SER B 382 32.91 12.61 17.33
CA SER B 382 34.22 11.99 17.24
C SER B 382 35.05 12.74 16.20
N TYR B 383 36.36 12.60 16.32
CA TYR B 383 37.31 13.24 15.41
C TYR B 383 38.10 12.17 14.67
N ILE B 384 38.32 12.39 13.39
CA ILE B 384 39.13 11.50 12.56
C ILE B 384 40.47 12.19 12.36
N VAL B 385 41.47 11.78 13.13
CA VAL B 385 42.78 12.42 13.16
C VAL B 385 43.75 11.59 12.33
N VAL B 386 44.53 12.27 11.49
CA VAL B 386 45.50 11.61 10.61
C VAL B 386 46.87 12.15 10.97
N GLY B 387 47.60 11.42 11.81
CA GLY B 387 48.94 11.82 12.20
C GLY B 387 48.94 12.73 13.42
N ARG B 388 50.12 13.25 13.72
CA ARG B 388 50.34 14.18 14.82
C ARG B 388 51.10 15.39 14.32
N GLY B 389 51.38 16.31 15.23
CA GLY B 389 52.17 17.48 14.91
C GLY B 389 51.42 18.49 14.07
N ASP B 390 52.20 19.44 13.53
CA ASP B 390 51.64 20.49 12.69
C ASP B 390 51.21 19.98 11.32
N LYS B 391 51.60 18.78 10.94
CA LYS B 391 51.24 18.21 9.66
C LYS B 391 49.97 17.37 9.71
N GLN B 392 49.37 17.21 10.88
CA GLN B 392 48.16 16.41 10.99
C GLN B 392 46.97 17.16 10.39
N ILE B 393 46.01 16.37 9.89
CA ILE B 393 44.76 16.90 9.35
C ILE B 393 43.62 16.23 10.08
N ASN B 394 42.70 17.03 10.61
CA ASN B 394 41.63 16.53 11.45
C ASN B 394 40.28 16.71 10.74
N HIS B 395 39.33 15.84 11.10
CA HIS B 395 37.99 15.90 10.55
C HIS B 395 37.01 15.47 11.64
N HIS B 396 35.90 16.18 11.74
CA HIS B 396 34.90 15.91 12.77
C HIS B 396 33.76 15.09 12.21
N TRP B 397 33.28 14.14 13.00
CA TRP B 397 32.17 13.29 12.60
C TRP B 397 31.25 13.08 13.78
N HIS B 398 29.94 13.20 13.55
CA HIS B 398 28.93 13.04 14.60
C HIS B 398 27.87 12.07 14.06
N LYS B 399 28.08 10.78 14.28
CA LYS B 399 27.11 9.78 13.86
C LYS B 399 25.90 9.80 14.76
N GLU B 400 24.72 9.63 14.17
CA GLU B 400 23.45 9.66 14.90
C GLU B 400 23.13 8.23 15.35
N GLY B 401 23.29 7.98 16.64
CA GLY B 401 22.99 6.66 17.17
C GLY B 401 23.19 6.63 18.68
N SER B 402 22.78 5.51 19.27
CA SER B 402 22.94 5.28 20.70
C SER B 402 23.15 3.79 20.95
N SER B 403 23.75 3.49 22.11
CA SER B 403 24.01 2.11 22.46
C SER B 403 22.73 1.30 22.60
N ILE B 404 21.72 1.88 23.24
CA ILE B 404 20.43 1.19 23.36
C ILE B 404 19.79 1.04 21.98
N GLY B 405 19.85 2.09 21.16
CA GLY B 405 19.32 1.99 19.81
C GLY B 405 20.05 0.95 18.97
N LYS B 406 21.38 0.91 19.11
CA LYS B 406 22.16 -0.10 18.40
C LYS B 406 21.77 -1.50 18.85
N ALA B 407 21.60 -1.70 20.15
CA ALA B 407 21.20 -3.01 20.66
C ALA B 407 19.83 -3.42 20.13
N PHE B 408 18.87 -2.48 20.13
CA PHE B 408 17.54 -2.80 19.62
C PHE B 408 17.58 -3.12 18.13
N SER B 409 18.33 -2.33 17.35
CA SER B 409 18.44 -2.61 15.92
C SER B 409 19.10 -3.94 15.66
N THR B 410 20.15 -4.27 16.42
CA THR B 410 20.82 -5.56 16.25
C THR B 410 19.90 -6.70 16.61
N THR B 411 19.11 -6.56 17.68
CA THR B 411 18.15 -7.60 18.04
C THR B 411 17.10 -7.78 16.96
N LEU B 412 16.60 -6.67 16.40
CA LEU B 412 15.61 -6.76 15.33
C LEU B 412 16.19 -7.44 14.09
N LYS B 413 17.42 -7.07 13.71
CA LYS B 413 18.04 -7.69 12.55
C LYS B 413 18.32 -9.17 12.79
N GLY B 414 18.73 -9.54 14.00
CA GLY B 414 18.93 -10.94 14.31
C GLY B 414 17.63 -11.73 14.27
N ALA B 415 16.54 -11.14 14.77
CA ALA B 415 15.25 -11.80 14.69
C ALA B 415 14.81 -11.99 13.25
N GLN B 416 15.00 -10.96 12.42
CA GLN B 416 14.66 -11.10 11.00
C GLN B 416 15.51 -12.17 10.33
N ARG B 417 16.80 -12.22 10.66
CA ARG B 417 17.68 -13.24 10.12
C ARG B 417 17.24 -14.63 10.53
N LEU B 418 16.85 -14.79 11.80
CA LEU B 418 16.37 -16.08 12.27
C LEU B 418 15.09 -16.49 11.57
N ALA B 419 14.17 -15.54 11.37
CA ALA B 419 12.93 -15.85 10.68
C ALA B 419 13.16 -16.23 9.23
N ALA B 420 14.06 -15.51 8.54
CA ALA B 420 14.30 -15.76 7.13
C ALA B 420 15.10 -17.03 6.90
N LEU B 421 16.15 -17.27 7.69
CA LEU B 421 17.02 -18.41 7.48
C LEU B 421 16.56 -19.65 8.23
N GLY B 422 16.04 -19.49 9.44
CA GLY B 422 15.54 -20.64 10.18
C GLY B 422 16.63 -21.28 11.02
N ASP B 423 16.77 -22.59 10.89
CA ASP B 423 17.72 -23.34 11.71
C ASP B 423 19.16 -22.89 11.45
N THR B 424 19.50 -22.62 10.19
CA THR B 424 20.86 -22.25 9.84
C THR B 424 21.26 -20.88 10.38
N ALA B 425 20.31 -20.08 10.88
CA ALA B 425 20.64 -18.76 11.38
C ALA B 425 21.49 -18.83 12.65
N TRP B 426 21.36 -19.91 13.42
CA TRP B 426 22.15 -20.04 14.64
C TRP B 426 23.64 -20.26 14.36
N ASP B 427 24.01 -20.54 13.12
CA ASP B 427 25.41 -20.74 12.74
C ASP B 427 26.06 -19.46 12.23
N PHE B 428 25.35 -18.34 12.23
CA PHE B 428 25.90 -17.10 11.70
C PHE B 428 26.86 -16.49 12.72
N GLY B 429 28.11 -16.28 12.32
CA GLY B 429 29.09 -15.68 13.20
C GLY B 429 29.41 -16.51 14.43
N SER B 430 29.21 -17.82 14.36
CA SER B 430 29.43 -18.71 15.49
C SER B 430 30.73 -19.48 15.30
N VAL B 431 31.62 -19.39 16.30
CA VAL B 431 32.88 -20.12 16.25
C VAL B 431 32.79 -21.47 16.95
N GLY B 432 31.64 -21.83 17.48
CA GLY B 432 31.44 -23.08 18.18
C GLY B 432 30.93 -22.87 19.58
N GLY B 433 30.78 -23.98 20.29
CA GLY B 433 30.33 -23.97 21.67
C GLY B 433 29.09 -24.83 21.86
N VAL B 434 28.75 -25.01 23.14
CA VAL B 434 27.58 -25.82 23.48
C VAL B 434 26.30 -25.01 23.35
N PHE B 435 26.37 -23.70 23.56
CA PHE B 435 25.16 -22.87 23.47
C PHE B 435 24.57 -22.90 22.07
N ASN B 436 25.42 -22.72 21.05
CA ASN B 436 24.93 -22.65 19.68
C ASN B 436 24.33 -23.98 19.22
N SER B 437 24.99 -25.09 19.55
CA SER B 437 24.47 -26.40 19.12
C SER B 437 23.13 -26.70 19.78
N ILE B 438 23.01 -26.44 21.08
CA ILE B 438 21.74 -26.68 21.77
C ILE B 438 20.65 -25.77 21.22
N GLY B 439 20.99 -24.50 20.99
CA GLY B 439 20.03 -23.58 20.40
C GLY B 439 19.55 -24.02 19.03
N LYS B 440 20.49 -24.48 18.20
CA LYS B 440 20.11 -24.96 16.86
C LYS B 440 19.23 -26.20 16.96
N ALA B 441 19.55 -27.13 17.86
CA ALA B 441 18.73 -28.33 18.01
C ALA B 441 17.32 -27.98 18.45
N VAL B 442 17.20 -27.09 19.43
CA VAL B 442 15.88 -26.68 19.90
C VAL B 442 15.12 -25.95 18.80
N HIS B 443 15.81 -25.09 18.05
CA HIS B 443 15.15 -24.37 16.96
C HIS B 443 14.67 -25.33 15.89
N GLN B 444 15.45 -26.36 15.58
CA GLN B 444 15.01 -27.35 14.60
C GLN B 444 13.79 -28.11 15.10
N VAL B 445 13.83 -28.58 16.35
CA VAL B 445 12.74 -29.38 16.87
C VAL B 445 11.46 -28.56 17.02
N PHE B 446 11.58 -27.24 17.18
CA PHE B 446 10.37 -26.41 17.21
C PHE B 446 9.93 -25.99 15.82
N GLY B 447 10.86 -25.70 14.91
CA GLY B 447 10.50 -25.25 13.59
C GLY B 447 9.92 -26.33 12.72
N GLY B 448 10.31 -27.58 12.95
CA GLY B 448 9.65 -28.68 12.25
C GLY B 448 8.16 -28.72 12.55
N ALA B 449 7.81 -28.65 13.85
CA ALA B 449 6.41 -28.62 14.24
C ALA B 449 5.73 -27.36 13.72
N PHE B 450 6.42 -26.23 13.79
CA PHE B 450 5.83 -24.97 13.32
C PHE B 450 5.50 -25.04 11.82
N ARG B 451 6.41 -25.59 11.02
CA ARG B 451 6.18 -25.68 9.58
C ARG B 451 5.11 -26.72 9.25
N THR B 452 5.07 -27.82 10.01
CA THR B 452 3.99 -28.78 9.80
C THR B 452 2.64 -28.16 10.11
N LEU B 453 2.55 -27.40 11.20
CA LEU B 453 1.28 -26.76 11.55
C LEU B 453 0.95 -25.62 10.61
N PHE B 454 1.92 -24.74 10.34
CA PHE B 454 1.71 -23.54 9.54
C PHE B 454 2.70 -23.58 8.37
N GLY B 455 2.34 -24.32 7.32
CA GLY B 455 3.23 -24.44 6.17
C GLY B 455 2.95 -23.44 5.07
N GLY B 456 1.68 -23.32 4.67
CA GLY B 456 1.33 -22.41 3.59
C GLY B 456 0.51 -21.23 4.02
N MET B 457 0.45 -20.97 5.34
CA MET B 457 -0.40 -19.91 5.85
C MET B 457 0.12 -18.55 5.41
N SER B 458 -0.81 -17.67 5.05
CA SER B 458 -0.46 -16.32 4.61
C SER B 458 -0.20 -15.42 5.81
N TRP B 459 0.41 -14.27 5.55
CA TRP B 459 0.75 -13.35 6.63
C TRP B 459 -0.49 -12.82 7.33
N ILE B 460 -1.54 -12.51 6.56
CA ILE B 460 -2.78 -12.01 7.17
C ILE B 460 -3.41 -13.09 8.04
N SER B 461 -3.48 -14.32 7.54
CA SER B 461 -4.00 -15.42 8.34
C SER B 461 -3.12 -15.67 9.56
N GLN B 462 -1.80 -15.59 9.39
CA GLN B 462 -0.89 -15.74 10.52
C GLN B 462 -1.13 -14.65 11.56
N GLY B 463 -1.31 -13.40 11.11
CA GLY B 463 -1.56 -12.32 12.05
C GLY B 463 -2.87 -12.49 12.80
N LEU B 464 -3.93 -12.88 12.09
CA LEU B 464 -5.22 -13.10 12.75
C LEU B 464 -5.13 -14.25 13.75
N LEU B 465 -4.46 -15.34 13.36
CA LEU B 465 -4.32 -16.46 14.29
C LEU B 465 -3.48 -16.08 15.51
N GLY B 466 -2.43 -15.28 15.31
CA GLY B 466 -1.65 -14.81 16.43
C GLY B 466 -2.46 -13.94 17.38
N ALA B 467 -3.27 -13.04 16.82
CA ALA B 467 -4.13 -12.21 17.67
C ALA B 467 -5.13 -13.06 18.45
N LEU B 468 -5.72 -14.05 17.78
CA LEU B 468 -6.66 -14.94 18.47
C LEU B 468 -5.96 -15.73 19.57
N LEU B 469 -4.75 -16.21 19.30
CA LEU B 469 -3.99 -16.95 20.31
C LEU B 469 -3.66 -16.07 21.50
N LEU B 470 -3.27 -14.81 21.25
CA LEU B 470 -3.00 -13.90 22.36
C LEU B 470 -4.25 -13.64 23.19
N TRP B 471 -5.39 -13.41 22.52
CA TRP B 471 -6.63 -13.16 23.24
C TRP B 471 -7.08 -14.39 24.02
N MET B 472 -6.76 -15.59 23.53
CA MET B 472 -7.06 -16.81 24.28
C MET B 472 -6.11 -16.97 25.47
N GLY B 473 -4.82 -16.65 25.27
CA GLY B 473 -3.85 -16.82 26.34
C GLY B 473 -4.07 -15.86 27.49
N VAL B 474 -4.43 -14.61 27.19
CA VAL B 474 -4.67 -13.65 28.27
C VAL B 474 -5.86 -14.08 29.12
N ASN B 475 -6.79 -14.85 28.54
CA ASN B 475 -7.93 -15.39 29.28
C ASN B 475 -7.68 -16.78 29.83
N ALA B 476 -6.50 -17.37 29.56
CA ALA B 476 -6.22 -18.72 30.03
C ALA B 476 -5.91 -18.72 31.52
N ARG B 477 -6.54 -19.64 32.25
CA ARG B 477 -6.31 -19.74 33.69
C ARG B 477 -4.96 -20.35 34.01
N ASP B 478 -4.57 -21.40 33.30
CA ASP B 478 -3.29 -22.06 33.55
C ASP B 478 -2.13 -21.15 33.15
N LYS B 479 -1.12 -21.07 34.01
CA LYS B 479 0.01 -20.19 33.75
C LYS B 479 0.85 -20.70 32.58
N SER B 480 1.18 -22.00 32.59
CA SER B 480 2.03 -22.56 31.55
C SER B 480 1.35 -22.49 30.18
N ILE B 481 0.06 -22.83 30.13
CA ILE B 481 -0.68 -22.77 28.87
C ILE B 481 -0.76 -21.34 28.37
N ALA B 482 -1.01 -20.39 29.27
CA ALA B 482 -1.07 -18.99 28.89
C ALA B 482 0.26 -18.51 28.35
N LEU B 483 1.37 -18.88 29.01
CA LEU B 483 2.67 -18.47 28.53
C LEU B 483 2.98 -19.07 27.16
N ALA B 484 2.64 -20.35 26.96
CA ALA B 484 2.87 -20.97 25.66
C ALA B 484 2.06 -20.30 24.56
N PHE B 485 0.79 -20.01 24.83
CA PHE B 485 -0.05 -19.34 23.84
C PHE B 485 0.46 -17.94 23.55
N LEU B 486 0.90 -17.21 24.59
CA LEU B 486 1.43 -15.87 24.38
C LEU B 486 2.69 -15.92 23.52
N ALA B 487 3.58 -16.88 23.79
CA ALA B 487 4.79 -17.00 22.98
C ALA B 487 4.46 -17.35 21.54
N THR B 488 3.53 -18.28 21.32
CA THR B 488 3.17 -18.65 19.96
C THR B 488 2.53 -17.49 19.22
N GLY B 489 1.64 -16.74 19.89
CA GLY B 489 1.03 -15.59 19.26
C GLY B 489 2.04 -14.49 18.93
N GLY B 490 2.98 -14.26 19.83
CA GLY B 490 4.02 -13.28 19.55
C GLY B 490 4.89 -13.68 18.38
N VAL B 491 5.25 -14.96 18.30
CA VAL B 491 6.04 -15.45 17.17
C VAL B 491 5.27 -15.29 15.87
N LEU B 492 3.98 -15.66 15.88
CA LEU B 492 3.16 -15.53 14.67
C LEU B 492 3.03 -14.07 14.25
N LEU B 493 2.80 -13.18 15.20
CA LEU B 493 2.66 -11.76 14.86
C LEU B 493 3.97 -11.20 14.31
N PHE B 494 5.10 -11.56 14.92
CA PHE B 494 6.38 -11.09 14.41
C PHE B 494 6.65 -11.62 13.01
N LEU B 495 6.32 -12.89 12.76
CA LEU B 495 6.52 -13.44 11.42
C LEU B 495 5.62 -12.77 10.40
N ALA B 496 4.38 -12.47 10.79
CA ALA B 496 3.47 -11.76 9.88
C ALA B 496 4.00 -10.36 9.57
N THR B 497 4.49 -9.65 10.58
CA THR B 497 5.03 -8.31 10.35
C THR B 497 6.35 -8.34 9.62
N ASN B 498 7.08 -9.46 9.64
CA ASN B 498 8.33 -9.56 8.92
C ASN B 498 8.11 -9.45 7.40
N VAL B 499 6.96 -9.92 6.92
CA VAL B 499 6.65 -9.77 5.50
C VAL B 499 6.49 -8.30 5.15
N HIS B 500 6.14 -7.46 6.12
CA HIS B 500 5.92 -6.03 5.92
C HIS B 500 4.81 -5.80 4.89
N ALA B 501 3.63 -6.31 5.20
CA ALA B 501 2.47 -6.17 4.32
C ALA B 501 1.22 -5.83 5.14
N PHE C 1 35.31 38.68 17.25
CA PHE C 1 35.78 40.05 17.27
C PHE C 1 35.46 40.71 18.60
N ASN C 2 35.58 42.03 18.67
CA ASN C 2 35.38 42.74 19.92
C ASN C 2 33.92 42.66 20.36
N CYS C 3 33.70 42.88 21.66
CA CYS C 3 32.38 42.73 22.26
C CYS C 3 32.00 43.98 23.04
N LEU C 4 32.45 45.14 22.58
CA LEU C 4 32.09 46.39 23.23
C LEU C 4 30.68 46.80 22.83
N GLY C 5 29.86 47.13 23.83
CA GLY C 5 28.50 47.55 23.56
C GLY C 5 27.65 46.49 22.90
N MET C 6 27.75 45.25 23.37
CA MET C 6 27.00 44.14 22.82
C MET C 6 26.25 43.43 23.94
N SER C 7 24.95 43.19 23.72
CA SER C 7 24.15 42.52 24.72
C SER C 7 24.45 41.03 24.74
N SER C 8 23.99 40.37 25.81
CA SER C 8 24.14 38.93 25.99
C SER C 8 25.62 38.51 25.95
N ARG C 9 26.48 39.29 26.58
CA ARG C 9 27.90 39.00 26.68
C ARG C 9 28.17 38.38 28.04
N ASP C 10 28.51 37.09 28.05
CA ASP C 10 28.66 36.33 29.28
C ASP C 10 30.15 36.17 29.58
N PHE C 11 30.60 36.76 30.68
CA PHE C 11 31.96 36.55 31.13
C PHE C 11 32.12 35.16 31.72
N ILE C 12 33.28 34.55 31.50
CA ILE C 12 33.59 33.24 32.05
C ILE C 12 35.00 33.28 32.65
N GLU C 13 35.14 32.76 33.86
CA GLU C 13 36.43 32.71 34.55
C GLU C 13 36.94 31.29 34.54
N GLY C 14 38.08 31.06 33.89
CA GLY C 14 38.67 29.74 33.85
C GLY C 14 39.28 29.37 35.19
N ALA C 15 39.28 28.08 35.49
CA ALA C 15 39.91 27.59 36.70
C ALA C 15 41.42 27.81 36.63
N SER C 16 42.00 28.17 37.78
CA SER C 16 43.43 28.45 37.82
C SER C 16 44.25 27.21 37.47
N GLY C 17 43.86 26.05 38.00
CA GLY C 17 44.57 24.83 37.69
C GLY C 17 44.43 24.42 36.23
N ALA C 18 43.23 24.56 35.68
CA ALA C 18 42.99 24.20 34.28
C ALA C 18 43.51 25.29 33.36
N THR C 19 43.69 24.92 32.09
CA THR C 19 44.13 25.85 31.06
C THR C 19 43.26 25.84 29.82
N TRP C 20 42.22 25.01 29.78
CA TRP C 20 41.31 24.92 28.65
C TRP C 20 39.88 24.90 29.16
N VAL C 21 38.99 25.55 28.41
CA VAL C 21 37.58 25.63 28.79
C VAL C 21 36.72 25.37 27.55
N ASP C 22 35.49 24.91 27.78
CA ASP C 22 34.56 24.59 26.72
C ASP C 22 33.45 25.63 26.68
N LEU C 23 33.21 26.19 25.50
CA LEU C 23 32.22 27.23 25.30
C LEU C 23 31.14 26.75 24.32
N VAL C 24 30.18 27.61 24.04
CA VAL C 24 29.07 27.25 23.17
C VAL C 24 29.00 28.19 21.97
N LEU C 25 29.49 29.42 22.13
CA LEU C 25 29.58 30.39 21.04
C LEU C 25 28.22 30.60 20.37
N GLU C 26 27.29 31.14 21.15
CA GLU C 26 25.95 31.40 20.64
C GLU C 26 26.00 32.39 19.48
N GLY C 27 24.89 32.48 18.77
CA GLY C 27 24.78 33.40 17.65
C GLY C 27 24.60 34.84 18.10
N ASP C 28 25.55 35.69 17.76
CA ASP C 28 25.57 37.10 18.16
C ASP C 28 25.43 37.24 19.68
N SER C 29 26.18 36.39 20.38
CA SER C 29 26.29 36.45 21.84
C SER C 29 27.75 36.13 22.18
N CYS C 30 28.55 37.19 22.32
CA CYS C 30 29.96 37.03 22.59
C CYS C 30 30.21 36.53 24.00
N ILE C 31 31.34 35.86 24.19
CA ILE C 31 31.76 35.37 25.49
C ILE C 31 33.21 35.77 25.71
N THR C 32 33.49 36.35 26.87
CA THR C 32 34.83 36.83 27.22
C THR C 32 35.45 35.87 28.21
N ILE C 33 36.64 35.37 27.89
CA ILE C 33 37.33 34.40 28.74
C ILE C 33 38.33 35.14 29.61
N MET C 34 38.13 35.09 30.92
CA MET C 34 39.03 35.73 31.88
C MET C 34 39.86 34.64 32.55
N ALA C 35 41.16 34.64 32.25
CA ALA C 35 42.10 33.70 32.87
C ALA C 35 42.77 34.34 34.08
N ALA C 36 43.36 33.50 34.91
CA ALA C 36 44.02 33.99 36.12
C ALA C 36 45.18 34.91 35.78
N ASP C 37 46.02 34.51 34.82
CA ASP C 37 47.19 35.31 34.47
C ASP C 37 47.23 35.58 32.97
N LYS C 38 46.75 34.63 32.17
CA LYS C 38 46.80 34.76 30.73
C LYS C 38 45.93 35.94 30.29
N PRO C 39 46.30 36.61 29.19
CA PRO C 39 45.50 37.75 28.73
C PRO C 39 44.08 37.32 28.39
N THR C 40 43.12 38.17 28.75
CA THR C 40 41.72 37.84 28.55
C THR C 40 41.34 38.03 27.08
N LEU C 41 40.71 37.02 26.51
CA LEU C 41 40.30 37.05 25.11
C LEU C 41 38.83 36.67 25.02
N ASP C 42 38.16 37.23 24.01
CA ASP C 42 36.76 36.96 23.76
C ASP C 42 36.57 36.47 22.34
N ILE C 43 35.84 35.37 22.19
CA ILE C 43 35.58 34.76 20.88
C ILE C 43 34.08 34.80 20.63
N ARG C 44 33.71 35.23 19.43
CA ARG C 44 32.32 35.34 19.04
C ARG C 44 32.19 34.94 17.57
N MET C 45 31.45 33.85 17.32
CA MET C 45 31.23 33.44 15.94
C MET C 45 30.34 34.46 15.23
N MET C 46 30.75 34.87 14.04
CA MET C 46 30.06 35.95 13.35
C MET C 46 28.84 35.43 12.57
N ASN C 47 29.07 34.49 11.66
CA ASN C 47 27.98 33.97 10.86
C ASN C 47 28.31 32.55 10.42
N ILE C 48 27.26 31.81 10.07
CA ILE C 48 27.39 30.47 9.50
C ILE C 48 27.24 30.60 7.99
N GLU C 49 28.29 30.24 7.26
CA GLU C 49 28.32 30.39 5.82
C GLU C 49 28.29 29.00 5.19
N ALA C 50 27.30 28.76 4.34
CA ALA C 50 27.18 27.51 3.59
C ALA C 50 27.25 27.81 2.10
N THR C 51 27.31 26.74 1.31
CA THR C 51 27.38 26.87 -0.14
C THR C 51 26.96 25.55 -0.77
N ASN C 52 26.77 25.58 -2.09
CA ASN C 52 26.45 24.40 -2.88
C ASN C 52 25.18 23.72 -2.39
N LEU C 53 24.07 24.47 -2.47
CA LEU C 53 22.78 23.96 -2.08
C LEU C 53 22.09 23.29 -3.26
N ALA C 54 21.23 22.31 -2.96
CA ALA C 54 20.54 21.54 -3.98
C ALA C 54 19.04 21.64 -3.78
N LEU C 55 18.31 21.76 -4.89
CA LEU C 55 16.86 21.87 -4.84
C LEU C 55 16.24 20.57 -4.33
N VAL C 56 15.08 20.69 -3.71
CA VAL C 56 14.36 19.53 -3.20
C VAL C 56 12.92 19.54 -3.71
N ARG C 57 12.23 20.65 -3.51
CA ARG C 57 10.84 20.80 -3.97
C ARG C 57 10.62 22.25 -4.36
N ASN C 58 10.10 22.48 -5.56
CA ASN C 58 9.81 23.84 -6.03
C ASN C 58 8.31 24.08 -5.93
N TYR C 59 7.87 24.59 -4.78
CA TYR C 59 6.47 24.89 -4.59
C TYR C 59 6.06 26.08 -5.46
N CYS C 60 4.77 26.11 -5.80
CA CYS C 60 4.20 27.18 -6.60
C CYS C 60 3.19 27.94 -5.76
N TYR C 61 3.12 29.26 -5.98
CA TYR C 61 2.16 30.09 -5.26
C TYR C 61 1.50 31.14 -6.13
N ALA C 62 1.76 31.17 -7.43
CA ALA C 62 1.17 32.14 -8.35
C ALA C 62 0.71 31.40 -9.59
N ALA C 63 -0.54 30.93 -9.57
CA ALA C 63 -1.10 30.19 -10.69
C ALA C 63 -1.62 31.14 -11.76
N THR C 64 -1.81 30.59 -12.96
CA THR C 64 -2.35 31.35 -14.08
C THR C 64 -3.02 30.37 -15.04
N VAL C 65 -4.35 30.38 -15.05
CA VAL C 65 -5.13 29.47 -15.88
C VAL C 65 -5.59 30.21 -17.12
N SER C 66 -5.69 29.47 -18.23
CA SER C 66 -6.09 30.05 -19.51
C SER C 66 -6.51 28.91 -20.44
N ASP C 67 -7.04 29.31 -21.60
CA ASP C 67 -7.48 28.35 -22.63
C ASP C 67 -8.48 27.35 -22.06
N VAL C 68 -9.43 27.84 -21.27
CA VAL C 68 -10.39 26.96 -20.62
C VAL C 68 -11.39 26.46 -21.66
N SER C 69 -11.58 25.14 -21.69
CA SER C 69 -12.54 24.51 -22.59
C SER C 69 -13.22 23.37 -21.85
N THR C 70 -14.41 23.01 -22.32
CA THR C 70 -15.22 22.01 -21.65
C THR C 70 -15.83 21.05 -22.66
N VAL C 71 -16.11 19.84 -22.21
CA VAL C 71 -16.78 18.81 -22.99
C VAL C 71 -17.88 18.21 -22.13
N SER C 72 -19.10 18.15 -22.66
CA SER C 72 -20.25 17.64 -21.94
C SER C 72 -20.75 16.35 -22.58
N ASN C 73 -21.14 15.40 -21.73
CA ASN C 73 -21.67 14.12 -22.17
C ASN C 73 -23.09 13.94 -21.63
N CYS C 74 -23.92 13.27 -22.43
CA CYS C 74 -25.29 13.02 -22.04
C CYS C 74 -25.35 12.02 -20.89
N PRO C 75 -26.43 12.04 -20.10
CA PRO C 75 -26.56 11.04 -19.03
C PRO C 75 -26.61 9.63 -19.59
N THR C 76 -26.12 8.68 -18.78
CA THR C 76 -26.07 7.26 -19.16
C THR C 76 -25.33 7.05 -20.48
N THR C 77 -24.22 7.78 -20.65
CA THR C 77 -23.39 7.67 -21.83
C THR C 77 -21.90 7.50 -21.53
N GLY C 78 -21.44 7.91 -20.36
CA GLY C 78 -20.05 7.79 -19.98
C GLY C 78 -19.45 9.12 -19.61
N GLU C 79 -18.19 9.05 -19.15
CA GLU C 79 -17.48 10.26 -18.75
C GLU C 79 -17.07 11.06 -19.97
N SER C 80 -16.68 12.31 -19.73
CA SER C 80 -16.44 13.25 -20.83
C SER C 80 -15.07 13.05 -21.46
N HIS C 81 -14.01 13.20 -20.67
CA HIS C 81 -12.63 13.04 -21.15
C HIS C 81 -12.31 14.03 -22.27
N ASN C 82 -12.22 15.30 -21.87
CA ASN C 82 -11.81 16.35 -22.80
C ASN C 82 -10.51 15.99 -23.48
N THR C 83 -10.43 16.28 -24.78
CA THR C 83 -9.29 15.85 -25.58
C THR C 83 -7.98 16.48 -25.11
N LYS C 84 -8.04 17.67 -24.52
CA LYS C 84 -6.83 18.33 -24.06
C LYS C 84 -6.25 17.70 -22.81
N ARG C 85 -6.94 16.75 -22.20
CA ARG C 85 -6.40 16.04 -21.04
C ARG C 85 -5.14 15.26 -21.38
N ALA C 86 -4.96 14.86 -22.64
CA ALA C 86 -3.75 14.14 -23.03
C ALA C 86 -2.52 15.01 -22.84
N ASP C 87 -2.60 16.28 -23.24
CA ASP C 87 -1.48 17.20 -23.03
C ASP C 87 -1.32 17.50 -21.55
N HIS C 88 -0.07 17.64 -21.11
CA HIS C 88 0.21 18.04 -19.74
C HIS C 88 0.01 19.55 -19.61
N ASN C 89 0.35 20.08 -18.43
CA ASN C 89 0.11 21.49 -18.08
C ASN C 89 -1.32 21.93 -18.40
N TYR C 90 -2.24 20.97 -18.42
CA TYR C 90 -3.67 21.22 -18.64
C TYR C 90 -4.43 20.51 -17.52
N LEU C 91 -4.78 21.25 -16.47
CA LEU C 91 -5.51 20.65 -15.36
C LEU C 91 -6.93 20.34 -15.78
N CYS C 92 -7.39 19.13 -15.46
CA CYS C 92 -8.72 18.67 -15.83
C CYS C 92 -9.42 18.09 -14.61
N LYS C 93 -10.72 18.36 -14.48
CA LYS C 93 -11.52 17.82 -13.40
C LYS C 93 -12.93 17.53 -13.92
N ARG C 94 -13.43 16.35 -13.60
CA ARG C 94 -14.75 15.92 -14.06
C ARG C 94 -15.83 16.32 -13.07
N GLY C 95 -16.95 16.83 -13.60
CA GLY C 95 -18.07 17.21 -12.78
C GLY C 95 -19.37 16.66 -13.35
N VAL C 96 -20.44 16.82 -12.58
CA VAL C 96 -21.76 16.37 -12.96
C VAL C 96 -22.68 17.58 -12.98
N THR C 97 -23.45 17.74 -14.06
CA THR C 97 -24.36 18.85 -14.22
C THR C 97 -25.75 18.31 -14.55
N ASP C 98 -26.71 19.22 -14.72
CA ASP C 98 -28.07 18.86 -15.07
C ASP C 98 -28.25 19.02 -16.57
N ARG C 99 -28.77 17.97 -17.22
CA ARG C 99 -29.04 17.98 -18.65
C ARG C 99 -30.54 17.93 -18.88
N GLY C 100 -30.97 18.39 -20.05
CA GLY C 100 -32.37 18.45 -20.38
C GLY C 100 -32.57 18.34 -21.88
N TRP C 101 -33.85 18.41 -22.28
CA TRP C 101 -34.17 18.44 -23.70
C TRP C 101 -33.65 19.71 -24.35
N GLY C 102 -33.74 20.84 -23.65
CA GLY C 102 -33.21 22.08 -24.18
C GLY C 102 -31.70 22.07 -24.34
N ASN C 103 -31.01 21.26 -23.53
CA ASN C 103 -29.56 21.10 -23.67
C ASN C 103 -29.17 20.26 -24.87
N GLY C 104 -30.13 19.60 -25.52
CA GLY C 104 -29.85 18.79 -26.69
C GLY C 104 -29.77 17.31 -26.45
N CYS C 105 -29.91 16.86 -25.19
CA CYS C 105 -29.79 15.45 -24.89
C CYS C 105 -31.12 14.73 -25.07
N GLY C 106 -31.04 13.41 -25.27
CA GLY C 106 -32.23 12.59 -25.42
C GLY C 106 -32.96 12.33 -24.12
N LEU C 107 -32.31 11.59 -23.21
CA LEU C 107 -32.87 11.30 -21.90
C LEU C 107 -32.14 12.13 -20.86
N PHE C 108 -32.89 12.90 -20.08
CA PHE C 108 -32.29 13.91 -19.21
C PHE C 108 -32.23 13.42 -17.77
N GLY C 109 -31.27 13.99 -17.03
CA GLY C 109 -30.98 13.58 -15.68
C GLY C 109 -29.72 14.26 -15.17
N LYS C 110 -28.78 13.47 -14.64
CA LYS C 110 -27.51 14.00 -14.14
C LYS C 110 -26.42 13.63 -15.13
N GLY C 111 -25.98 14.61 -15.92
CA GLY C 111 -24.97 14.38 -16.93
C GLY C 111 -23.56 14.43 -16.36
N SER C 112 -22.59 14.41 -17.27
CA SER C 112 -21.18 14.45 -16.92
C SER C 112 -20.48 15.54 -17.72
N ILE C 113 -19.47 16.15 -17.11
CA ILE C 113 -18.75 17.26 -17.74
C ILE C 113 -17.35 17.33 -17.14
N ASP C 114 -16.38 17.71 -17.97
CA ASP C 114 -15.04 17.97 -17.49
C ASP C 114 -14.50 19.22 -18.17
N THR C 115 -13.57 19.89 -17.51
CA THR C 115 -13.03 21.15 -17.99
C THR C 115 -11.51 21.11 -17.96
N CYS C 116 -10.89 21.60 -19.03
CA CYS C 116 -9.45 21.64 -19.16
C CYS C 116 -8.98 23.09 -19.15
N ALA C 117 -8.02 23.40 -18.27
CA ALA C 117 -7.47 24.74 -18.16
C ALA C 117 -5.96 24.65 -18.16
N LYS C 118 -5.30 25.49 -18.96
CA LYS C 118 -3.85 25.49 -19.06
C LYS C 118 -3.26 26.09 -17.80
N PHE C 119 -2.67 25.26 -16.94
CA PHE C 119 -2.12 25.67 -15.67
C PHE C 119 -0.64 26.01 -15.87
N THR C 120 -0.31 27.28 -15.68
CA THR C 120 1.07 27.74 -15.73
C THR C 120 1.41 28.49 -14.44
N CYS C 121 2.57 28.20 -13.88
CA CYS C 121 3.02 28.82 -12.65
C CYS C 121 3.98 29.97 -12.97
N SER C 122 3.66 31.16 -12.51
CA SER C 122 4.47 32.35 -12.77
C SER C 122 5.60 32.49 -11.75
N ASN C 123 5.29 32.33 -10.47
CA ASN C 123 6.27 32.48 -9.40
C ASN C 123 6.30 31.21 -8.57
N SER C 124 7.50 30.68 -8.34
CA SER C 124 7.69 29.43 -7.62
C SER C 124 8.64 29.65 -6.45
N ALA C 125 8.25 29.15 -5.28
CA ALA C 125 9.09 29.21 -4.09
C ALA C 125 9.93 27.94 -4.01
N ALA C 126 11.24 28.09 -4.17
CA ALA C 126 12.16 26.96 -4.26
C ALA C 126 12.82 26.70 -2.91
N GLY C 127 12.72 25.48 -2.43
CA GLY C 127 13.38 25.05 -1.22
C GLY C 127 14.70 24.36 -1.54
N ARG C 128 15.66 24.49 -0.62
CA ARG C 128 16.99 23.93 -0.82
C ARG C 128 17.43 23.22 0.45
N LEU C 129 18.35 22.28 0.29
CA LEU C 129 18.88 21.49 1.39
C LEU C 129 20.36 21.81 1.58
N ILE C 130 20.77 21.93 2.84
CA ILE C 130 22.15 22.28 3.19
C ILE C 130 22.92 20.99 3.44
N LEU C 131 23.99 20.80 2.69
CA LEU C 131 24.86 19.65 2.93
C LEU C 131 25.65 19.87 4.22
N PRO C 132 25.71 18.88 5.11
CA PRO C 132 26.41 19.08 6.39
C PRO C 132 27.88 19.43 6.24
N GLU C 133 28.53 19.00 5.15
CA GLU C 133 29.95 19.28 4.98
C GLU C 133 30.19 20.72 4.55
N ASP C 134 29.25 21.33 3.83
CA ASP C 134 29.52 22.63 3.21
C ASP C 134 29.55 23.77 4.22
N ILE C 135 28.85 23.64 5.34
CA ILE C 135 28.77 24.74 6.31
C ILE C 135 30.15 24.96 6.91
N LYS C 136 30.59 26.22 6.92
CA LYS C 136 31.88 26.61 7.50
C LYS C 136 31.65 27.80 8.41
N TYR C 137 31.63 27.55 9.72
CA TYR C 137 31.42 28.62 10.68
C TYR C 137 32.61 29.56 10.68
N GLU C 138 32.33 30.84 10.88
CA GLU C 138 33.36 31.87 10.96
C GLU C 138 33.45 32.35 12.40
N VAL C 139 34.62 32.20 13.01
CA VAL C 139 34.84 32.54 14.40
C VAL C 139 35.93 33.59 14.47
N GLY C 140 35.66 34.66 15.21
CA GLY C 140 36.61 35.75 15.42
C GLY C 140 37.10 35.75 16.86
N VAL C 141 38.41 35.83 17.02
CA VAL C 141 39.06 35.85 18.33
C VAL C 141 39.75 37.20 18.50
N PHE C 142 39.53 37.84 19.65
CA PHE C 142 40.13 39.13 19.95
C PHE C 142 40.79 39.05 21.32
N VAL C 143 42.00 39.61 21.43
CA VAL C 143 42.74 39.67 22.67
C VAL C 143 42.82 41.13 23.12
N HIS C 144 42.45 41.38 24.36
CA HIS C 144 42.37 42.75 24.86
C HIS C 144 43.77 43.31 25.07
N GLY C 145 44.06 44.42 24.40
CA GLY C 145 45.33 45.09 24.55
C GLY C 145 45.18 46.59 24.48
N SER C 146 46.26 47.29 24.15
CA SER C 146 46.22 48.75 24.00
C SER C 146 45.45 49.09 22.73
N THR C 147 44.18 49.42 22.87
CA THR C 147 43.31 49.72 21.73
C THR C 147 42.60 51.04 21.96
N ASP C 148 42.70 51.94 20.99
CA ASP C 148 41.93 53.18 21.04
C ASP C 148 40.45 52.87 20.85
N SER C 149 39.61 53.74 21.42
CA SER C 149 38.17 53.55 21.31
C SER C 149 37.70 53.58 19.87
N THR C 150 38.20 54.55 19.08
CA THR C 150 37.84 54.61 17.67
C THR C 150 38.36 53.40 16.91
N SER C 151 39.60 52.99 17.19
CA SER C 151 40.19 51.85 16.51
C SER C 151 39.78 50.51 17.11
N HIS C 152 39.05 50.52 18.23
CA HIS C 152 38.60 49.26 18.81
C HIS C 152 37.64 48.54 17.90
N GLY C 153 36.71 49.27 17.27
CA GLY C 153 35.73 48.66 16.40
C GLY C 153 36.18 48.43 14.97
N ASN C 154 37.32 48.98 14.58
CA ASN C 154 37.80 48.85 13.21
C ASN C 154 38.53 47.53 13.05
N TYR C 155 38.06 46.70 12.11
CA TYR C 155 38.68 45.40 11.91
C TYR C 155 40.05 45.51 11.25
N SER C 156 40.23 46.48 10.36
CA SER C 156 41.52 46.64 9.69
C SER C 156 42.62 46.98 10.67
N THR C 157 42.33 47.85 11.65
CA THR C 157 43.34 48.23 12.63
C THR C 157 43.78 47.03 13.46
N GLN C 158 42.82 46.19 13.89
CA GLN C 158 43.17 45.03 14.70
C GLN C 158 44.02 44.04 13.90
N ILE C 159 43.72 43.89 12.60
CA ILE C 159 44.57 43.08 11.75
C ILE C 159 45.98 43.68 11.68
N GLY C 160 46.06 44.99 11.53
CA GLY C 160 47.36 45.65 11.54
C GLY C 160 48.07 45.49 12.88
N ALA C 161 47.32 45.62 13.98
CA ALA C 161 47.89 45.41 15.31
C ALA C 161 48.12 43.93 15.62
N ASN C 162 47.63 43.02 14.77
CA ASN C 162 47.81 41.59 14.95
C ASN C 162 47.26 41.12 16.30
N GLN C 163 46.10 41.64 16.67
CA GLN C 163 45.40 41.21 17.88
C GLN C 163 44.21 40.31 17.56
N ALA C 164 43.37 40.72 16.63
CA ALA C 164 42.21 39.94 16.21
C ALA C 164 42.49 39.26 14.87
N VAL C 165 41.91 38.08 14.69
CA VAL C 165 42.06 37.33 13.45
C VAL C 165 40.81 36.49 13.24
N ARG C 166 40.36 36.43 11.99
CA ARG C 166 39.18 35.66 11.62
C ARG C 166 39.62 34.36 10.95
N PHE C 167 39.11 33.24 11.46
CA PHE C 167 39.34 31.94 10.85
C PHE C 167 38.01 31.23 10.68
N THR C 168 37.91 30.46 9.60
CA THR C 168 36.70 29.70 9.28
C THR C 168 36.86 28.29 9.79
N ILE C 169 35.88 27.82 10.56
CA ILE C 169 35.88 26.48 11.12
C ILE C 169 34.90 25.63 10.33
N SER C 170 35.38 24.56 9.74
CA SER C 170 34.63 23.69 8.85
C SER C 170 34.84 22.25 9.30
N PRO C 171 33.92 21.34 8.95
CA PRO C 171 34.17 19.92 9.26
C PRO C 171 35.44 19.38 8.65
N ASN C 172 35.90 19.94 7.53
CA ASN C 172 37.16 19.52 6.95
C ASN C 172 38.36 19.97 7.78
N ALA C 173 38.17 20.90 8.71
CA ALA C 173 39.26 21.38 9.57
C ALA C 173 38.66 21.93 10.87
N PRO C 174 38.12 21.05 11.71
CA PRO C 174 37.47 21.52 12.94
C PRO C 174 38.40 22.27 13.89
N ALA C 175 39.68 21.88 13.95
CA ALA C 175 40.64 22.50 14.85
C ALA C 175 41.57 23.39 14.04
N ILE C 176 41.62 24.67 14.40
CA ILE C 176 42.44 25.65 13.73
C ILE C 176 43.07 26.56 14.77
N THR C 177 44.36 26.88 14.57
CA THR C 177 45.10 27.71 15.51
C THR C 177 45.20 29.14 14.99
N ALA C 178 45.18 30.09 15.92
CA ALA C 178 45.22 31.51 15.61
C ALA C 178 46.62 32.06 15.84
N LYS C 179 47.00 33.02 15.01
CA LYS C 179 48.33 33.63 15.06
C LYS C 179 48.23 35.03 15.63
N MET C 180 49.01 35.29 16.68
CA MET C 180 49.11 36.61 17.29
C MET C 180 50.54 37.11 17.19
N GLY C 181 50.69 38.43 17.15
CA GLY C 181 52.02 39.01 17.02
C GLY C 181 52.93 38.69 18.19
N ASP C 182 52.42 38.87 19.41
CA ASP C 182 53.21 38.61 20.59
C ASP C 182 52.48 37.84 21.68
N TYR C 183 51.20 37.54 21.54
CA TYR C 183 50.44 36.85 22.56
C TYR C 183 50.48 35.33 22.42
N GLY C 184 51.23 34.82 21.45
CA GLY C 184 51.30 33.39 21.25
C GLY C 184 50.22 32.89 20.30
N GLU C 185 49.96 31.59 20.38
CA GLU C 185 48.97 30.94 19.53
C GLU C 185 47.80 30.45 20.37
N VAL C 186 46.60 30.54 19.80
CA VAL C 186 45.38 30.06 20.43
C VAL C 186 44.83 28.94 19.55
N THR C 187 44.66 27.76 20.14
CA THR C 187 44.16 26.59 19.45
C THR C 187 42.77 26.25 19.98
N VAL C 188 41.81 26.12 19.08
CA VAL C 188 40.43 25.81 19.44
C VAL C 188 40.03 24.51 18.74
N GLU C 189 39.15 23.75 19.37
CA GLU C 189 38.79 22.40 18.94
C GLU C 189 37.30 22.27 18.76
N CYS C 190 36.69 23.23 18.07
CA CYS C 190 35.24 23.27 17.92
C CYS C 190 34.76 22.08 17.09
N GLU C 191 33.49 21.73 17.30
CA GLU C 191 32.82 20.68 16.53
C GLU C 191 31.75 21.30 15.63
N PRO C 192 32.04 21.52 14.36
CA PRO C 192 31.07 22.21 13.49
C PRO C 192 29.92 21.34 13.05
N ARG C 193 30.18 20.05 12.84
CA ARG C 193 29.13 19.17 12.30
C ARG C 193 27.96 19.03 13.26
N SER C 194 28.23 18.94 14.55
CA SER C 194 27.19 18.80 15.56
C SER C 194 26.66 20.14 16.04
N GLY C 195 27.18 21.26 15.54
CA GLY C 195 26.74 22.56 15.97
C GLY C 195 25.35 22.91 15.47
N LEU C 196 25.19 23.00 14.16
CA LEU C 196 23.89 23.26 13.54
C LEU C 196 23.32 21.97 12.99
N ASN C 197 22.11 21.61 13.44
CA ASN C 197 21.44 20.41 12.96
C ASN C 197 20.91 20.67 11.56
N THR C 198 21.83 20.65 10.60
CA THR C 198 21.50 20.96 9.21
C THR C 198 20.66 19.89 8.54
N GLU C 199 20.49 18.73 9.17
CA GLU C 199 19.69 17.68 8.56
C GLU C 199 18.20 18.00 8.61
N ALA C 200 17.77 18.78 9.59
CA ALA C 200 16.36 19.07 9.80
C ALA C 200 15.95 20.46 9.32
N TYR C 201 16.81 21.17 8.58
CA TYR C 201 16.53 22.53 8.15
C TYR C 201 16.70 22.64 6.64
N TYR C 202 15.85 23.47 6.04
CA TYR C 202 15.90 23.81 4.63
C TYR C 202 16.17 25.30 4.47
N VAL C 203 16.29 25.73 3.22
CA VAL C 203 16.45 27.15 2.89
C VAL C 203 15.38 27.47 1.86
N MET C 204 14.22 27.93 2.32
CA MET C 204 13.11 28.26 1.43
C MET C 204 13.28 29.67 0.90
N THR C 205 13.13 29.84 -0.41
CA THR C 205 13.26 31.14 -1.08
C THR C 205 11.89 31.53 -1.60
N ILE C 206 11.37 32.65 -1.11
CA ILE C 206 10.09 33.18 -1.55
C ILE C 206 10.38 34.54 -2.19
N GLY C 207 10.36 34.59 -3.51
CA GLY C 207 10.71 35.83 -4.20
C GLY C 207 12.16 36.21 -4.03
N THR C 208 12.41 37.28 -3.28
CA THR C 208 13.76 37.73 -2.98
C THR C 208 14.12 37.58 -1.51
N LYS C 209 13.26 36.97 -0.71
CA LYS C 209 13.48 36.77 0.71
C LYS C 209 13.65 35.28 0.99
N HIS C 210 14.73 34.93 1.69
CA HIS C 210 15.07 33.54 1.96
C HIS C 210 14.94 33.25 3.45
N PHE C 211 14.37 32.09 3.76
CA PHE C 211 14.10 31.71 5.15
C PHE C 211 14.63 30.31 5.40
N LEU C 212 15.01 30.05 6.65
CA LEU C 212 15.46 28.73 7.08
C LEU C 212 14.33 28.07 7.86
N VAL C 213 13.69 27.09 7.23
CA VAL C 213 12.48 26.48 7.76
C VAL C 213 12.76 25.04 8.15
N HIS C 214 11.84 24.48 8.94
CA HIS C 214 11.96 23.10 9.40
C HIS C 214 11.78 22.14 8.23
N ARG C 215 12.28 20.92 8.43
CA ARG C 215 12.12 19.88 7.42
C ARG C 215 10.68 19.40 7.36
N GLU C 216 10.08 19.12 8.51
CA GLU C 216 8.71 18.58 8.53
C GLU C 216 7.70 19.60 8.00
N TRP C 217 7.88 20.87 8.36
CA TRP C 217 6.93 21.88 7.92
C TRP C 217 6.98 22.06 6.40
N PHE C 218 8.17 22.10 5.82
CA PHE C 218 8.29 22.37 4.39
C PHE C 218 7.77 21.22 3.55
N ASN C 219 7.80 20.00 4.07
CA ASN C 219 7.31 18.84 3.34
C ASN C 219 5.82 18.61 3.53
N ASP C 220 5.17 19.38 4.40
CA ASP C 220 3.74 19.23 4.66
C ASP C 220 2.92 20.39 4.10
N LEU C 221 3.51 21.25 3.29
CA LEU C 221 2.76 22.35 2.69
C LEU C 221 1.81 21.81 1.62
N LEU C 222 0.74 22.56 1.40
CA LEU C 222 -0.29 22.21 0.42
C LEU C 222 -0.23 23.24 -0.70
N LEU C 223 0.62 22.99 -1.68
CA LEU C 223 0.76 23.83 -2.86
C LEU C 223 1.24 22.96 -4.00
N PRO C 224 1.01 23.37 -5.25
CA PRO C 224 1.56 22.62 -6.38
C PRO C 224 3.08 22.60 -6.35
N TRP C 225 3.65 21.42 -6.14
CA TRP C 225 5.09 21.26 -5.95
C TRP C 225 5.64 20.31 -6.97
N THR C 226 6.82 20.62 -7.49
CA THR C 226 7.48 19.80 -8.49
C THR C 226 8.88 19.42 -8.01
N SER C 227 9.31 18.22 -8.40
CA SER C 227 10.66 17.78 -8.09
C SER C 227 11.67 18.64 -8.86
N PRO C 228 12.91 18.71 -8.39
CA PRO C 228 13.90 19.56 -9.07
C PRO C 228 14.11 19.13 -10.52
N ALA C 229 14.27 20.13 -11.39
CA ALA C 229 14.47 19.92 -12.82
C ALA C 229 13.35 19.08 -13.43
N SER C 230 12.11 19.36 -13.04
CA SER C 230 10.95 18.66 -13.57
C SER C 230 9.89 19.67 -13.96
N THR C 231 9.49 19.64 -15.24
CA THR C 231 8.47 20.57 -15.72
C THR C 231 7.07 20.17 -15.29
N GLU C 232 6.84 18.88 -15.03
CA GLU C 232 5.51 18.39 -14.71
C GLU C 232 5.16 18.74 -13.27
N TRP C 233 4.16 19.59 -13.09
CA TRP C 233 3.71 19.94 -11.75
C TRP C 233 2.86 18.82 -11.15
N ARG C 234 2.67 18.89 -9.85
CA ARG C 234 1.95 17.86 -9.11
C ARG C 234 1.03 18.52 -8.09
N ASN C 235 -0.17 17.96 -7.94
CA ASN C 235 -1.17 18.49 -7.02
C ASN C 235 -1.55 19.93 -7.38
N ARG C 236 -2.05 20.08 -8.60
CA ARG C 236 -2.35 21.40 -9.15
C ARG C 236 -3.75 21.90 -8.81
N GLU C 237 -4.63 21.05 -8.26
CA GLU C 237 -6.01 21.46 -8.04
C GLU C 237 -6.16 22.44 -6.88
N ILE C 238 -5.11 22.68 -6.10
CA ILE C 238 -5.23 23.57 -4.95
C ILE C 238 -5.40 25.01 -5.41
N LEU C 239 -4.67 25.42 -6.43
CA LEU C 239 -4.69 26.81 -6.88
C LEU C 239 -5.72 27.08 -7.98
N VAL C 240 -6.55 26.11 -8.33
CA VAL C 240 -7.53 26.25 -9.39
C VAL C 240 -8.91 25.92 -8.84
N GLU C 241 -9.87 26.80 -9.10
CA GLU C 241 -11.25 26.63 -8.64
C GLU C 241 -12.19 26.60 -9.84
N PHE C 242 -13.05 25.59 -9.89
CA PHE C 242 -14.07 25.46 -10.92
C PHE C 242 -15.39 25.94 -10.32
N GLU C 243 -15.88 27.09 -10.77
CA GLU C 243 -16.96 27.77 -10.06
C GLU C 243 -18.32 27.15 -10.35
N GLU C 244 -18.76 27.22 -11.60
CA GLU C 244 -20.16 26.93 -11.95
C GLU C 244 -20.24 25.81 -12.98
N PRO C 245 -20.69 24.61 -12.60
CA PRO C 245 -20.88 23.56 -13.59
C PRO C 245 -22.08 23.83 -14.48
N HIS C 246 -21.83 24.24 -15.72
CA HIS C 246 -22.88 24.46 -16.70
C HIS C 246 -22.55 23.68 -17.97
N ALA C 247 -23.58 23.12 -18.60
CA ALA C 247 -23.37 22.31 -19.78
C ALA C 247 -22.73 23.12 -20.90
N THR C 248 -23.11 24.39 -21.04
CA THR C 248 -22.55 25.23 -22.08
C THR C 248 -21.07 25.49 -21.86
N LYS C 249 -20.70 25.93 -20.65
CA LYS C 249 -19.32 26.23 -20.34
C LYS C 249 -19.15 26.31 -18.83
N GLN C 250 -17.91 26.14 -18.38
CA GLN C 250 -17.57 26.21 -16.97
C GLN C 250 -16.45 27.23 -16.77
N SER C 251 -16.64 28.12 -15.80
CA SER C 251 -15.68 29.18 -15.54
C SER C 251 -14.57 28.68 -14.64
N VAL C 252 -13.33 28.86 -15.07
CA VAL C 252 -12.15 28.44 -14.32
C VAL C 252 -11.34 29.69 -14.00
N VAL C 253 -11.13 29.93 -12.70
CA VAL C 253 -10.35 31.08 -12.23
C VAL C 253 -9.30 30.59 -11.26
N ALA C 254 -8.07 31.04 -11.44
CA ALA C 254 -6.99 30.70 -10.53
C ALA C 254 -7.02 31.60 -9.31
N LEU C 255 -6.74 31.03 -8.15
CA LEU C 255 -6.71 31.81 -6.93
C LEU C 255 -5.53 32.79 -6.97
N GLY C 256 -5.61 33.80 -6.11
CA GLY C 256 -4.59 34.82 -6.07
C GLY C 256 -3.26 34.28 -5.58
N SER C 257 -2.24 35.15 -5.67
CA SER C 257 -0.90 34.74 -5.27
C SER C 257 -0.86 34.39 -3.79
N GLN C 258 -0.30 33.22 -3.49
CA GLN C 258 -0.17 32.74 -2.12
C GLN C 258 1.06 33.29 -1.43
N GLU C 259 1.68 34.34 -1.99
CA GLU C 259 2.89 34.88 -1.40
C GLU C 259 2.63 35.43 0.00
N GLY C 260 1.51 36.14 0.18
CA GLY C 260 1.17 36.64 1.50
C GLY C 260 0.85 35.52 2.47
N ALA C 261 0.20 34.46 2.00
CA ALA C 261 -0.15 33.34 2.87
C ALA C 261 1.10 32.66 3.41
N LEU C 262 2.13 32.49 2.58
CA LEU C 262 3.38 31.89 3.06
C LEU C 262 4.02 32.76 4.13
N HIS C 263 4.08 34.08 3.91
CA HIS C 263 4.68 34.96 4.89
C HIS C 263 3.91 34.94 6.20
N GLN C 264 2.59 34.90 6.13
CA GLN C 264 1.79 34.74 7.35
C GLN C 264 2.03 33.37 7.98
N ALA C 265 2.31 32.35 7.16
CA ALA C 265 2.59 31.01 7.67
C ALA C 265 3.97 30.90 8.30
N LEU C 266 4.93 31.72 7.85
CA LEU C 266 6.29 31.69 8.37
C LEU C 266 6.34 32.52 9.65
N ALA C 267 5.83 31.94 10.73
CA ALA C 267 5.82 32.66 12.00
C ALA C 267 7.22 32.73 12.60
N GLY C 268 7.82 31.58 12.89
CA GLY C 268 9.12 31.55 13.54
C GLY C 268 10.26 31.26 12.60
N ALA C 269 10.04 31.39 11.30
CA ALA C 269 11.10 31.17 10.33
C ALA C 269 12.22 32.19 10.53
N ILE C 270 13.45 31.74 10.32
CA ILE C 270 14.63 32.57 10.54
C ILE C 270 15.08 33.15 9.20
N PRO C 271 14.96 34.45 8.98
CA PRO C 271 15.44 35.03 7.72
C PRO C 271 16.95 34.86 7.59
N VAL C 272 17.40 34.64 6.34
CA VAL C 272 18.80 34.40 6.04
C VAL C 272 19.20 35.23 4.84
N GLU C 273 20.49 35.28 4.59
CA GLU C 273 21.07 36.02 3.47
C GLU C 273 21.55 35.03 2.42
N PHE C 274 21.17 35.28 1.16
CA PHE C 274 21.51 34.39 0.06
C PHE C 274 22.12 35.21 -1.07
N SER C 275 23.28 34.78 -1.55
CA SER C 275 23.98 35.48 -2.61
C SER C 275 24.98 34.53 -3.25
N SER C 276 24.89 34.35 -4.57
CA SER C 276 25.81 33.49 -5.32
C SER C 276 25.84 32.07 -4.73
N SER C 277 24.66 31.57 -4.35
CA SER C 277 24.50 30.26 -3.74
C SER C 277 25.36 30.10 -2.49
N THR C 278 25.47 31.16 -1.70
CA THR C 278 26.25 31.15 -0.46
C THR C 278 25.32 31.58 0.68
N LEU C 279 24.79 30.61 1.42
CA LEU C 279 23.97 30.91 2.58
C LEU C 279 24.81 31.60 3.64
N LYS C 280 24.21 32.58 4.31
CA LYS C 280 24.89 33.35 5.36
C LYS C 280 23.87 33.70 6.44
N LEU C 281 23.87 32.93 7.52
CA LEU C 281 23.02 33.21 8.68
C LEU C 281 23.91 33.39 9.91
N THR C 282 23.55 34.35 10.74
CA THR C 282 24.34 34.67 11.92
C THR C 282 23.91 33.89 13.17
N SER C 283 22.81 33.14 13.09
CA SER C 283 22.31 32.42 14.25
C SER C 283 23.09 31.11 14.42
N GLY C 284 22.60 30.24 15.29
CA GLY C 284 23.22 28.96 15.52
C GLY C 284 24.29 29.01 16.61
N HIS C 285 24.66 27.83 17.09
CA HIS C 285 25.67 27.71 18.13
C HIS C 285 26.71 26.68 17.71
N LEU C 286 27.94 26.90 18.18
CA LEU C 286 29.09 26.06 17.83
C LEU C 286 29.83 25.70 19.12
N LYS C 287 29.66 24.48 19.60
CA LYS C 287 30.40 24.03 20.76
C LYS C 287 31.89 24.02 20.45
N CYS C 288 32.70 24.46 21.42
CA CYS C 288 34.13 24.62 21.21
C CYS C 288 34.89 24.14 22.42
N ARG C 289 36.21 24.09 22.27
CA ARG C 289 37.13 23.78 23.36
C ARG C 289 38.40 24.59 23.09
N VAL C 290 38.47 25.78 23.68
CA VAL C 290 39.56 26.71 23.43
C VAL C 290 40.71 26.37 24.38
N LYS C 291 41.91 26.28 23.83
CA LYS C 291 43.11 25.95 24.60
C LYS C 291 44.04 27.16 24.62
N MET C 292 44.41 27.59 25.82
CA MET C 292 45.30 28.74 26.00
C MET C 292 46.67 28.33 26.50
N GLU C 293 47.12 27.13 26.13
CA GLU C 293 48.43 26.66 26.56
C GLU C 293 49.55 27.56 26.03
N LYS C 294 49.46 27.96 24.75
CA LYS C 294 50.46 28.81 24.13
C LYS C 294 50.13 30.29 24.24
N LEU C 295 49.04 30.65 24.92
CA LEU C 295 48.67 32.05 25.09
C LEU C 295 49.51 32.66 26.20
N LYS C 296 50.21 33.75 25.89
CA LYS C 296 51.14 34.37 26.83
C LYS C 296 50.93 35.87 26.85
N LEU C 297 51.47 36.51 27.87
CA LEU C 297 51.27 37.94 28.10
C LEU C 297 52.12 38.77 27.16
N LYS C 298 51.76 40.05 27.05
CA LYS C 298 52.53 41.04 26.32
C LYS C 298 52.57 42.32 27.13
N GLY C 299 53.70 43.04 27.01
CA GLY C 299 53.87 44.30 27.73
C GLY C 299 54.40 44.17 29.14
N THR C 300 54.64 42.95 29.62
CA THR C 300 55.18 42.78 30.96
C THR C 300 56.60 43.33 31.07
N THR C 301 57.34 43.36 29.96
CA THR C 301 58.69 43.93 29.97
C THR C 301 58.69 45.43 30.14
N TYR C 302 57.60 46.10 29.77
CA TYR C 302 57.54 47.56 29.86
C TYR C 302 57.51 48.02 31.31
N GLY C 303 58.13 49.16 31.58
CA GLY C 303 58.07 49.78 32.88
C GLY C 303 56.79 50.58 33.06
N MET C 304 56.59 51.07 34.29
CA MET C 304 55.40 51.84 34.60
C MET C 304 55.51 53.25 34.05
N CYS C 305 54.36 53.84 33.77
CA CYS C 305 54.32 55.19 33.23
C CYS C 305 54.65 56.23 34.30
N THR C 306 55.12 57.38 33.86
CA THR C 306 55.56 58.45 34.76
C THR C 306 54.65 59.67 34.73
N GLU C 307 54.09 60.03 33.58
CA GLU C 307 53.26 61.21 33.47
C GLU C 307 51.87 60.93 34.04
N LYS C 308 50.99 61.93 33.94
CA LYS C 308 49.64 61.84 34.48
C LYS C 308 48.66 61.41 33.39
N PHE C 309 47.63 60.69 33.82
CA PHE C 309 46.60 60.16 32.93
C PHE C 309 45.33 60.98 33.08
N THR C 310 44.82 61.50 31.97
CA THR C 310 43.57 62.24 31.95
C THR C 310 42.50 61.41 31.25
N PHE C 311 41.30 61.37 31.85
CA PHE C 311 40.18 60.63 31.28
C PHE C 311 39.72 61.33 30.01
N SER C 312 40.07 60.76 28.85
CA SER C 312 39.61 61.33 27.59
C SER C 312 38.10 61.24 27.47
N LYS C 313 37.50 60.13 27.88
CA LYS C 313 36.07 59.94 27.85
C LYS C 313 35.60 59.37 29.19
N ASN C 314 34.45 59.83 29.64
CA ASN C 314 33.95 59.42 30.95
C ASN C 314 33.64 57.92 30.96
N PRO C 315 33.90 57.24 32.06
CA PRO C 315 33.56 55.81 32.15
C PRO C 315 32.07 55.59 31.96
N ALA C 316 31.73 54.51 31.26
CA ALA C 316 30.35 54.16 30.97
C ALA C 316 30.11 52.70 31.32
N ASP C 317 28.95 52.42 31.90
CA ASP C 317 28.60 51.05 32.25
C ASP C 317 28.21 50.27 31.00
N THR C 318 28.39 48.95 31.06
CA THR C 318 28.04 48.07 29.96
C THR C 318 26.69 47.40 30.13
N GLY C 319 26.18 47.32 31.36
CA GLY C 319 24.96 46.61 31.65
C GLY C 319 25.18 45.21 32.17
N HIS C 320 26.39 44.66 32.01
CA HIS C 320 26.74 43.36 32.56
C HIS C 320 27.55 43.48 33.85
N GLY C 321 27.70 44.68 34.39
CA GLY C 321 28.46 44.87 35.60
C GLY C 321 29.88 45.36 35.41
N THR C 322 30.26 45.75 34.19
CA THR C 322 31.62 46.18 33.90
C THR C 322 31.63 47.64 33.49
N VAL C 323 32.80 48.26 33.61
CA VAL C 323 33.00 49.68 33.34
C VAL C 323 34.05 49.82 32.26
N VAL C 324 33.75 50.63 31.24
CA VAL C 324 34.67 50.88 30.15
C VAL C 324 35.07 52.35 30.19
N LEU C 325 36.38 52.60 30.28
CA LEU C 325 36.89 53.96 30.35
C LEU C 325 38.08 54.10 29.41
N GLU C 326 38.33 55.34 29.01
CA GLU C 326 39.43 55.65 28.09
C GLU C 326 40.38 56.61 28.78
N LEU C 327 41.67 56.25 28.80
CA LEU C 327 42.70 57.04 29.44
C LEU C 327 43.60 57.67 28.39
N GLN C 328 43.91 58.95 28.58
CA GLN C 328 44.79 59.68 27.69
C GLN C 328 46.09 59.99 28.41
N TYR C 329 47.21 59.60 27.82
CA TYR C 329 48.53 59.80 28.41
C TYR C 329 49.14 61.08 27.85
N THR C 330 49.63 61.94 28.75
CA THR C 330 50.13 63.25 28.37
C THR C 330 51.61 63.24 28.02
N GLY C 331 52.41 62.45 28.72
CA GLY C 331 53.84 62.41 28.49
C GLY C 331 54.22 61.47 27.36
N SER C 332 55.52 61.22 27.25
CA SER C 332 56.04 60.33 26.22
C SER C 332 57.28 59.65 26.79
N ASP C 333 57.09 58.45 27.34
CA ASP C 333 58.18 57.64 27.89
C ASP C 333 58.24 56.28 27.22
N GLY C 334 57.76 56.20 25.98
CA GLY C 334 57.73 54.94 25.26
C GLY C 334 56.62 54.03 25.74
N PRO C 335 56.65 52.77 25.32
CA PRO C 335 55.64 51.81 25.80
C PRO C 335 55.76 51.60 27.30
N CYS C 336 54.72 51.99 28.02
CA CYS C 336 54.70 51.90 29.47
C CYS C 336 53.38 51.33 29.94
N LYS C 337 53.41 50.69 31.11
CA LYS C 337 52.24 50.04 31.67
C LYS C 337 51.45 51.03 32.53
N ILE C 338 50.14 51.03 32.35
CA ILE C 338 49.26 51.95 33.07
C ILE C 338 48.94 51.38 34.45
N PRO C 339 49.32 52.05 35.53
CA PRO C 339 48.87 51.60 36.86
C PRO C 339 47.42 51.99 37.11
N ILE C 340 46.53 51.00 37.12
CA ILE C 340 45.11 51.27 37.30
C ILE C 340 44.48 50.10 38.02
N SER C 341 43.66 50.40 39.02
CA SER C 341 42.98 49.36 39.78
C SER C 341 41.73 49.96 40.42
N SER C 342 40.82 49.08 40.80
CA SER C 342 39.60 49.47 41.49
C SER C 342 39.73 49.12 42.96
N VAL C 343 39.55 50.11 43.84
CA VAL C 343 39.74 49.92 45.26
C VAL C 343 38.42 50.19 45.97
N ALA C 344 38.18 49.44 47.05
CA ALA C 344 36.96 49.64 47.84
C ALA C 344 36.97 51.01 48.50
N SER C 345 38.12 51.44 49.03
CA SER C 345 38.24 52.74 49.67
C SER C 345 39.64 53.27 49.43
N LEU C 346 39.78 54.59 49.57
CA LEU C 346 41.06 55.25 49.28
C LEU C 346 42.06 55.14 50.42
N ASN C 347 41.64 54.69 51.60
CA ASN C 347 42.57 54.48 52.70
C ASN C 347 43.21 53.10 52.66
N ASP C 348 42.79 52.24 51.73
CA ASP C 348 43.34 50.90 51.57
C ASP C 348 44.21 50.77 50.33
N MET C 349 43.72 51.25 49.18
CA MET C 349 44.45 51.20 47.91
C MET C 349 44.80 49.78 47.51
N THR C 350 43.98 48.81 47.93
CA THR C 350 44.16 47.41 47.59
C THR C 350 43.17 47.00 46.53
N PRO C 351 43.62 46.54 45.36
CA PRO C 351 42.67 46.16 44.31
C PRO C 351 41.73 45.06 44.78
N VAL C 352 40.44 45.30 44.61
CA VAL C 352 39.40 44.37 45.06
C VAL C 352 38.63 43.86 43.85
N GLY C 353 38.56 44.66 42.79
CA GLY C 353 37.85 44.27 41.59
C GLY C 353 38.78 43.89 40.46
N ARG C 354 38.60 42.68 39.92
CA ARG C 354 39.45 42.22 38.84
C ARG C 354 39.19 43.03 37.57
N MET C 355 40.22 43.15 36.75
CA MET C 355 40.17 43.94 35.52
C MET C 355 40.00 43.01 34.32
N VAL C 356 38.97 43.29 33.52
CA VAL C 356 38.71 42.46 32.34
C VAL C 356 39.84 42.59 31.34
N THR C 357 40.30 43.82 31.08
CA THR C 357 41.42 44.03 30.17
C THR C 357 42.71 43.85 30.96
N ALA C 358 43.20 42.62 30.98
CA ALA C 358 44.37 42.28 31.78
C ALA C 358 45.62 42.96 31.23
N ASN C 359 46.42 43.52 32.14
CA ASN C 359 47.70 44.16 31.82
C ASN C 359 47.52 45.28 30.80
N PRO C 360 46.87 46.38 31.17
CA PRO C 360 46.77 47.51 30.24
C PRO C 360 48.11 48.22 30.09
N TYR C 361 48.32 48.81 28.93
CA TYR C 361 49.57 49.52 28.64
C TYR C 361 49.32 50.50 27.50
N VAL C 362 50.35 51.27 27.17
CA VAL C 362 50.30 52.23 26.08
C VAL C 362 51.35 51.81 25.07
N ALA C 363 50.91 51.25 23.94
CA ALA C 363 51.86 50.75 22.95
C ALA C 363 52.56 51.89 22.23
N SER C 364 51.82 52.91 21.80
CA SER C 364 52.40 53.98 21.02
C SER C 364 53.29 54.87 21.88
N SER C 365 54.28 55.48 21.24
CA SER C 365 55.19 56.41 21.91
C SER C 365 54.85 57.86 21.62
N THR C 366 53.66 58.13 21.08
CA THR C 366 53.24 59.49 20.79
C THR C 366 52.99 60.24 22.10
N ALA C 367 53.05 61.58 22.00
CA ALA C 367 52.86 62.41 23.19
C ALA C 367 51.48 62.21 23.79
N ASN C 368 50.45 62.14 22.95
CA ASN C 368 49.08 61.90 23.40
C ASN C 368 48.58 60.61 22.79
N ALA C 369 48.20 59.66 23.64
CA ALA C 369 47.69 58.38 23.20
C ALA C 369 46.45 58.03 24.00
N LYS C 370 45.52 57.32 23.36
CA LYS C 370 44.25 56.94 23.98
C LYS C 370 44.23 55.44 24.18
N VAL C 371 43.96 55.00 25.40
CA VAL C 371 43.93 53.60 25.77
C VAL C 371 42.58 53.28 26.40
N LEU C 372 41.92 52.26 25.90
CA LEU C 372 40.63 51.82 26.43
C LEU C 372 40.87 50.71 27.44
N VAL C 373 40.37 50.90 28.66
CA VAL C 373 40.52 49.94 29.74
C VAL C 373 39.14 49.56 30.24
N GLU C 374 38.89 48.27 30.37
CA GLU C 374 37.62 47.76 30.88
C GLU C 374 37.87 47.08 32.21
N ILE C 375 37.08 47.46 33.22
CA ILE C 375 37.23 46.96 34.58
C ILE C 375 35.92 46.30 35.01
N GLU C 376 36.00 45.51 36.07
CA GLU C 376 34.84 44.86 36.67
C GLU C 376 34.84 45.19 38.15
N PRO C 377 34.34 46.35 38.53
CA PRO C 377 34.34 46.75 39.94
C PRO C 377 33.37 45.89 40.75
N PRO C 378 33.59 45.78 42.06
CA PRO C 378 32.64 45.05 42.90
C PRO C 378 31.40 45.88 43.16
N PHE C 379 30.42 45.24 43.81
CA PHE C 379 29.17 45.90 44.13
C PHE C 379 29.38 47.00 45.16
N GLY C 380 28.54 48.02 45.10
CA GLY C 380 28.67 49.16 45.98
C GLY C 380 29.60 50.21 45.41
N ASP C 381 30.00 51.13 46.27
CA ASP C 381 30.92 52.19 45.87
C ASP C 381 32.30 51.63 45.57
N SER C 382 32.90 52.12 44.49
CA SER C 382 34.23 51.70 44.10
C SER C 382 34.95 52.88 43.47
N TYR C 383 36.26 52.95 43.70
CA TYR C 383 37.08 54.02 43.19
C TYR C 383 38.07 53.46 42.18
N ILE C 384 38.16 54.10 41.02
CA ILE C 384 39.08 53.70 39.97
C ILE C 384 40.30 54.61 40.09
N VAL C 385 41.38 54.07 40.65
CA VAL C 385 42.58 54.85 40.95
C VAL C 385 43.61 54.59 39.88
N VAL C 386 44.16 55.65 39.31
CA VAL C 386 45.22 55.57 38.30
C VAL C 386 46.43 56.31 38.84
N GLY C 387 47.55 55.60 38.97
CA GLY C 387 48.77 56.20 39.48
C GLY C 387 48.68 56.44 40.99
N ARG C 388 49.71 57.12 41.50
CA ARG C 388 49.79 57.47 42.90
C ARG C 388 50.41 58.86 43.04
N GLY C 389 50.45 59.37 44.27
CA GLY C 389 51.06 60.65 44.52
C GLY C 389 50.22 61.81 43.99
N ASP C 390 50.91 62.91 43.68
CA ASP C 390 50.22 64.08 43.16
C ASP C 390 49.67 63.85 41.75
N LYS C 391 50.26 62.92 41.01
CA LYS C 391 49.82 62.62 39.66
C LYS C 391 48.66 61.62 39.63
N GLN C 392 48.22 61.14 40.78
CA GLN C 392 47.11 60.21 40.84
C GLN C 392 45.83 60.89 40.36
N ILE C 393 45.08 60.20 39.49
CA ILE C 393 43.80 60.67 39.01
C ILE C 393 42.74 59.66 39.43
N ASN C 394 41.73 60.13 40.13
CA ASN C 394 40.74 59.27 40.75
C ASN C 394 39.43 59.31 39.98
N HIS C 395 38.53 58.40 40.33
CA HIS C 395 37.20 58.36 39.76
C HIS C 395 36.34 57.42 40.60
N HIS C 396 35.12 57.84 40.89
CA HIS C 396 34.20 57.07 41.72
C HIS C 396 33.18 56.36 40.83
N TRP C 397 32.89 55.11 41.19
CA TRP C 397 31.88 54.34 40.48
C TRP C 397 30.98 53.63 41.48
N HIS C 398 29.69 53.59 41.17
CA HIS C 398 28.69 52.94 42.02
C HIS C 398 27.99 51.87 41.19
N LYS C 399 28.36 50.61 41.41
CA LYS C 399 27.76 49.49 40.70
C LYS C 399 26.50 49.08 41.44
N GLU C 400 25.35 49.53 40.94
CA GLU C 400 24.08 49.21 41.59
C GLU C 400 23.77 47.73 41.44
N GLY C 401 23.27 47.14 42.52
CA GLY C 401 22.89 45.75 42.54
C GLY C 401 23.35 45.11 43.83
N SER C 402 23.38 43.77 43.82
CA SER C 402 23.81 43.01 44.98
C SER C 402 24.26 41.63 44.52
N SER C 403 25.01 40.95 45.39
CA SER C 403 25.46 39.60 45.07
C SER C 403 24.29 38.64 44.91
N ILE C 404 23.29 38.74 45.79
CA ILE C 404 22.11 37.89 45.68
C ILE C 404 21.34 38.20 44.40
N GLY C 405 21.19 39.50 44.09
CA GLY C 405 20.54 39.87 42.84
C GLY C 405 21.28 39.36 41.63
N LYS C 406 22.62 39.48 41.63
CA LYS C 406 23.40 38.94 40.54
C LYS C 406 23.31 37.42 40.49
N ALA C 407 23.22 36.76 41.64
CA ALA C 407 23.05 35.31 41.66
C ALA C 407 21.74 34.91 41.01
N PHE C 408 20.65 35.61 41.33
CA PHE C 408 19.37 35.31 40.69
C PHE C 408 19.43 35.61 39.20
N SER C 409 20.08 36.70 38.81
CA SER C 409 20.19 37.05 37.40
C SER C 409 20.94 35.97 36.63
N THR C 410 22.06 35.50 37.16
CA THR C 410 22.83 34.47 36.46
C THR C 410 22.12 33.12 36.49
N THR C 411 21.34 32.84 37.54
CA THR C 411 20.53 31.62 37.53
C THR C 411 19.47 31.67 36.45
N LEU C 412 18.81 32.82 36.29
CA LEU C 412 17.82 32.97 35.22
C LEU C 412 18.48 32.88 33.85
N LYS C 413 19.68 33.47 33.71
CA LYS C 413 20.40 33.39 32.44
C LYS C 413 20.78 31.95 32.12
N GLY C 414 21.23 31.19 33.12
CA GLY C 414 21.53 29.79 32.89
C GLY C 414 20.30 28.98 32.54
N ALA C 415 19.17 29.29 33.18
CA ALA C 415 17.92 28.61 32.81
C ALA C 415 17.53 28.92 31.37
N GLN C 416 17.67 30.17 30.95
CA GLN C 416 17.38 30.52 29.56
C GLN C 416 18.33 29.81 28.60
N ARG C 417 19.61 29.71 28.97
CA ARG C 417 20.57 29.01 28.13
C ARG C 417 20.23 27.53 28.02
N LEU C 418 19.82 26.92 29.13
CA LEU C 418 19.38 25.52 29.10
C LEU C 418 18.16 25.35 28.20
N ALA C 419 17.21 26.28 28.29
CA ALA C 419 16.00 26.18 27.48
C ALA C 419 16.32 26.36 25.99
N ALA C 420 17.25 27.25 25.67
CA ALA C 420 17.55 27.56 24.28
C ALA C 420 18.58 26.64 23.65
N LEU C 421 19.23 25.77 24.44
CA LEU C 421 20.22 24.85 23.91
C LEU C 421 19.85 23.39 24.11
N GLY C 422 19.46 23.01 25.33
CA GLY C 422 19.20 21.62 25.63
C GLY C 422 20.34 21.00 26.41
N ASP C 423 21.07 20.08 25.77
CA ASP C 423 22.20 19.43 26.43
C ASP C 423 23.50 20.19 26.25
N THR C 424 23.65 20.96 25.17
CA THR C 424 24.87 21.71 24.93
C THR C 424 25.14 22.75 26.01
N ALA C 425 24.10 23.22 26.70
CA ALA C 425 24.30 24.18 27.78
C ALA C 425 25.12 23.60 28.93
N TRP C 426 25.10 22.28 29.10
CA TRP C 426 25.95 21.65 30.11
C TRP C 426 27.42 21.63 29.72
N ASP C 427 27.74 21.93 28.47
CA ASP C 427 29.11 22.05 28.01
C ASP C 427 29.63 23.48 28.10
N PHE C 428 28.85 24.40 28.64
CA PHE C 428 29.24 25.79 28.77
C PHE C 428 30.10 25.93 30.02
N GLY C 429 31.41 26.13 29.82
CA GLY C 429 32.32 26.31 30.93
C GLY C 429 32.76 25.04 31.63
N SER C 430 32.34 23.88 31.15
CA SER C 430 32.74 22.64 31.79
C SER C 430 34.20 22.33 31.51
N VAL C 431 34.81 21.55 32.40
CA VAL C 431 36.20 21.15 32.27
C VAL C 431 36.27 19.63 32.26
N GLY C 432 35.16 18.99 31.88
CA GLY C 432 35.11 17.55 31.85
C GLY C 432 34.75 16.90 33.17
N GLY C 433 34.10 17.63 34.07
CA GLY C 433 33.75 17.07 35.36
C GLY C 433 32.71 15.97 35.25
N VAL C 434 32.72 15.08 36.24
CA VAL C 434 31.77 13.98 36.25
C VAL C 434 30.35 14.48 36.44
N PHE C 435 30.18 15.51 37.27
CA PHE C 435 28.84 16.06 37.51
C PHE C 435 28.22 16.60 36.22
N ASN C 436 29.01 17.33 35.43
CA ASN C 436 28.49 17.87 34.17
C ASN C 436 28.14 16.76 33.19
N SER C 437 28.94 15.70 33.15
CA SER C 437 28.68 14.60 32.22
C SER C 437 27.36 13.91 32.55
N ILE C 438 27.16 13.54 33.81
CA ILE C 438 25.91 12.89 34.19
C ILE C 438 24.73 13.84 34.04
N GLY C 439 24.94 15.14 34.33
CA GLY C 439 23.88 16.11 34.12
C GLY C 439 23.45 16.19 32.66
N LYS C 440 24.43 16.23 31.75
CA LYS C 440 24.12 16.27 30.33
C LYS C 440 23.43 14.97 29.89
N ALA C 441 23.88 13.83 30.41
CA ALA C 441 23.26 12.55 30.04
C ALA C 441 21.81 12.50 30.47
N VAL C 442 21.52 12.87 31.73
CA VAL C 442 20.15 12.84 32.20
C VAL C 442 19.31 13.88 31.49
N HIS C 443 19.90 15.04 31.15
CA HIS C 443 19.16 16.05 30.41
C HIS C 443 18.79 15.55 29.02
N GLN C 444 19.71 14.84 28.35
CA GLN C 444 19.39 14.25 27.06
C GLN C 444 18.27 13.22 27.19
N VAL C 445 18.36 12.37 28.23
CA VAL C 445 17.34 11.34 28.43
C VAL C 445 15.97 11.96 28.62
N PHE C 446 15.89 13.01 29.44
CA PHE C 446 14.60 13.66 29.67
C PHE C 446 14.13 14.44 28.44
N GLY C 447 15.05 15.12 27.76
CA GLY C 447 14.67 15.95 26.64
C GLY C 447 14.21 15.17 25.42
N GLY C 448 14.73 13.97 25.24
CA GLY C 448 14.22 13.13 24.16
C GLY C 448 12.73 12.86 24.31
N ALA C 449 12.31 12.45 25.50
CA ALA C 449 10.90 12.22 25.75
C ALA C 449 10.12 13.52 25.74
N PHE C 450 10.71 14.61 26.24
CA PHE C 450 10.01 15.89 26.28
C PHE C 450 9.70 16.40 24.88
N ARG C 451 10.66 16.29 23.96
CA ARG C 451 10.44 16.72 22.59
C ARG C 451 9.54 15.74 21.84
N THR C 452 9.69 14.44 22.10
CA THR C 452 8.83 13.46 21.45
C THR C 452 7.38 13.64 21.86
N LEU C 453 7.13 13.90 23.15
CA LEU C 453 5.76 14.05 23.64
C LEU C 453 5.17 15.38 23.20
N PHE C 454 5.95 16.45 23.26
CA PHE C 454 5.48 17.80 22.93
C PHE C 454 6.37 18.34 21.81
N GLY C 455 5.98 18.07 20.57
CA GLY C 455 6.83 18.40 19.44
C GLY C 455 6.76 19.84 18.98
N GLY C 456 5.60 20.25 18.44
CA GLY C 456 5.49 21.55 17.80
C GLY C 456 4.35 22.41 18.32
N MET C 457 4.07 22.31 19.61
CA MET C 457 3.02 23.12 20.21
C MET C 457 3.44 24.57 20.30
N SER C 458 2.44 25.46 20.27
CA SER C 458 2.69 26.88 20.38
C SER C 458 2.92 27.28 21.83
N TRP C 459 3.30 28.54 22.04
CA TRP C 459 3.60 28.99 23.40
C TRP C 459 2.36 28.99 24.28
N ILE C 460 1.20 29.39 23.75
CA ILE C 460 0.00 29.46 24.55
C ILE C 460 -0.49 28.06 24.93
N SER C 461 -0.41 27.12 23.98
CA SER C 461 -0.81 25.75 24.28
C SER C 461 0.07 25.14 25.36
N GLN C 462 1.38 25.43 25.32
CA GLN C 462 2.27 24.97 26.38
C GLN C 462 1.86 25.54 27.73
N GLY C 463 1.50 26.82 27.77
CA GLY C 463 1.06 27.42 29.02
C GLY C 463 -0.21 26.79 29.54
N LEU C 464 -1.17 26.53 28.66
CA LEU C 464 -2.41 25.89 29.07
C LEU C 464 -2.16 24.49 29.62
N LEU C 465 -1.30 23.72 28.93
CA LEU C 465 -0.97 22.39 29.41
C LEU C 465 -0.26 22.44 30.76
N GLY C 466 0.65 23.40 30.94
CA GLY C 466 1.31 23.54 32.22
C GLY C 466 0.36 23.90 33.34
N ALA C 467 -0.59 24.80 33.06
CA ALA C 467 -1.59 25.16 34.07
C ALA C 467 -2.46 23.96 34.43
N LEU C 468 -2.87 23.18 33.42
CA LEU C 468 -3.66 21.99 33.70
C LEU C 468 -2.87 20.97 34.52
N LEU C 469 -1.59 20.79 34.19
CA LEU C 469 -0.74 19.88 34.95
C LEU C 469 -0.59 20.34 36.39
N LEU C 470 -0.41 21.64 36.60
CA LEU C 470 -0.30 22.17 37.96
C LEU C 470 -1.60 21.92 38.73
N TRP C 471 -2.74 22.20 38.11
CA TRP C 471 -4.02 22.02 38.77
C TRP C 471 -4.25 20.56 39.12
N MET C 472 -3.85 19.64 38.24
CA MET C 472 -4.02 18.23 38.53
C MET C 472 -3.06 17.76 39.62
N GLY C 473 -1.83 18.28 39.61
CA GLY C 473 -0.84 17.87 40.60
C GLY C 473 -1.18 18.34 42.01
N VAL C 474 -1.66 19.58 42.13
CA VAL C 474 -1.98 20.11 43.46
C VAL C 474 -3.15 19.38 44.09
N ASN C 475 -3.98 18.70 43.29
CA ASN C 475 -5.09 17.91 43.81
C ASN C 475 -4.85 16.41 43.66
N ALA C 476 -3.63 16.00 43.36
CA ALA C 476 -3.32 14.59 43.19
C ALA C 476 -3.22 13.88 44.53
N ARG C 477 -3.32 12.56 44.50
CA ARG C 477 -3.25 11.74 45.71
C ARG C 477 -1.83 11.24 45.98
N ASP C 478 -1.26 10.50 45.04
CA ASP C 478 0.08 9.97 45.21
C ASP C 478 1.12 11.08 45.12
N LYS C 479 2.16 10.97 45.94
CA LYS C 479 3.19 12.01 45.99
C LYS C 479 4.04 12.03 44.73
N SER C 480 4.38 10.85 44.20
CA SER C 480 5.27 10.78 43.05
C SER C 480 4.64 11.41 41.82
N ILE C 481 3.39 11.05 41.51
CA ILE C 481 2.73 11.62 40.35
C ILE C 481 2.50 13.11 40.56
N ALA C 482 2.21 13.52 41.79
CA ALA C 482 1.99 14.93 42.07
C ALA C 482 3.25 15.75 41.79
N LEU C 483 4.39 15.30 42.30
CA LEU C 483 5.63 16.04 42.08
C LEU C 483 6.04 16.00 40.61
N ALA C 484 5.81 14.87 39.94
CA ALA C 484 6.13 14.78 38.52
C ALA C 484 5.29 15.77 37.71
N PHE C 485 4.00 15.83 38.00
CA PHE C 485 3.12 16.77 37.30
C PHE C 485 3.50 18.22 37.62
N LEU C 486 3.85 18.49 38.88
CA LEU C 486 4.26 19.84 39.24
C LEU C 486 5.51 20.25 38.47
N ALA C 487 6.51 19.37 38.39
CA ALA C 487 7.73 19.68 37.67
C ALA C 487 7.45 19.88 36.18
N THR C 488 6.64 18.99 35.59
CA THR C 488 6.33 19.11 34.17
C THR C 488 5.59 20.42 33.87
N GLY C 489 4.61 20.76 34.71
CA GLY C 489 3.88 22.00 34.51
C GLY C 489 4.74 23.22 34.69
N GLY C 490 5.66 23.19 35.66
CA GLY C 490 6.60 24.29 35.82
C GLY C 490 7.49 24.46 34.60
N VAL C 491 7.99 23.35 34.06
CA VAL C 491 8.81 23.41 32.86
C VAL C 491 8.01 23.97 31.68
N LEU C 492 6.77 23.51 31.53
CA LEU C 492 5.92 24.02 30.44
C LEU C 492 5.66 25.51 30.39
N LEU C 493 5.29 26.12 31.52
CA LEU C 493 5.10 27.57 31.56
C LEU C 493 6.41 28.41 31.54
N PHE C 494 7.48 27.79 32.01
CA PHE C 494 8.80 28.43 31.92
C PHE C 494 9.07 28.53 30.43
N LEU C 495 8.82 27.44 29.69
CA LEU C 495 8.99 27.48 28.24
C LEU C 495 8.02 28.46 27.60
N ALA C 496 6.77 28.47 28.08
CA ALA C 496 5.78 29.38 27.51
C ALA C 496 6.14 30.84 27.77
N THR C 497 6.61 31.15 28.97
CA THR C 497 6.96 32.52 29.31
C THR C 497 8.35 32.92 28.83
N ASN C 498 9.16 31.97 28.37
CA ASN C 498 10.51 32.30 27.92
C ASN C 498 10.48 33.17 26.66
N VAL C 499 9.50 32.93 25.79
CA VAL C 499 9.41 33.69 24.54
C VAL C 499 8.96 35.13 24.76
N HIS C 500 8.54 35.48 25.97
CA HIS C 500 8.07 36.82 26.31
C HIS C 500 6.90 37.24 25.41
N ALA C 501 5.81 36.48 25.52
CA ALA C 501 4.61 36.77 24.75
C ALA C 501 3.37 36.66 25.63
N GLN D 5 -12.59 -11.39 -8.25
CA GLN D 5 -13.98 -11.52 -7.82
C GLN D 5 -14.83 -12.21 -8.88
N THR D 6 -15.42 -13.34 -8.51
CA THR D 6 -16.28 -14.07 -9.42
C THR D 6 -17.61 -13.34 -9.62
N HIS D 7 -18.21 -13.55 -10.78
CA HIS D 7 -19.48 -12.90 -11.07
C HIS D 7 -20.60 -13.41 -10.17
N GLY D 8 -20.61 -14.71 -9.89
CA GLY D 8 -21.66 -15.31 -9.10
C GLY D 8 -22.91 -15.56 -9.92
N GLU D 9 -23.86 -16.24 -9.29
CA GLU D 9 -25.12 -16.59 -9.96
C GLU D 9 -25.88 -15.32 -10.31
N SER D 10 -26.31 -15.23 -11.57
CA SER D 10 -27.01 -14.04 -12.04
C SER D 10 -28.40 -13.95 -11.43
N THR D 11 -28.88 -12.72 -11.30
CA THR D 11 -30.23 -12.48 -10.78
C THR D 11 -31.32 -12.69 -11.83
N LEU D 12 -30.95 -12.90 -13.09
CA LEU D 12 -31.91 -13.18 -14.13
C LEU D 12 -32.39 -14.63 -14.00
N VAL D 13 -33.56 -14.91 -14.57
CA VAL D 13 -34.15 -16.24 -14.55
C VAL D 13 -33.72 -16.95 -15.82
N ASN D 14 -32.75 -17.84 -15.70
CA ASN D 14 -32.16 -18.52 -16.85
C ASN D 14 -32.43 -20.01 -16.74
N LYS D 15 -33.25 -20.53 -17.66
CA LYS D 15 -33.50 -21.96 -17.71
C LYS D 15 -32.26 -22.73 -18.15
N LYS D 16 -31.47 -22.16 -19.06
CA LYS D 16 -30.26 -22.78 -19.54
C LYS D 16 -29.15 -22.64 -18.51
N ASP D 17 -27.95 -23.09 -18.87
CA ASP D 17 -26.80 -22.94 -18.00
C ASP D 17 -26.11 -21.60 -18.24
N ALA D 18 -25.35 -21.16 -17.25
CA ALA D 18 -24.59 -19.93 -17.35
C ALA D 18 -23.30 -20.21 -18.14
N TRP D 19 -22.36 -19.26 -18.12
CA TRP D 19 -21.11 -19.45 -18.82
C TRP D 19 -20.33 -20.64 -18.27
N LEU D 20 -20.28 -20.77 -16.94
CA LEU D 20 -19.64 -21.92 -16.32
C LEU D 20 -20.61 -22.51 -15.30
N ASP D 21 -21.21 -23.65 -15.63
CA ASP D 21 -22.12 -24.34 -14.73
C ASP D 21 -21.61 -25.70 -14.27
N SER D 22 -20.70 -26.34 -15.02
CA SER D 22 -20.11 -27.59 -14.56
C SER D 22 -19.28 -27.38 -13.31
N THR D 23 -18.55 -26.26 -13.23
CA THR D 23 -17.71 -25.94 -12.08
C THR D 23 -18.47 -25.20 -10.99
N LYS D 24 -19.80 -25.17 -11.04
CA LYS D 24 -20.57 -24.44 -10.04
C LYS D 24 -20.37 -25.01 -8.65
N ALA D 25 -20.16 -26.33 -8.55
CA ALA D 25 -19.96 -26.98 -7.26
C ALA D 25 -18.51 -27.10 -6.87
N THR D 26 -17.58 -26.61 -7.70
CA THR D 26 -16.16 -26.73 -7.42
C THR D 26 -15.44 -25.40 -7.28
N ARG D 27 -15.91 -24.33 -7.92
CA ARG D 27 -15.18 -23.07 -7.89
C ARG D 27 -15.01 -22.54 -6.48
N TYR D 28 -15.92 -22.89 -5.57
CA TYR D 28 -15.87 -22.38 -4.20
C TYR D 28 -15.29 -23.38 -3.22
N LEU D 29 -14.86 -24.56 -3.66
CA LEU D 29 -14.37 -25.59 -2.76
C LEU D 29 -13.04 -26.20 -3.16
N THR D 30 -12.65 -26.15 -4.43
CA THR D 30 -11.39 -26.77 -4.84
C THR D 30 -10.20 -26.08 -4.20
N LYS D 31 -10.23 -24.76 -4.10
CA LYS D 31 -9.13 -24.03 -3.47
C LYS D 31 -9.00 -24.41 -2.00
N THR D 32 -10.12 -24.47 -1.29
CA THR D 32 -10.08 -24.83 0.13
C THR D 32 -9.57 -26.25 0.32
N GLU D 33 -10.06 -27.20 -0.49
CA GLU D 33 -9.64 -28.59 -0.29
C GLU D 33 -8.17 -28.77 -0.67
N ASN D 34 -7.71 -28.09 -1.72
CA ASN D 34 -6.30 -28.19 -2.08
C ASN D 34 -5.41 -27.58 -1.01
N TRP D 35 -5.83 -26.46 -0.41
CA TRP D 35 -5.04 -25.88 0.67
C TRP D 35 -5.03 -26.81 1.88
N ILE D 36 -6.17 -27.42 2.21
CA ILE D 36 -6.22 -28.31 3.36
C ILE D 36 -5.31 -29.52 3.15
N ILE D 37 -5.33 -30.09 1.95
CA ILE D 37 -4.47 -31.23 1.66
C ILE D 37 -3.01 -30.83 1.73
N ARG D 38 -2.69 -29.60 1.31
CA ARG D 38 -1.30 -29.16 1.26
C ARG D 38 -0.66 -29.18 2.64
N ASN D 39 -1.33 -28.61 3.64
CA ASN D 39 -0.83 -28.56 5.01
C ASN D 39 -1.91 -29.08 5.95
N PRO D 40 -2.07 -30.40 6.05
CA PRO D 40 -3.09 -30.95 6.94
C PRO D 40 -2.77 -30.79 8.42
N GLY D 41 -1.57 -30.32 8.76
CA GLY D 41 -1.22 -30.13 10.15
C GLY D 41 -2.06 -29.08 10.85
N TYR D 42 -2.58 -28.11 10.10
CA TYR D 42 -3.43 -27.08 10.69
C TYR D 42 -4.75 -27.64 11.19
N ALA D 43 -5.19 -28.78 10.67
CA ALA D 43 -6.51 -29.30 11.00
C ALA D 43 -6.65 -29.55 12.49
N LEU D 44 -5.63 -30.12 13.13
CA LEU D 44 -5.69 -30.35 14.56
C LEU D 44 -5.64 -29.05 15.34
N VAL D 45 -4.98 -28.02 14.81
CA VAL D 45 -4.88 -26.75 15.52
C VAL D 45 -6.26 -26.13 15.70
N ALA D 46 -7.03 -26.05 14.61
CA ALA D 46 -8.37 -25.49 14.71
C ALA D 46 -9.26 -26.34 15.61
N VAL D 47 -9.10 -27.67 15.53
CA VAL D 47 -9.91 -28.56 16.35
C VAL D 47 -9.65 -28.32 17.82
N VAL D 48 -8.38 -28.24 18.22
CA VAL D 48 -8.07 -28.06 19.63
C VAL D 48 -8.46 -26.66 20.09
N LEU D 49 -8.28 -25.64 19.23
CA LEU D 49 -8.68 -24.29 19.61
C LEU D 49 -10.19 -24.21 19.84
N GLY D 50 -10.98 -24.84 18.97
CA GLY D 50 -12.42 -24.87 19.19
C GLY D 50 -12.81 -25.67 20.42
N TRP D 51 -12.17 -26.82 20.62
CA TRP D 51 -12.56 -27.70 21.73
C TRP D 51 -12.24 -27.07 23.08
N MET D 52 -11.08 -26.42 23.20
CA MET D 52 -10.65 -25.87 24.48
C MET D 52 -11.24 -24.49 24.76
N LEU D 53 -11.97 -23.90 23.82
CA LEU D 53 -12.58 -22.60 24.02
C LEU D 53 -14.10 -22.65 24.12
N GLY D 54 -14.75 -23.54 23.38
CA GLY D 54 -16.20 -23.59 23.39
C GLY D 54 -16.73 -24.04 24.74
N SER D 55 -17.67 -23.27 25.29
CA SER D 55 -18.32 -23.67 26.53
C SER D 55 -19.35 -24.78 26.31
N ASN D 56 -19.79 -24.97 25.08
CA ASN D 56 -20.72 -26.03 24.72
C ASN D 56 -20.13 -26.83 23.56
N THR D 57 -20.59 -28.08 23.43
CA THR D 57 -20.09 -28.94 22.35
C THR D 57 -20.44 -28.35 20.98
N GLY D 58 -21.67 -27.89 20.82
CA GLY D 58 -22.06 -27.28 19.55
C GLY D 58 -21.26 -26.02 19.26
N GLN D 59 -21.04 -25.19 20.28
CA GLN D 59 -20.22 -24.00 20.10
C GLN D 59 -18.80 -24.36 19.70
N LYS D 60 -18.23 -25.39 20.34
CA LYS D 60 -16.87 -25.81 20.00
C LYS D 60 -16.79 -26.30 18.57
N VAL D 61 -17.77 -27.08 18.13
CA VAL D 61 -17.79 -27.55 16.75
C VAL D 61 -17.90 -26.38 15.78
N ILE D 62 -18.75 -25.40 16.13
CA ILE D 62 -18.91 -24.22 15.28
C ILE D 62 -17.59 -23.47 15.14
N PHE D 63 -16.90 -23.28 16.27
CA PHE D 63 -15.63 -22.54 16.21
C PHE D 63 -14.58 -23.31 15.43
N THR D 64 -14.53 -24.64 15.61
CA THR D 64 -13.58 -25.45 14.88
C THR D 64 -13.80 -25.33 13.37
N VAL D 65 -15.05 -25.51 12.92
CA VAL D 65 -15.32 -25.42 11.49
C VAL D 65 -15.09 -24.01 10.98
N LEU D 66 -15.41 -22.99 11.79
CA LEU D 66 -15.20 -21.61 11.37
C LEU D 66 -13.73 -21.32 11.15
N LEU D 67 -12.86 -21.76 12.07
CA LEU D 67 -11.43 -21.54 11.88
C LEU D 67 -10.89 -22.36 10.72
N LEU D 68 -11.34 -23.61 10.58
CA LEU D 68 -10.90 -24.46 9.48
C LEU D 68 -11.35 -23.92 8.13
N LEU D 69 -12.39 -23.09 8.12
CA LEU D 69 -12.82 -22.43 6.90
C LEU D 69 -12.12 -21.09 6.68
N VAL D 70 -11.81 -20.38 7.76
CA VAL D 70 -11.09 -19.11 7.65
C VAL D 70 -9.70 -19.33 7.08
N ALA D 71 -9.01 -20.37 7.56
CA ALA D 71 -7.59 -20.53 7.21
C ALA D 71 -7.33 -20.63 5.72
N PRO D 72 -8.02 -21.51 4.94
CA PRO D 72 -7.67 -21.62 3.51
C PRO D 72 -7.98 -20.36 2.72
N ALA D 73 -9.22 -19.89 2.81
CA ALA D 73 -9.64 -18.68 2.12
C ALA D 73 -9.29 -17.49 3.01
N TYR D 74 -8.15 -16.87 2.74
CA TYR D 74 -7.66 -15.78 3.59
C TYR D 74 -8.63 -14.61 3.55
N SER D 75 -8.93 -14.07 4.73
CA SER D 75 -9.90 -12.99 4.89
C SER D 75 -11.26 -13.36 4.29
N GLN E 5 -5.12 -20.73 -7.23
CA GLN E 5 -4.38 -20.70 -5.97
C GLN E 5 -3.12 -19.86 -6.10
N THR E 6 -2.93 -18.94 -5.16
CA THR E 6 -1.75 -18.09 -5.17
C THR E 6 -0.52 -18.86 -4.71
N HIS E 7 0.66 -18.40 -5.16
CA HIS E 7 1.90 -19.06 -4.78
C HIS E 7 2.21 -18.85 -3.31
N GLY E 8 2.01 -17.64 -2.81
CA GLY E 8 2.36 -17.31 -1.45
C GLY E 8 3.83 -16.97 -1.32
N GLU E 9 4.20 -16.52 -0.12
CA GLU E 9 5.58 -16.15 0.16
C GLU E 9 6.49 -17.37 0.07
N SER E 10 7.49 -17.30 -0.81
CA SER E 10 8.43 -18.40 -0.96
C SER E 10 9.29 -18.55 0.28
N THR E 11 9.62 -19.79 0.61
CA THR E 11 10.42 -20.10 1.79
C THR E 11 11.91 -19.88 1.55
N LEU E 12 12.31 -19.53 0.34
CA LEU E 12 13.70 -19.21 0.03
C LEU E 12 14.02 -17.79 0.49
N VAL E 13 15.20 -17.63 1.07
CA VAL E 13 15.63 -16.31 1.52
C VAL E 13 15.87 -15.42 0.30
N ASN E 14 15.16 -14.31 0.22
CA ASN E 14 15.23 -13.39 -0.92
C ASN E 14 15.15 -11.97 -0.38
N LYS E 15 16.31 -11.33 -0.24
CA LYS E 15 16.36 -9.97 0.26
C LYS E 15 15.71 -8.98 -0.69
N LYS E 16 15.56 -9.35 -1.96
CA LYS E 16 14.90 -8.51 -2.94
C LYS E 16 13.39 -8.78 -2.91
N ASP E 17 12.67 -8.27 -3.90
CA ASP E 17 11.22 -8.46 -3.98
C ASP E 17 10.89 -9.71 -4.80
N ALA E 18 9.68 -10.22 -4.58
CA ALA E 18 9.19 -11.37 -5.31
C ALA E 18 8.62 -10.90 -6.65
N TRP E 19 7.90 -11.79 -7.34
CA TRP E 19 7.28 -11.40 -8.61
C TRP E 19 6.26 -10.30 -8.40
N LEU E 20 5.44 -10.41 -7.37
CA LEU E 20 4.48 -9.37 -7.00
C LEU E 20 4.71 -8.99 -5.55
N ASP E 21 5.24 -7.79 -5.33
CA ASP E 21 5.52 -7.32 -3.99
C ASP E 21 4.66 -6.11 -3.66
N SER E 22 4.30 -5.34 -4.68
CA SER E 22 3.44 -4.18 -4.48
C SER E 22 2.08 -4.60 -3.96
N THR E 23 1.52 -5.68 -4.50
CA THR E 23 0.21 -6.17 -4.10
C THR E 23 0.25 -7.10 -2.91
N LYS E 24 1.38 -7.14 -2.18
CA LYS E 24 1.49 -8.05 -1.05
C LYS E 24 0.47 -7.72 0.04
N ALA E 25 0.09 -6.45 0.15
CA ALA E 25 -0.88 -6.02 1.14
C ALA E 25 -2.29 -5.86 0.58
N THR E 26 -2.50 -6.17 -0.69
CA THR E 26 -3.81 -6.03 -1.31
C THR E 26 -4.39 -7.33 -1.84
N ARG E 27 -3.57 -8.31 -2.18
CA ARG E 27 -4.09 -9.55 -2.76
C ARG E 27 -5.07 -10.25 -1.83
N TYR E 28 -4.85 -10.15 -0.52
CA TYR E 28 -5.69 -10.85 0.46
C TYR E 28 -6.78 -9.96 1.03
N LEU E 29 -6.91 -8.72 0.58
CA LEU E 29 -7.88 -7.79 1.16
C LEU E 29 -8.77 -7.08 0.15
N THR E 30 -8.38 -6.99 -1.12
CA THR E 30 -9.21 -6.27 -2.09
C THR E 30 -10.56 -6.95 -2.26
N LYS E 31 -10.56 -8.29 -2.37
CA LYS E 31 -11.83 -9.00 -2.53
C LYS E 31 -12.74 -8.78 -1.34
N THR E 32 -12.19 -8.88 -0.12
CA THR E 32 -13.01 -8.72 1.08
C THR E 32 -13.57 -7.31 1.18
N GLU E 33 -12.74 -6.30 0.93
CA GLU E 33 -13.22 -4.93 1.07
C GLU E 33 -14.24 -4.59 -0.01
N ASN E 34 -14.03 -5.06 -1.25
CA ASN E 34 -14.99 -4.82 -2.31
C ASN E 34 -16.32 -5.52 -2.02
N TRP E 35 -16.27 -6.74 -1.49
CA TRP E 35 -17.50 -7.44 -1.15
C TRP E 35 -18.25 -6.74 -0.02
N ILE E 36 -17.51 -6.27 1.01
CA ILE E 36 -18.15 -5.57 2.11
C ILE E 36 -18.80 -4.28 1.62
N ILE E 37 -18.10 -3.54 0.76
CA ILE E 37 -18.68 -2.33 0.18
C ILE E 37 -19.87 -2.68 -0.71
N ARG E 38 -19.78 -3.81 -1.42
CA ARG E 38 -20.84 -4.18 -2.37
C ARG E 38 -22.17 -4.37 -1.66
N ASN E 39 -22.19 -5.17 -0.59
CA ASN E 39 -23.41 -5.44 0.17
C ASN E 39 -23.14 -5.17 1.65
N PRO E 40 -23.13 -3.89 2.05
CA PRO E 40 -22.88 -3.56 3.45
C PRO E 40 -23.94 -4.04 4.41
N GLY E 41 -25.12 -4.43 3.92
CA GLY E 41 -26.19 -4.89 4.79
C GLY E 41 -25.86 -6.14 5.56
N TYR E 42 -24.91 -6.94 5.08
CA TYR E 42 -24.52 -8.15 5.79
C TYR E 42 -23.80 -7.85 7.10
N ALA E 43 -23.22 -6.65 7.24
CA ALA E 43 -22.40 -6.35 8.40
C ALA E 43 -23.20 -6.48 9.70
N LEU E 44 -24.43 -6.00 9.72
CA LEU E 44 -25.25 -6.12 10.93
C LEU E 44 -25.63 -7.56 11.21
N VAL E 45 -25.72 -8.39 10.17
CA VAL E 45 -26.09 -9.80 10.36
C VAL E 45 -25.03 -10.50 11.21
N ALA E 46 -23.75 -10.27 10.90
CA ALA E 46 -22.68 -10.88 11.68
C ALA E 46 -22.71 -10.38 13.11
N VAL E 47 -22.97 -9.09 13.31
CA VAL E 47 -22.99 -8.53 14.65
C VAL E 47 -24.10 -9.15 15.48
N VAL E 48 -25.30 -9.27 14.91
CA VAL E 48 -26.42 -9.82 15.66
C VAL E 48 -26.21 -11.31 15.92
N LEU E 49 -25.65 -12.03 14.94
CA LEU E 49 -25.36 -13.45 15.15
C LEU E 49 -24.34 -13.64 16.26
N GLY E 50 -23.31 -12.80 16.31
CA GLY E 50 -22.35 -12.88 17.40
C GLY E 50 -22.97 -12.54 18.74
N TRP E 51 -23.82 -11.53 18.78
CA TRP E 51 -24.46 -11.14 20.03
C TRP E 51 -25.45 -12.19 20.52
N MET E 52 -26.02 -12.98 19.61
CA MET E 52 -27.01 -13.97 20.01
C MET E 52 -26.36 -15.16 20.70
N LEU E 53 -25.46 -15.84 20.01
CA LEU E 53 -24.85 -17.06 20.52
C LEU E 53 -23.53 -16.82 21.26
N GLY E 54 -23.13 -15.57 21.43
CA GLY E 54 -21.90 -15.27 22.14
C GLY E 54 -22.05 -15.28 23.65
N SER E 55 -21.37 -16.22 24.31
CA SER E 55 -21.44 -16.28 25.77
C SER E 55 -20.69 -15.13 26.41
N ASN E 56 -19.56 -14.72 25.83
CA ASN E 56 -18.74 -13.65 26.36
C ASN E 56 -18.60 -12.55 25.32
N THR E 57 -18.37 -11.32 25.80
CA THR E 57 -18.24 -10.18 24.90
C THR E 57 -17.07 -10.36 23.94
N GLY E 58 -15.93 -10.81 24.46
CA GLY E 58 -14.82 -11.14 23.58
C GLY E 58 -15.18 -12.23 22.60
N GLN E 59 -15.92 -13.23 23.05
CA GLN E 59 -16.41 -14.27 22.15
C GLN E 59 -17.34 -13.70 21.09
N LYS E 60 -18.21 -12.75 21.49
CA LYS E 60 -19.08 -12.11 20.52
C LYS E 60 -18.29 -11.40 19.44
N VAL E 61 -17.25 -10.65 19.85
CA VAL E 61 -16.42 -9.94 18.88
C VAL E 61 -15.70 -10.93 17.96
N ILE E 62 -15.20 -12.03 18.53
CA ILE E 62 -14.51 -13.04 17.74
C ILE E 62 -15.45 -13.63 16.69
N PHE E 63 -16.67 -13.98 17.10
CA PHE E 63 -17.62 -14.56 16.16
C PHE E 63 -17.99 -13.56 15.08
N THR E 64 -18.19 -12.29 15.45
CA THR E 64 -18.54 -11.28 14.47
C THR E 64 -17.44 -11.12 13.43
N VAL E 65 -16.18 -11.02 13.87
CA VAL E 65 -15.10 -10.82 12.92
C VAL E 65 -14.88 -12.07 12.08
N LEU E 66 -15.05 -13.26 12.67
CA LEU E 66 -14.91 -14.49 11.89
C LEU E 66 -15.98 -14.60 10.81
N LEU E 67 -17.22 -14.23 11.13
CA LEU E 67 -18.26 -14.24 10.11
C LEU E 67 -18.00 -13.20 9.03
N LEU E 68 -17.58 -12.00 9.43
CA LEU E 68 -17.27 -10.95 8.46
C LEU E 68 -16.08 -11.29 7.59
N LEU E 69 -15.22 -12.21 8.02
CA LEU E 69 -14.14 -12.70 7.17
C LEU E 69 -14.55 -13.90 6.33
N VAL E 70 -15.42 -14.77 6.86
CA VAL E 70 -15.84 -15.95 6.10
C VAL E 70 -16.73 -15.55 4.93
N ALA E 71 -17.65 -14.63 5.14
CA ALA E 71 -18.64 -14.33 4.11
C ALA E 71 -18.04 -13.87 2.79
N PRO E 72 -17.10 -12.91 2.74
CA PRO E 72 -16.55 -12.49 1.44
C PRO E 72 -15.80 -13.61 0.74
N ALA E 73 -14.79 -14.16 1.41
CA ALA E 73 -14.01 -15.27 0.87
C ALA E 73 -14.76 -16.55 1.19
N TYR E 74 -15.65 -16.95 0.26
CA TYR E 74 -16.51 -18.10 0.48
C TYR E 74 -15.67 -19.35 0.69
N SER E 75 -16.03 -20.11 1.73
CA SER E 75 -15.29 -21.31 2.12
C SER E 75 -13.82 -21.00 2.37
N GLN F 5 -1.15 26.21 7.84
CA GLN F 5 -0.39 25.75 8.99
C GLN F 5 0.75 26.70 9.32
N THR F 6 0.82 27.13 10.56
CA THR F 6 1.87 28.04 10.99
C THR F 6 3.20 27.30 11.16
N HIS F 7 4.29 28.04 11.00
CA HIS F 7 5.61 27.45 11.13
C HIS F 7 5.97 27.17 12.59
N GLY F 8 5.59 28.07 13.49
CA GLY F 8 5.90 27.91 14.89
C GLY F 8 7.32 28.31 15.21
N GLU F 9 7.65 28.26 16.50
CA GLU F 9 8.97 28.65 16.98
C GLU F 9 10.02 27.67 16.47
N SER F 10 11.09 28.20 15.90
CA SER F 10 12.15 27.37 15.35
C SER F 10 13.04 26.83 16.48
N THR F 11 13.54 25.61 16.28
CA THR F 11 14.41 24.98 17.26
C THR F 11 15.84 25.51 17.20
N LEU F 12 16.20 26.25 16.16
CA LEU F 12 17.53 26.81 16.06
C LEU F 12 17.72 27.92 17.09
N VAL F 13 18.90 27.97 17.70
CA VAL F 13 19.21 28.96 18.72
C VAL F 13 19.36 30.31 18.04
N ASN F 14 18.46 31.24 18.37
CA ASN F 14 18.43 32.55 17.72
C ASN F 14 18.19 33.61 18.78
N LYS F 15 19.20 34.44 19.03
CA LYS F 15 19.05 35.58 19.93
C LYS F 15 18.35 36.75 19.25
N LYS F 16 18.20 36.73 17.93
CA LYS F 16 17.54 37.79 17.19
C LYS F 16 16.03 37.62 17.30
N ASP F 17 15.29 38.36 16.48
CA ASP F 17 13.86 38.19 16.34
C ASP F 17 13.56 37.39 15.08
N ALA F 18 12.50 36.59 15.15
CA ALA F 18 12.13 35.73 14.03
C ALA F 18 11.47 36.57 12.94
N TRP F 19 10.89 35.90 11.93
CA TRP F 19 10.28 36.63 10.82
C TRP F 19 9.11 37.48 11.30
N LEU F 20 8.27 36.94 12.17
CA LEU F 20 7.14 37.66 12.74
C LEU F 20 7.27 37.61 14.26
N ASP F 21 7.98 38.59 14.81
CA ASP F 21 8.17 38.65 16.26
C ASP F 21 7.08 39.46 16.95
N SER F 22 6.59 40.51 16.30
CA SER F 22 5.55 41.35 16.90
C SER F 22 4.26 40.57 17.10
N THR F 23 3.88 39.74 16.11
CA THR F 23 2.63 39.02 16.15
C THR F 23 2.70 37.70 16.91
N LYS F 24 3.82 37.44 17.61
CA LYS F 24 3.96 36.18 18.33
C LYS F 24 2.93 36.04 19.43
N ALA F 25 2.46 37.16 19.99
CA ALA F 25 1.47 37.14 21.06
C ALA F 25 0.05 37.38 20.57
N THR F 26 -0.16 37.48 19.25
CA THR F 26 -1.48 37.76 18.71
C THR F 26 -1.94 36.78 17.64
N ARG F 27 -1.03 36.09 16.94
CA ARG F 27 -1.45 35.20 15.86
C ARG F 27 -2.42 34.13 16.35
N TYR F 28 -2.23 33.65 17.57
CA TYR F 28 -3.03 32.57 18.12
C TYR F 28 -4.20 33.06 18.98
N LEU F 29 -4.42 34.36 19.06
CA LEU F 29 -5.45 34.89 19.95
C LEU F 29 -6.42 35.84 19.24
N THR F 30 -5.97 36.49 18.18
CA THR F 30 -6.82 37.48 17.52
C THR F 30 -8.05 36.83 16.91
N LYS F 31 -7.90 35.67 16.27
CA LYS F 31 -9.04 34.97 15.70
C LYS F 31 -10.03 34.56 16.77
N THR F 32 -9.53 34.00 17.87
CA THR F 32 -10.42 33.55 18.95
C THR F 32 -11.17 34.72 19.56
N GLU F 33 -10.48 35.84 19.81
CA GLU F 33 -11.16 36.98 20.42
C GLU F 33 -12.15 37.62 19.46
N ASN F 34 -11.82 37.69 18.17
CA ASN F 34 -12.77 38.20 17.20
C ASN F 34 -14.00 37.31 17.12
N TRP F 35 -13.82 35.99 17.14
CA TRP F 35 -14.96 35.08 17.09
C TRP F 35 -15.83 35.21 18.33
N ILE F 36 -15.21 35.30 19.51
CA ILE F 36 -16.00 35.37 20.73
C ILE F 36 -16.71 36.71 20.84
N ILE F 37 -16.11 37.78 20.30
CA ILE F 37 -16.79 39.07 20.28
C ILE F 37 -17.95 39.04 19.30
N ARG F 38 -17.74 38.44 18.11
CA ARG F 38 -18.79 38.41 17.11
C ARG F 38 -19.94 37.48 17.50
N ASN F 39 -19.66 36.47 18.33
CA ASN F 39 -20.67 35.51 18.76
C ASN F 39 -20.67 35.42 20.28
N PRO F 40 -21.17 36.45 20.96
CA PRO F 40 -21.22 36.42 22.43
C PRO F 40 -22.25 35.48 22.99
N GLY F 41 -23.18 34.99 22.17
CA GLY F 41 -24.24 34.12 22.67
C GLY F 41 -23.77 32.72 23.03
N TYR F 42 -22.62 32.29 22.49
CA TYR F 42 -22.12 30.95 22.79
C TYR F 42 -21.62 30.83 24.22
N ALA F 43 -21.27 31.95 24.86
CA ALA F 43 -20.65 31.89 26.18
C ALA F 43 -21.57 31.22 27.19
N LEU F 44 -22.86 31.54 27.17
CA LEU F 44 -23.80 30.91 28.09
C LEU F 44 -23.93 29.42 27.81
N VAL F 45 -23.94 29.02 26.54
CA VAL F 45 -24.00 27.61 26.20
C VAL F 45 -22.78 26.88 26.74
N ALA F 46 -21.59 27.47 26.56
CA ALA F 46 -20.37 26.83 27.02
C ALA F 46 -20.37 26.65 28.53
N VAL F 47 -20.76 27.69 29.26
CA VAL F 47 -20.73 27.59 30.72
C VAL F 47 -21.79 26.62 31.22
N VAL F 48 -22.96 26.59 30.58
CA VAL F 48 -24.00 25.63 30.99
C VAL F 48 -23.53 24.21 30.75
N LEU F 49 -22.93 23.96 29.58
CA LEU F 49 -22.45 22.62 29.28
C LEU F 49 -21.31 22.21 30.21
N GLY F 50 -20.43 23.16 30.55
CA GLY F 50 -19.37 22.86 31.48
C GLY F 50 -19.88 22.54 32.88
N TRP F 51 -20.86 23.31 33.34
CA TRP F 51 -21.44 23.06 34.67
C TRP F 51 -22.14 21.71 34.71
N MET F 52 -22.88 21.36 33.64
CA MET F 52 -23.59 20.10 33.63
C MET F 52 -22.65 18.91 33.48
N LEU F 53 -21.62 19.04 32.63
CA LEU F 53 -20.79 17.90 32.26
C LEU F 53 -19.91 17.40 33.39
N GLY F 54 -19.69 18.20 34.42
CA GLY F 54 -18.83 17.81 35.51
C GLY F 54 -19.54 17.92 36.85
N SER F 55 -19.05 17.12 37.80
CA SER F 55 -19.55 17.13 39.17
C SER F 55 -18.69 17.96 40.11
N ASN F 56 -17.37 17.80 40.05
CA ASN F 56 -16.48 18.63 40.85
C ASN F 56 -16.49 20.06 40.34
N THR F 57 -16.35 21.00 41.28
CA THR F 57 -16.41 22.42 40.92
C THR F 57 -15.28 22.80 39.97
N GLY F 58 -14.07 22.32 40.23
CA GLY F 58 -12.95 22.62 39.34
C GLY F 58 -13.13 22.00 37.96
N GLN F 59 -13.70 20.79 37.90
CA GLN F 59 -13.95 20.15 36.62
C GLN F 59 -14.90 20.97 35.78
N LYS F 60 -15.90 21.61 36.41
CA LYS F 60 -16.82 22.47 35.67
C LYS F 60 -16.09 23.64 35.03
N VAL F 61 -15.20 24.28 35.78
CA VAL F 61 -14.43 25.41 35.24
C VAL F 61 -13.53 24.95 34.10
N ILE F 62 -12.90 23.78 34.27
CA ILE F 62 -12.06 23.25 33.21
C ILE F 62 -12.87 22.98 31.96
N PHE F 63 -14.06 22.38 32.11
CA PHE F 63 -14.93 22.13 30.97
C PHE F 63 -15.32 23.42 30.28
N THR F 64 -15.69 24.44 31.06
CA THR F 64 -16.11 25.71 30.48
C THR F 64 -15.00 26.35 29.67
N VAL F 65 -13.79 26.41 30.24
CA VAL F 65 -12.68 27.06 29.54
C VAL F 65 -12.28 26.24 28.32
N LEU F 66 -12.32 24.91 28.43
CA LEU F 66 -11.95 24.07 27.29
C LEU F 66 -12.93 24.25 26.14
N LEU F 67 -14.23 24.28 26.42
CA LEU F 67 -15.21 24.48 25.37
C LEU F 67 -15.11 25.88 24.77
N LEU F 68 -14.87 26.89 25.62
CA LEU F 68 -14.74 28.25 25.12
C LEU F 68 -13.51 28.40 24.22
N LEU F 69 -12.46 27.63 24.48
CA LEU F 69 -11.32 27.60 23.57
C LEU F 69 -11.60 26.78 22.32
N VAL F 70 -12.36 25.70 22.44
CA VAL F 70 -12.61 24.82 21.29
C VAL F 70 -13.45 25.54 20.24
N ALA F 71 -14.51 26.24 20.68
CA ALA F 71 -15.48 26.75 19.72
C ALA F 71 -14.88 27.65 18.65
N PRO F 72 -14.05 28.66 18.96
CA PRO F 72 -13.50 29.49 17.87
C PRO F 72 -12.50 28.75 17.01
N ALA F 73 -11.68 27.89 17.61
CA ALA F 73 -10.67 27.12 16.87
C ALA F 73 -11.28 25.76 16.56
N TYR F 74 -11.96 25.67 15.43
CA TYR F 74 -12.68 24.47 15.07
C TYR F 74 -11.73 23.29 14.93
N SER F 75 -12.10 22.16 15.53
CA SER F 75 -11.28 20.94 15.54
C SER F 75 -9.89 21.21 16.08
C1 NAG G . -42.44 -24.45 -43.84
C2 NAG G . -40.93 -24.66 -43.99
C3 NAG G . -40.44 -24.02 -45.28
C4 NAG G . -41.25 -24.53 -46.48
C5 NAG G . -42.74 -24.33 -46.23
C6 NAG G . -43.60 -24.93 -47.31
C7 NAG G . -39.04 -24.56 -42.44
C8 NAG G . -38.46 -23.88 -41.24
N2 NAG G . -40.23 -24.12 -42.85
O3 NAG G . -39.06 -24.34 -45.46
O4 NAG G . -40.88 -23.81 -47.65
O5 NAG G . -43.11 -24.97 -45.00
O6 NAG G . -43.58 -26.35 -47.28
O7 NAG G . -38.46 -25.46 -43.02
C1 NAG H . 38.40 -1.34 -14.81
C2 NAG H . 37.45 -0.53 -15.70
C3 NAG H . 37.83 -0.70 -17.17
C4 NAG H . 39.29 -0.36 -17.38
C5 NAG H . 40.17 -1.18 -16.44
C6 NAG H . 41.63 -0.81 -16.51
C7 NAG H . 35.24 -0.27 -14.67
C8 NAG H . 33.85 -0.81 -14.56
N2 NAG H . 36.07 -0.93 -15.48
O3 NAG H . 37.01 0.14 -17.96
O4 NAG H . 39.67 -0.62 -18.73
O5 NAG H . 39.75 -0.97 -15.08
O6 NAG H . 42.01 0.03 -15.42
O7 NAG H . 35.60 0.72 -14.03
C1 NAG I . 39.27 51.77 9.56
C2 NAG I . 38.64 53.12 9.27
C3 NAG I . 38.70 53.43 7.78
C4 NAG I . 40.12 53.30 7.27
C5 NAG I . 40.70 51.95 7.64
C6 NAG I . 42.17 51.81 7.27
C7 NAG I . 36.28 52.37 9.39
C8 NAG I . 34.95 52.61 10.03
N2 NAG I . 37.27 53.19 9.77
O3 NAG I . 38.21 54.75 7.55
O4 NAG I . 40.14 53.44 5.84
O5 NAG I . 40.62 51.75 9.06
O6 NAG I . 42.44 50.53 6.70
O7 NAG I . 36.45 51.48 8.57
#